data_1Q1U
# 
_entry.id   1Q1U 
# 
_audit_conform.dict_name       mmcif_pdbx.dic 
_audit_conform.dict_version    5.376 
_audit_conform.dict_location   http://mmcif.pdb.org/dictionaries/ascii/mmcif_pdbx.dic 
# 
loop_
_database_2.database_id 
_database_2.database_code 
_database_2.pdbx_database_accession 
_database_2.pdbx_DOI 
PDB   1Q1U         pdb_00001q1u 10.2210/pdb1q1u/pdb 
RCSB  RCSB019810   ?            ?                   
WWPDB D_1000019810 ?            ?                   
# 
_pdbx_database_status.status_code                     REL 
_pdbx_database_status.entry_id                        1Q1U 
_pdbx_database_status.recvd_initial_deposition_date   2003-07-22 
_pdbx_database_status.deposit_site                    RCSB 
_pdbx_database_status.process_site                    RCSB 
_pdbx_database_status.status_code_sf                  ? 
_pdbx_database_status.status_code_mr                  ? 
_pdbx_database_status.SG_entry                        ? 
_pdbx_database_status.pdb_format_compatible           Y 
_pdbx_database_status.status_code_cs                  ? 
_pdbx_database_status.status_code_nmr_data            ? 
_pdbx_database_status.methods_development_category    ? 
# 
loop_
_audit_author.name 
_audit_author.pdbx_ordinal 
'Olsen, S.K.'       1 
'Garbi, M.'         2 
'Zampieri, N.'      3 
'Eliseenkova, A.V.' 4 
'Ornitz, D.M.'      5 
'Goldfarb, M.'      6 
'Mohammadi, M.'     7 
# 
_citation.id                        primary 
_citation.title                     
'Fibroblast growth factor (FGF) homologous factors share structural but not functional homology with FGFs' 
_citation.journal_abbrev            J.Biol.Chem. 
_citation.journal_volume            278 
_citation.page_first                34226 
_citation.page_last                 34236 
_citation.year                      2003 
_citation.journal_id_ASTM           JBCHA3 
_citation.country                   US 
_citation.journal_id_ISSN           0021-9258 
_citation.journal_id_CSD            0071 
_citation.book_publisher            ? 
_citation.pdbx_database_id_PubMed   12815063 
_citation.pdbx_database_id_DOI      10.1074/jbc.M303183200 
# 
loop_
_citation_author.citation_id 
_citation_author.name 
_citation_author.ordinal 
_citation_author.identifier_ORCID 
primary 'Olsen, S.K.'       1 ? 
primary 'Garbi, M.'         2 ? 
primary 'Zampieri, N.'      3 ? 
primary 'Eliseenkova, A.V.' 4 ? 
primary 'Ornitz, D.M.'      5 ? 
primary 'Goldfarb, M.'      6 ? 
primary 'Mohammadi, M.'     7 ? 
# 
_cell.entry_id           1Q1U 
_cell.length_a           30.624 
_cell.length_b           58.853 
_cell.length_c           65.415 
_cell.angle_alpha        90.00 
_cell.angle_beta         90.00 
_cell.angle_gamma        90.00 
_cell.Z_PDB              4 
_cell.pdbx_unique_axis   ? 
# 
_symmetry.entry_id                         1Q1U 
_symmetry.space_group_name_H-M             'P 21 21 21' 
_symmetry.cell_setting                     orthorhombic 
_symmetry.pdbx_full_space_group_name_H-M   ? 
_symmetry.Int_Tables_number                19 
_symmetry.space_group_name_Hall            ? 
# 
loop_
_entity.id 
_entity.type 
_entity.src_method 
_entity.pdbx_description 
_entity.formula_weight 
_entity.pdbx_number_of_molecules 
_entity.pdbx_ec 
_entity.pdbx_mutation 
_entity.pdbx_fragment 
_entity.details 
1 polymer     man 'fibroblast growth factor homologous factor 1' 16365.646 1  ? C144A 'residues 1-144' ? 
2 non-polymer syn 'SULFATE ION'                                  96.063    4  ? ?     ?                ? 
3 water       nat water                                          18.015    36 ? ?     ?                ? 
# 
_entity_name_com.entity_id   1 
_entity_name_com.name        'FGF-12; FGF12b; fibroblast growth factor 12 isoform 2; myocyte-activating factor; Fgf12 protein' 
# 
_entity_poly.entity_id                      1 
_entity_poly.type                           'polypeptide(L)' 
_entity_poly.nstd_linkage                   no 
_entity_poly.nstd_monomer                   no 
_entity_poly.pdbx_seq_one_letter_code       
;MESKEPQLKGIVTRLFSQQGYFLQMHPDGTIDGTKDENSDYTLFNLIPVGLRVVAIQGVKASLYVAMNGEGYLYSSDVFT
PECKFKESVFENYYVIYSSTLYRQQESGRAWFLGLNKEGQIMKGNRVKKTKPSSHFVPKPIEVA
;
_entity_poly.pdbx_seq_one_letter_code_can   
;MESKEPQLKGIVTRLFSQQGYFLQMHPDGTIDGTKDENSDYTLFNLIPVGLRVVAIQGVKASLYVAMNGEGYLYSSDVFT
PECKFKESVFENYYVIYSSTLYRQQESGRAWFLGLNKEGQIMKGNRVKKTKPSSHFVPKPIEVA
;
_entity_poly.pdbx_strand_id                 A 
_entity_poly.pdbx_target_identifier         ? 
# 
loop_
_entity_poly_seq.entity_id 
_entity_poly_seq.num 
_entity_poly_seq.mon_id 
_entity_poly_seq.hetero 
1 1   MET n 
1 2   GLU n 
1 3   SER n 
1 4   LYS n 
1 5   GLU n 
1 6   PRO n 
1 7   GLN n 
1 8   LEU n 
1 9   LYS n 
1 10  GLY n 
1 11  ILE n 
1 12  VAL n 
1 13  THR n 
1 14  ARG n 
1 15  LEU n 
1 16  PHE n 
1 17  SER n 
1 18  GLN n 
1 19  GLN n 
1 20  GLY n 
1 21  TYR n 
1 22  PHE n 
1 23  LEU n 
1 24  GLN n 
1 25  MET n 
1 26  HIS n 
1 27  PRO n 
1 28  ASP n 
1 29  GLY n 
1 30  THR n 
1 31  ILE n 
1 32  ASP n 
1 33  GLY n 
1 34  THR n 
1 35  LYS n 
1 36  ASP n 
1 37  GLU n 
1 38  ASN n 
1 39  SER n 
1 40  ASP n 
1 41  TYR n 
1 42  THR n 
1 43  LEU n 
1 44  PHE n 
1 45  ASN n 
1 46  LEU n 
1 47  ILE n 
1 48  PRO n 
1 49  VAL n 
1 50  GLY n 
1 51  LEU n 
1 52  ARG n 
1 53  VAL n 
1 54  VAL n 
1 55  ALA n 
1 56  ILE n 
1 57  GLN n 
1 58  GLY n 
1 59  VAL n 
1 60  LYS n 
1 61  ALA n 
1 62  SER n 
1 63  LEU n 
1 64  TYR n 
1 65  VAL n 
1 66  ALA n 
1 67  MET n 
1 68  ASN n 
1 69  GLY n 
1 70  GLU n 
1 71  GLY n 
1 72  TYR n 
1 73  LEU n 
1 74  TYR n 
1 75  SER n 
1 76  SER n 
1 77  ASP n 
1 78  VAL n 
1 79  PHE n 
1 80  THR n 
1 81  PRO n 
1 82  GLU n 
1 83  CYS n 
1 84  LYS n 
1 85  PHE n 
1 86  LYS n 
1 87  GLU n 
1 88  SER n 
1 89  VAL n 
1 90  PHE n 
1 91  GLU n 
1 92  ASN n 
1 93  TYR n 
1 94  TYR n 
1 95  VAL n 
1 96  ILE n 
1 97  TYR n 
1 98  SER n 
1 99  SER n 
1 100 THR n 
1 101 LEU n 
1 102 TYR n 
1 103 ARG n 
1 104 GLN n 
1 105 GLN n 
1 106 GLU n 
1 107 SER n 
1 108 GLY n 
1 109 ARG n 
1 110 ALA n 
1 111 TRP n 
1 112 PHE n 
1 113 LEU n 
1 114 GLY n 
1 115 LEU n 
1 116 ASN n 
1 117 LYS n 
1 118 GLU n 
1 119 GLY n 
1 120 GLN n 
1 121 ILE n 
1 122 MET n 
1 123 LYS n 
1 124 GLY n 
1 125 ASN n 
1 126 ARG n 
1 127 VAL n 
1 128 LYS n 
1 129 LYS n 
1 130 THR n 
1 131 LYS n 
1 132 PRO n 
1 133 SER n 
1 134 SER n 
1 135 HIS n 
1 136 PHE n 
1 137 VAL n 
1 138 PRO n 
1 139 LYS n 
1 140 PRO n 
1 141 ILE n 
1 142 GLU n 
1 143 VAL n 
1 144 ALA n 
# 
_entity_src_gen.entity_id                          1 
_entity_src_gen.pdbx_src_id                        1 
_entity_src_gen.pdbx_alt_source_flag               sample 
_entity_src_gen.pdbx_seq_type                      ? 
_entity_src_gen.pdbx_beg_seq_num                   ? 
_entity_src_gen.pdbx_end_seq_num                   ? 
_entity_src_gen.gene_src_common_name               human 
_entity_src_gen.gene_src_genus                     Homo 
_entity_src_gen.pdbx_gene_src_gene                 ? 
_entity_src_gen.gene_src_species                   ? 
_entity_src_gen.gene_src_strain                    ? 
_entity_src_gen.gene_src_tissue                    ? 
_entity_src_gen.gene_src_tissue_fraction           ? 
_entity_src_gen.gene_src_details                   ? 
_entity_src_gen.pdbx_gene_src_fragment             ? 
_entity_src_gen.pdbx_gene_src_scientific_name      'Homo sapiens' 
_entity_src_gen.pdbx_gene_src_ncbi_taxonomy_id     9606 
_entity_src_gen.pdbx_gene_src_variant              ? 
_entity_src_gen.pdbx_gene_src_cell_line            ? 
_entity_src_gen.pdbx_gene_src_atcc                 ? 
_entity_src_gen.pdbx_gene_src_organ                ? 
_entity_src_gen.pdbx_gene_src_organelle            ? 
_entity_src_gen.pdbx_gene_src_cell                 ? 
_entity_src_gen.pdbx_gene_src_cellular_location    ? 
_entity_src_gen.host_org_common_name               ? 
_entity_src_gen.pdbx_host_org_scientific_name      'Escherichia coli BL21' 
_entity_src_gen.pdbx_host_org_ncbi_taxonomy_id     511693 
_entity_src_gen.host_org_genus                     Escherichia 
_entity_src_gen.pdbx_host_org_gene                 ? 
_entity_src_gen.pdbx_host_org_organ                ? 
_entity_src_gen.host_org_species                   'Escherichia coli' 
_entity_src_gen.pdbx_host_org_tissue               ? 
_entity_src_gen.pdbx_host_org_tissue_fraction      ? 
_entity_src_gen.pdbx_host_org_strain               BL21 
_entity_src_gen.pdbx_host_org_variant              ? 
_entity_src_gen.pdbx_host_org_cell_line            ? 
_entity_src_gen.pdbx_host_org_atcc                 ? 
_entity_src_gen.pdbx_host_org_culture_collection   ? 
_entity_src_gen.pdbx_host_org_cell                 ? 
_entity_src_gen.pdbx_host_org_organelle            ? 
_entity_src_gen.pdbx_host_org_cellular_location    ? 
_entity_src_gen.pdbx_host_org_vector_type          plasmid 
_entity_src_gen.pdbx_host_org_vector               ? 
_entity_src_gen.host_org_details                   ? 
_entity_src_gen.expression_system_id               ? 
_entity_src_gen.plasmid_name                       pET 
_entity_src_gen.plasmid_details                    ? 
_entity_src_gen.pdbx_description                   'T7 promoter driven expression' 
# 
_struct_ref.id                         1 
_struct_ref.entity_id                  1 
_struct_ref.db_name                    UNP 
_struct_ref.db_code                    FGF12_HUMAN 
_struct_ref.pdbx_db_accession          P61328 
_struct_ref.pdbx_align_begin           67 
_struct_ref.pdbx_seq_one_letter_code   
;EPQLKGIVTRLFSQQGYFLQMHPDGTIDGTKDENSDYTLFNLIPVGLRVVAIQGVKASLYVAMNGEGYLYSSDVFTPECK
FKESVFENYYVIYSSTLYRQQESGRAWFLGLNKEGQIMKGNRVKKTKPSSHFVPKPIEVC
;
_struct_ref.pdbx_db_isoform            ? 
# 
_struct_ref_seq.align_id                      1 
_struct_ref_seq.ref_id                        1 
_struct_ref_seq.pdbx_PDB_id_code              1Q1U 
_struct_ref_seq.pdbx_strand_id                A 
_struct_ref_seq.seq_align_beg                 5 
_struct_ref_seq.pdbx_seq_align_beg_ins_code   ? 
_struct_ref_seq.seq_align_end                 144 
_struct_ref_seq.pdbx_seq_align_end_ins_code   ? 
_struct_ref_seq.pdbx_db_accession             P61328 
_struct_ref_seq.db_align_beg                  67 
_struct_ref_seq.pdbx_db_align_beg_ins_code    ? 
_struct_ref_seq.db_align_end                  206 
_struct_ref_seq.pdbx_db_align_end_ins_code    ? 
_struct_ref_seq.pdbx_auth_seq_align_beg       5 
_struct_ref_seq.pdbx_auth_seq_align_end       144 
# 
_struct_ref_seq_dif.align_id                     1 
_struct_ref_seq_dif.pdbx_pdb_id_code             1Q1U 
_struct_ref_seq_dif.mon_id                       ALA 
_struct_ref_seq_dif.pdbx_pdb_strand_id           A 
_struct_ref_seq_dif.seq_num                      144 
_struct_ref_seq_dif.pdbx_pdb_ins_code            ? 
_struct_ref_seq_dif.pdbx_seq_db_name             UNP 
_struct_ref_seq_dif.pdbx_seq_db_accession_code   P61328 
_struct_ref_seq_dif.db_mon_id                    CYS 
_struct_ref_seq_dif.pdbx_seq_db_seq_num          206 
_struct_ref_seq_dif.details                      'engineered mutation' 
_struct_ref_seq_dif.pdbx_auth_seq_num            144 
_struct_ref_seq_dif.pdbx_ordinal                 1 
# 
loop_
_chem_comp.id 
_chem_comp.type 
_chem_comp.mon_nstd_flag 
_chem_comp.name 
_chem_comp.pdbx_synonyms 
_chem_comp.formula 
_chem_comp.formula_weight 
ALA 'L-peptide linking' y ALANINE         ? 'C3 H7 N O2'     89.093  
ARG 'L-peptide linking' y ARGININE        ? 'C6 H15 N4 O2 1' 175.209 
ASN 'L-peptide linking' y ASPARAGINE      ? 'C4 H8 N2 O3'    132.118 
ASP 'L-peptide linking' y 'ASPARTIC ACID' ? 'C4 H7 N O4'     133.103 
CYS 'L-peptide linking' y CYSTEINE        ? 'C3 H7 N O2 S'   121.158 
GLN 'L-peptide linking' y GLUTAMINE       ? 'C5 H10 N2 O3'   146.144 
GLU 'L-peptide linking' y 'GLUTAMIC ACID' ? 'C5 H9 N O4'     147.129 
GLY 'peptide linking'   y GLYCINE         ? 'C2 H5 N O2'     75.067  
HIS 'L-peptide linking' y HISTIDINE       ? 'C6 H10 N3 O2 1' 156.162 
HOH non-polymer         . WATER           ? 'H2 O'           18.015  
ILE 'L-peptide linking' y ISOLEUCINE      ? 'C6 H13 N O2'    131.173 
LEU 'L-peptide linking' y LEUCINE         ? 'C6 H13 N O2'    131.173 
LYS 'L-peptide linking' y LYSINE          ? 'C6 H15 N2 O2 1' 147.195 
MET 'L-peptide linking' y METHIONINE      ? 'C5 H11 N O2 S'  149.211 
PHE 'L-peptide linking' y PHENYLALANINE   ? 'C9 H11 N O2'    165.189 
PRO 'L-peptide linking' y PROLINE         ? 'C5 H9 N O2'     115.130 
SER 'L-peptide linking' y SERINE          ? 'C3 H7 N O3'     105.093 
SO4 non-polymer         . 'SULFATE ION'   ? 'O4 S -2'        96.063  
THR 'L-peptide linking' y THREONINE       ? 'C4 H9 N O3'     119.119 
TRP 'L-peptide linking' y TRYPTOPHAN      ? 'C11 H12 N2 O2'  204.225 
TYR 'L-peptide linking' y TYROSINE        ? 'C9 H11 N O3'    181.189 
VAL 'L-peptide linking' y VALINE          ? 'C5 H11 N O2'    117.146 
# 
_exptl.entry_id          1Q1U 
_exptl.method            'X-RAY DIFFRACTION' 
_exptl.crystals_number   1 
# 
_exptl_crystal.id                    1 
_exptl_crystal.density_meas          ? 
_exptl_crystal.density_percent_sol   31.70 
_exptl_crystal.density_Matthews      1.80 
_exptl_crystal.description           ? 
_exptl_crystal.F_000                 ? 
_exptl_crystal.preparation           ? 
# 
_exptl_crystal_grow.crystal_id      1 
_exptl_crystal_grow.method          'VAPOR DIFFUSION, HANGING DROP' 
_exptl_crystal_grow.temp            293 
_exptl_crystal_grow.pH              7.5 
_exptl_crystal_grow.pdbx_details    '20% PEG 400, 200mM ammonium sulfate, pH 7.5, VAPOR DIFFUSION, HANGING DROP, temperature 293K' 
_exptl_crystal_grow.temp_details    ? 
_exptl_crystal_grow.pdbx_pH_range   . 
# 
_diffrn.id                     1 
_diffrn.ambient_temp           90 
_diffrn.ambient_temp_details   ? 
_diffrn.crystal_id             1 
# 
_diffrn_detector.diffrn_id              1 
_diffrn_detector.detector               CCD 
_diffrn_detector.type                   'ADSC QUANTUM 4' 
_diffrn_detector.pdbx_collection_date   2002-10-30 
_diffrn_detector.details                ? 
# 
_diffrn_radiation.diffrn_id                        1 
_diffrn_radiation.wavelength_id                    1 
_diffrn_radiation.pdbx_monochromatic_or_laue_m_l   M 
_diffrn_radiation.monochromator                    'Kohzu double crystal monochromator' 
_diffrn_radiation.pdbx_diffrn_protocol             'SINGLE WAVELENGTH' 
_diffrn_radiation.pdbx_scattering_type             x-ray 
# 
_diffrn_radiation_wavelength.id           1 
_diffrn_radiation_wavelength.wavelength   0.920218 
_diffrn_radiation_wavelength.wt           1.0 
# 
_diffrn_source.diffrn_id                   1 
_diffrn_source.source                      SYNCHROTRON 
_diffrn_source.type                        'NSLS BEAMLINE X4A' 
_diffrn_source.pdbx_synchrotron_site       NSLS 
_diffrn_source.pdbx_synchrotron_beamline   X4A 
_diffrn_source.pdbx_wavelength             0.920218 
_diffrn_source.pdbx_wavelength_list        ? 
# 
_reflns.entry_id                     1Q1U 
_reflns.observed_criterion_sigma_F   ? 
_reflns.observed_criterion_sigma_I   0 
_reflns.d_resolution_high            1.70 
_reflns.d_resolution_low             30. 
_reflns.number_all                   13559 
_reflns.number_obs                   13171 
_reflns.percent_possible_obs         97. 
_reflns.pdbx_Rmerge_I_obs            ? 
_reflns.pdbx_Rsym_value              0.058 
_reflns.pdbx_netI_over_sigmaI        7.03 
_reflns.B_iso_Wilson_estimate        ? 
_reflns.pdbx_redundancy              ? 
_reflns.R_free_details               ? 
_reflns.limit_h_max                  ? 
_reflns.limit_h_min                  ? 
_reflns.limit_k_max                  ? 
_reflns.limit_k_min                  ? 
_reflns.limit_l_max                  ? 
_reflns.limit_l_min                  ? 
_reflns.observed_criterion_F_max     ? 
_reflns.observed_criterion_F_min     ? 
_reflns.pdbx_chi_squared             ? 
_reflns.pdbx_scaling_rejects         ? 
_reflns.pdbx_diffrn_id               1 
_reflns.pdbx_ordinal                 1 
# 
_reflns_shell.d_res_high             1.70 
_reflns_shell.d_res_low              1.76 
_reflns_shell.percent_possible_obs   85. 
_reflns_shell.percent_possible_all   85. 
_reflns_shell.Rmerge_I_obs           ? 
_reflns_shell.meanI_over_sigI_obs    ? 
_reflns_shell.pdbx_Rsym_value        ? 
_reflns_shell.pdbx_redundancy        ? 
_reflns_shell.number_unique_all      ? 
_reflns_shell.number_measured_all    ? 
_reflns_shell.number_measured_obs    ? 
_reflns_shell.number_unique_obs      ? 
_reflns_shell.pdbx_chi_squared       ? 
_reflns_shell.pdbx_diffrn_id         ? 
_reflns_shell.pdbx_ordinal           1 
# 
_refine.entry_id                                 1Q1U 
_refine.ls_d_res_high                            1.70 
_refine.ls_d_res_low                             25. 
_refine.pdbx_ls_sigma_F                          0. 
_refine.pdbx_ls_sigma_I                          ? 
_refine.ls_number_reflns_all                     12734 
_refine.ls_number_reflns_obs                     12734 
_refine.ls_number_reflns_R_free                  1307 
_refine.ls_percent_reflns_obs                    ? 
_refine.ls_R_factor_all                          0.2231 
_refine.ls_R_factor_obs                          0.2231 
_refine.ls_R_factor_R_work                       0.223 
_refine.ls_R_factor_R_free                       0.24 
_refine.ls_redundancy_reflns_obs                 ? 
_refine.pdbx_data_cutoff_high_absF               ? 
_refine.pdbx_data_cutoff_low_absF                ? 
_refine.ls_number_parameters                     ? 
_refine.ls_number_restraints                     ? 
_refine.ls_percent_reflns_R_free                 10.3 
_refine.ls_R_factor_R_free_error                 ? 
_refine.ls_R_factor_R_free_error_details         ? 
_refine.pdbx_method_to_determine_struct          'MOLECULAR REPLACEMENT' 
_refine.pdbx_starting_model                      'PDB ID 1IHK' 
_refine.pdbx_ls_cross_valid_method               THROUGHOUT 
_refine.pdbx_R_Free_selection_details            random 
_refine.pdbx_stereochem_target_val_spec_case     ? 
_refine.pdbx_stereochemistry_target_values       'Engh & Huber' 
_refine.solvent_model_details                    ? 
_refine.solvent_model_param_bsol                 ? 
_refine.solvent_model_param_ksol                 ? 
_refine.occupancy_max                            ? 
_refine.occupancy_min                            ? 
_refine.pdbx_isotropic_thermal_model             ? 
_refine.B_iso_mean                               ? 
_refine.aniso_B[1][1]                            ? 
_refine.aniso_B[1][2]                            ? 
_refine.aniso_B[1][3]                            ? 
_refine.aniso_B[2][2]                            ? 
_refine.aniso_B[2][3]                            ? 
_refine.aniso_B[3][3]                            ? 
_refine.details                                  ? 
_refine.B_iso_min                                ? 
_refine.B_iso_max                                ? 
_refine.correlation_coeff_Fo_to_Fc               ? 
_refine.correlation_coeff_Fo_to_Fc_free          ? 
_refine.pdbx_solvent_vdw_probe_radii             ? 
_refine.pdbx_solvent_ion_probe_radii             ? 
_refine.pdbx_solvent_shrinkage_radii             ? 
_refine.overall_SU_R_Cruickshank_DPI             ? 
_refine.overall_SU_R_free                        ? 
_refine.overall_SU_B                             ? 
_refine.overall_SU_ML                            ? 
_refine.pdbx_overall_ESU_R                       ? 
_refine.pdbx_overall_ESU_R_Free                  ? 
_refine.pdbx_data_cutoff_high_rms_absF           ? 
_refine.ls_wR_factor_R_free                      ? 
_refine.ls_wR_factor_R_work                      ? 
_refine.overall_FOM_free_R_set                   ? 
_refine.overall_FOM_work_R_set                   ? 
_refine.pdbx_refine_id                           'X-RAY DIFFRACTION' 
_refine.pdbx_diffrn_id                           1 
_refine.pdbx_TLS_residual_ADP_flag               ? 
_refine.pdbx_overall_phase_error                 ? 
_refine.pdbx_overall_SU_R_free_Cruickshank_DPI   ? 
_refine.pdbx_overall_SU_R_Blow_DPI               ? 
_refine.pdbx_overall_SU_R_free_Blow_DPI          ? 
# 
_refine_hist.pdbx_refine_id                   'X-RAY DIFFRACTION' 
_refine_hist.cycle_id                         LAST 
_refine_hist.pdbx_number_atoms_protein        1086 
_refine_hist.pdbx_number_atoms_nucleic_acid   0 
_refine_hist.pdbx_number_atoms_ligand         20 
_refine_hist.number_atoms_solvent             36 
_refine_hist.number_atoms_total               1142 
_refine_hist.d_res_high                       1.70 
_refine_hist.d_res_low                        25. 
# 
loop_
_refine_ls_restr.type 
_refine_ls_restr.dev_ideal 
_refine_ls_restr.dev_ideal_target 
_refine_ls_restr.number 
_refine_ls_restr.weight 
_refine_ls_restr.pdbx_refine_id 
_refine_ls_restr.pdbx_restraint_function 
c_bond_d    0.005 ? ? ? 'X-RAY DIFFRACTION' ? 
c_angle_deg 1.31  ? ? ? 'X-RAY DIFFRACTION' ? 
# 
_struct.entry_id                  1Q1U 
_struct.title                     'Crystal structure of human FHF1b (FGF12b)' 
_struct.pdbx_model_details        ? 
_struct.pdbx_CASP_flag            ? 
_struct.pdbx_model_type_details   ? 
# 
_struct_keywords.entry_id        1Q1U 
_struct_keywords.pdbx_keywords   'HORMONE/GROWTH FACTOR' 
_struct_keywords.text            'FGF-12; Human; crystal structure, HORMONE-GROWTH FACTOR COMPLEX' 
# 
loop_
_struct_asym.id 
_struct_asym.pdbx_blank_PDB_chainid_flag 
_struct_asym.pdbx_modified 
_struct_asym.entity_id 
_struct_asym.details 
A N N 1 ? 
B N N 2 ? 
C N N 2 ? 
D N N 2 ? 
E N N 2 ? 
F N N 3 ? 
# 
_struct_biol.id                    1 
_struct_biol.pdbx_parent_biol_id   ? 
_struct_biol.details               ? 
# 
loop_
_struct_conf.conf_type_id 
_struct_conf.id 
_struct_conf.pdbx_PDB_helix_id 
_struct_conf.beg_label_comp_id 
_struct_conf.beg_label_asym_id 
_struct_conf.beg_label_seq_id 
_struct_conf.pdbx_beg_PDB_ins_code 
_struct_conf.end_label_comp_id 
_struct_conf.end_label_asym_id 
_struct_conf.end_label_seq_id 
_struct_conf.pdbx_end_PDB_ins_code 
_struct_conf.beg_auth_comp_id 
_struct_conf.beg_auth_asym_id 
_struct_conf.beg_auth_seq_id 
_struct_conf.end_auth_comp_id 
_struct_conf.end_auth_asym_id 
_struct_conf.end_auth_seq_id 
_struct_conf.pdbx_PDB_helix_class 
_struct_conf.details 
_struct_conf.pdbx_PDB_helix_length 
HELX_P HELX_P1 1 SER A 39  ? THR A 42  ? SER A 39  THR A 42  5 ? 4 
HELX_P HELX_P2 2 THR A 80  ? CYS A 83  ? THR A 80  CYS A 83  5 ? 4 
HELX_P HELX_P3 3 LYS A 123 ? VAL A 127 ? LYS A 123 VAL A 127 5 ? 5 
HELX_P HELX_P4 4 LYS A 131 ? SER A 134 ? LYS A 131 SER A 134 5 ? 4 
# 
_struct_conf_type.id          HELX_P 
_struct_conf_type.criteria    ? 
_struct_conf_type.reference   ? 
# 
loop_
_struct_sheet.id 
_struct_sheet.type 
_struct_sheet.number_strands 
_struct_sheet.details 
A ? 8 ? 
B ? 6 ? 
C ? 2 ? 
# 
loop_
_struct_sheet_order.sheet_id 
_struct_sheet_order.range_id_1 
_struct_sheet_order.range_id_2 
_struct_sheet_order.offset 
_struct_sheet_order.sense 
A 1 2 ? anti-parallel 
A 2 3 ? anti-parallel 
A 3 4 ? anti-parallel 
A 4 5 ? anti-parallel 
A 5 6 ? anti-parallel 
A 6 7 ? anti-parallel 
A 7 8 ? anti-parallel 
B 1 2 ? anti-parallel 
B 2 3 ? anti-parallel 
B 3 4 ? anti-parallel 
B 4 5 ? anti-parallel 
B 5 6 ? anti-parallel 
C 1 2 ? anti-parallel 
# 
loop_
_struct_sheet_range.sheet_id 
_struct_sheet_range.id 
_struct_sheet_range.beg_label_comp_id 
_struct_sheet_range.beg_label_asym_id 
_struct_sheet_range.beg_label_seq_id 
_struct_sheet_range.pdbx_beg_PDB_ins_code 
_struct_sheet_range.end_label_comp_id 
_struct_sheet_range.end_label_asym_id 
_struct_sheet_range.end_label_seq_id 
_struct_sheet_range.pdbx_end_PDB_ins_code 
_struct_sheet_range.beg_auth_comp_id 
_struct_sheet_range.beg_auth_asym_id 
_struct_sheet_range.beg_auth_seq_id 
_struct_sheet_range.end_auth_comp_id 
_struct_sheet_range.end_auth_asym_id 
_struct_sheet_range.end_auth_seq_id 
A 1 ILE A 31  ? THR A 34  ? ILE A 31  THR A 34  
A 2 TYR A 21  ? MET A 25  ? TYR A 21  MET A 25  
A 3 ILE A 11  ? SER A 17  ? ILE A 11  SER A 17  
A 4 PHE A 44  ? GLY A 50  ? PHE A 44  GLY A 50  
A 5 VAL A 53  ? GLY A 58  ? VAL A 53  GLY A 58  
A 6 PHE A 85  ? PHE A 90  ? PHE A 85  PHE A 90  
A 7 TYR A 94  ? ARG A 103 ? TYR A 94  ARG A 103 
A 8 ALA A 110 ? PHE A 112 ? ALA A 110 PHE A 112 
B 1 ILE A 31  ? THR A 34  ? ILE A 31  THR A 34  
B 2 TYR A 21  ? MET A 25  ? TYR A 21  MET A 25  
B 3 ILE A 11  ? SER A 17  ? ILE A 11  SER A 17  
B 4 PHE A 136 ? PRO A 140 ? PHE A 136 PRO A 140 
B 5 TYR A 94  ? ARG A 103 ? TYR A 94  ARG A 103 
B 6 ALA A 110 ? PHE A 112 ? ALA A 110 PHE A 112 
C 1 TYR A 64  ? MET A 67  ? TYR A 64  MET A 67  
C 2 LEU A 73  ? SER A 76  ? LEU A 73  SER A 76  
# 
loop_
_pdbx_struct_sheet_hbond.sheet_id 
_pdbx_struct_sheet_hbond.range_id_1 
_pdbx_struct_sheet_hbond.range_id_2 
_pdbx_struct_sheet_hbond.range_1_label_atom_id 
_pdbx_struct_sheet_hbond.range_1_label_comp_id 
_pdbx_struct_sheet_hbond.range_1_label_asym_id 
_pdbx_struct_sheet_hbond.range_1_label_seq_id 
_pdbx_struct_sheet_hbond.range_1_PDB_ins_code 
_pdbx_struct_sheet_hbond.range_1_auth_atom_id 
_pdbx_struct_sheet_hbond.range_1_auth_comp_id 
_pdbx_struct_sheet_hbond.range_1_auth_asym_id 
_pdbx_struct_sheet_hbond.range_1_auth_seq_id 
_pdbx_struct_sheet_hbond.range_2_label_atom_id 
_pdbx_struct_sheet_hbond.range_2_label_comp_id 
_pdbx_struct_sheet_hbond.range_2_label_asym_id 
_pdbx_struct_sheet_hbond.range_2_label_seq_id 
_pdbx_struct_sheet_hbond.range_2_PDB_ins_code 
_pdbx_struct_sheet_hbond.range_2_auth_atom_id 
_pdbx_struct_sheet_hbond.range_2_auth_comp_id 
_pdbx_struct_sheet_hbond.range_2_auth_asym_id 
_pdbx_struct_sheet_hbond.range_2_auth_seq_id 
A 1 2 O THR A 34  ? O THR A 34  N PHE A 22  ? N PHE A 22  
A 2 3 O TYR A 21  ? O TYR A 21  N SER A 17  ? N SER A 17  
A 3 4 N THR A 13  ? N THR A 13  O PHE A 44  ? O PHE A 44  
A 4 5 N ASN A 45  ? N ASN A 45  O GLN A 57  ? O GLN A 57  
A 5 6 N VAL A 54  ? N VAL A 54  O PHE A 85  ? O PHE A 85  
A 6 7 N PHE A 90  ? N PHE A 90  O TYR A 94  ? O TYR A 94  
A 7 8 O SER A 99  ? O SER A 99  N TRP A 111 ? N TRP A 111 
B 1 2 O THR A 34  ? O THR A 34  N PHE A 22  ? N PHE A 22  
B 2 3 O TYR A 21  ? O TYR A 21  N SER A 17  ? N SER A 17  
B 3 4 N ARG A 14  ? N ARG A 14  O LYS A 139 ? O LYS A 139 
B 4 5 O PHE A 136 ? O PHE A 136 N VAL A 95  ? N VAL A 95  
B 5 6 O SER A 99  ? O SER A 99  N TRP A 111 ? N TRP A 111 
C 1 2 N TYR A 64  ? N TYR A 64  O SER A 76  ? O SER A 76  
# 
loop_
_struct_site.id 
_struct_site.pdbx_evidence_code 
_struct_site.pdbx_auth_asym_id 
_struct_site.pdbx_auth_comp_id 
_struct_site.pdbx_auth_seq_id 
_struct_site.pdbx_auth_ins_code 
_struct_site.pdbx_num_residues 
_struct_site.details 
AC1 Software A SO4 437 ? 7 'BINDING SITE FOR RESIDUE SO4 A 437' 
AC2 Software A SO4 438 ? 7 'BINDING SITE FOR RESIDUE SO4 A 438' 
AC3 Software A SO4 439 ? 6 'BINDING SITE FOR RESIDUE SO4 A 439' 
AC4 Software A SO4 440 ? 5 'BINDING SITE FOR RESIDUE SO4 A 440' 
# 
loop_
_struct_site_gen.id 
_struct_site_gen.site_id 
_struct_site_gen.pdbx_num_res 
_struct_site_gen.label_comp_id 
_struct_site_gen.label_asym_id 
_struct_site_gen.label_seq_id 
_struct_site_gen.pdbx_auth_ins_code 
_struct_site_gen.auth_comp_id 
_struct_site_gen.auth_asym_id 
_struct_site_gen.auth_seq_id 
_struct_site_gen.label_atom_id 
_struct_site_gen.label_alt_id 
_struct_site_gen.symmetry 
_struct_site_gen.details 
1  AC1 7 ARG A 52  ? ARG A 52  . ? 1_555 ? 
2  AC1 7 LYS A 86  ? LYS A 86  . ? 1_555 ? 
3  AC1 7 GLU A 87  ? GLU A 87  . ? 1_555 ? 
4  AC1 7 SER A 88  ? SER A 88  . ? 1_555 ? 
5  AC1 7 GLN A 104 ? GLN A 104 . ? 4_456 ? 
6  AC1 7 SER A 107 ? SER A 107 . ? 4_456 ? 
7  AC1 7 ARG A 109 ? ARG A 109 . ? 4_456 ? 
8  AC2 7 ARG A 109 ? ARG A 109 . ? 4_556 ? 
9  AC2 7 ALA A 110 ? ALA A 110 . ? 4_556 ? 
10 AC2 7 PHE A 112 ? PHE A 112 . ? 4_556 ? 
11 AC2 7 ASN A 125 ? ASN A 125 . ? 1_555 ? 
12 AC2 7 ARG A 126 ? ARG A 126 . ? 1_555 ? 
13 AC2 7 LYS A 129 ? LYS A 129 . ? 4_556 ? 
14 AC2 7 HOH F .   ? HOH A 417 . ? 4_556 ? 
15 AC3 6 GLN A 19  ? GLN A 19  . ? 1_555 ? 
16 AC3 6 SER A 62  ? SER A 62  . ? 2_565 ? 
17 AC3 6 LYS A 131 ? LYS A 131 . ? 1_555 ? 
18 AC3 6 PRO A 132 ? PRO A 132 . ? 1_555 ? 
19 AC3 6 SER A 133 ? SER A 133 . ? 1_555 ? 
20 AC3 6 HOH F .   ? HOH A 409 . ? 1_555 ? 
21 AC4 5 LEU A 51  ? LEU A 51  . ? 1_655 ? 
22 AC4 5 ARG A 52  ? ARG A 52  . ? 1_655 ? 
23 AC4 5 TYR A 72  ? TYR A 72  . ? 1_555 ? 
24 AC4 5 LYS A 123 ? LYS A 123 . ? 1_555 ? 
25 AC4 5 ARG A 126 ? ARG A 126 . ? 1_555 ? 
# 
_atom_sites.entry_id                    1Q1U 
_atom_sites.fract_transf_matrix[1][1]   -0.00109039 
_atom_sites.fract_transf_matrix[1][2]   -0.03243511 
_atom_sites.fract_transf_matrix[1][3]   -0.00361362 
_atom_sites.fract_transf_matrix[2][1]   0.01685304 
_atom_sites.fract_transf_matrix[2][2]   -0.00032862 
_atom_sites.fract_transf_matrix[2][3]   -0.00213571 
_atom_sites.fract_transf_matrix[3][1]   0.00187592 
_atom_sites.fract_transf_matrix[3][2]   -0.00174215 
_atom_sites.fract_transf_matrix[3][3]   0.01507110 
_atom_sites.fract_transf_vector[1]      0.114700 
_atom_sites.fract_transf_vector[2]      0.466945 
_atom_sites.fract_transf_vector[3]      0.360994 
# 
loop_
_atom_type.symbol 
C 
N 
O 
S 
# 
loop_
_atom_site.group_PDB 
_atom_site.id 
_atom_site.type_symbol 
_atom_site.label_atom_id 
_atom_site.label_alt_id 
_atom_site.label_comp_id 
_atom_site.label_asym_id 
_atom_site.label_entity_id 
_atom_site.label_seq_id 
_atom_site.pdbx_PDB_ins_code 
_atom_site.Cartn_x 
_atom_site.Cartn_y 
_atom_site.Cartn_z 
_atom_site.occupancy 
_atom_site.B_iso_or_equiv 
_atom_site.pdbx_formal_charge 
_atom_site.auth_seq_id 
_atom_site.auth_comp_id 
_atom_site.auth_asym_id 
_atom_site.auth_atom_id 
_atom_site.pdbx_PDB_model_num 
ATOM   1    N N   . PRO A 1 6   ? -3.733  16.065  -13.175 1.00 49.32 ? 6   PRO A N   1 
ATOM   2    C CA  . PRO A 1 6   ? -3.369  15.870  -11.753 1.00 49.23 ? 6   PRO A CA  1 
ATOM   3    C C   . PRO A 1 6   ? -2.628  14.559  -11.513 1.00 48.83 ? 6   PRO A C   1 
ATOM   4    O O   . PRO A 1 6   ? -3.158  13.631  -10.898 1.00 49.23 ? 6   PRO A O   1 
ATOM   5    C CB  . PRO A 1 6   ? -4.662  15.918  -10.959 1.00 49.64 ? 6   PRO A CB  1 
ATOM   6    C CG  . PRO A 1 6   ? -5.507  16.832  -11.838 1.00 49.83 ? 6   PRO A CG  1 
ATOM   7    C CD  . PRO A 1 6   ? -5.165  16.401  -13.278 1.00 49.38 ? 6   PRO A CD  1 
ATOM   8    N N   . GLN A 1 7   ? -1.402  14.488  -12.018 1.00 48.27 ? 7   GLN A N   1 
ATOM   9    C CA  . GLN A 1 7   ? -0.567  13.307  -11.850 1.00 47.12 ? 7   GLN A CA  1 
ATOM   10   C C   . GLN A 1 7   ? 0.712   13.760  -11.161 1.00 46.38 ? 7   GLN A C   1 
ATOM   11   O O   . GLN A 1 7   ? 1.807   13.291  -11.479 1.00 46.83 ? 7   GLN A O   1 
ATOM   12   C CB  . GLN A 1 7   ? -0.249  12.688  -13.197 1.00 47.21 ? 7   GLN A CB  1 
ATOM   13   N N   . LEU A 1 8   ? 0.550   14.688  -10.220 1.00 44.74 ? 8   LEU A N   1 
ATOM   14   C CA  . LEU A 1 8   ? 1.658   15.246  -9.455  1.00 43.55 ? 8   LEU A CA  1 
ATOM   15   C C   . LEU A 1 8   ? 2.822   14.273  -9.316  1.00 42.56 ? 8   LEU A C   1 
ATOM   16   O O   . LEU A 1 8   ? 2.620   13.080  -9.087  1.00 42.49 ? 8   LEU A O   1 
ATOM   17   C CB  . LEU A 1 8   ? 1.168   15.656  -8.068  1.00 43.95 ? 8   LEU A CB  1 
ATOM   18   C CG  . LEU A 1 8   ? 0.034   16.683  -8.033  1.00 44.13 ? 8   LEU A CG  1 
ATOM   19   C CD1 . LEU A 1 8   ? -0.415  16.896  -6.598  1.00 44.26 ? 8   LEU A CD1 1 
ATOM   20   C CD2 . LEU A 1 8   ? 0.506   17.989  -8.651  1.00 44.49 ? 8   LEU A CD2 1 
ATOM   21   N N   . LYS A 1 9   ? 4.039   14.788  -9.459  1.00 41.02 ? 9   LYS A N   1 
ATOM   22   C CA  . LYS A 1 9   ? 5.233   13.964  -9.344  1.00 39.97 ? 9   LYS A CA  1 
ATOM   23   C C   . LYS A 1 9   ? 5.166   13.123  -8.075  1.00 38.88 ? 9   LYS A C   1 
ATOM   24   O O   . LYS A 1 9   ? 4.956   13.647  -6.981  1.00 38.72 ? 9   LYS A O   1 
ATOM   25   C CB  . LYS A 1 9   ? 6.477   14.845  -9.322  1.00 39.76 ? 9   LYS A CB  1 
ATOM   26   N N   . GLY A 1 10  ? 5.330   11.814  -8.231  1.00 37.75 ? 10  GLY A N   1 
ATOM   27   C CA  . GLY A 1 10  ? 5.295   10.925  -7.085  1.00 35.91 ? 10  GLY A CA  1 
ATOM   28   C C   . GLY A 1 10  ? 6.697   10.502  -6.702  1.00 34.37 ? 10  GLY A C   1 
ATOM   29   O O   . GLY A 1 10  ? 7.455   10.025  -7.549  1.00 35.31 ? 10  GLY A O   1 
ATOM   30   N N   . ILE A 1 11  ? 7.053   10.681  -5.433  1.00 31.97 ? 11  ILE A N   1 
ATOM   31   C CA  . ILE A 1 11  ? 8.385   10.312  -4.973  1.00 29.25 ? 11  ILE A CA  1 
ATOM   32   C C   . ILE A 1 11  ? 8.566   8.802   -4.979  1.00 26.91 ? 11  ILE A C   1 
ATOM   33   O O   . ILE A 1 11  ? 7.660   8.057   -4.596  1.00 25.21 ? 11  ILE A O   1 
ATOM   34   C CB  . ILE A 1 11  ? 8.672   10.829  -3.545  1.00 30.11 ? 11  ILE A CB  1 
ATOM   35   C CG1 . ILE A 1 11  ? 7.666   10.241  -2.556  1.00 30.12 ? 11  ILE A CG1 1 
ATOM   36   C CG2 . ILE A 1 11  ? 8.626   12.352  -3.525  1.00 30.49 ? 11  ILE A CG2 1 
ATOM   37   C CD1 . ILE A 1 11  ? 8.035   10.478  -1.103  1.00 30.97 ? 11  ILE A CD1 1 
ATOM   38   N N   . VAL A 1 12  ? 9.737   8.360   -5.428  1.00 24.01 ? 12  VAL A N   1 
ATOM   39   C CA  . VAL A 1 12  ? 10.052  6.942   -5.477  1.00 21.62 ? 12  VAL A CA  1 
ATOM   40   C C   . VAL A 1 12  ? 10.459  6.526   -4.076  1.00 20.50 ? 12  VAL A C   1 
ATOM   41   O O   . VAL A 1 12  ? 11.356  7.115   -3.468  1.00 19.61 ? 12  VAL A O   1 
ATOM   42   C CB  . VAL A 1 12  ? 11.204  6.646   -6.458  1.00 21.54 ? 12  VAL A CB  1 
ATOM   43   C CG1 . VAL A 1 12  ? 11.571  5.167   -6.402  1.00 21.21 ? 12  VAL A CG1 1 
ATOM   44   C CG2 . VAL A 1 12  ? 10.784  7.026   -7.873  1.00 21.52 ? 12  VAL A CG2 1 
ATOM   45   N N   . THR A 1 13  ? 9.792   5.507   -3.556  1.00 18.88 ? 13  THR A N   1 
ATOM   46   C CA  . THR A 1 13  ? 10.084  5.058   -2.208  1.00 18.47 ? 13  THR A CA  1 
ATOM   47   C C   . THR A 1 13  ? 9.834   3.575   -2.051  1.00 17.94 ? 13  THR A C   1 
ATOM   48   O O   . THR A 1 13  ? 9.174   2.954   -2.882  1.00 17.16 ? 13  THR A O   1 
ATOM   49   C CB  . THR A 1 13  ? 9.195   5.794   -1.195  1.00 19.28 ? 13  THR A CB  1 
ATOM   50   O OG1 . THR A 1 13  ? 9.543   5.398   0.135   1.00 21.24 ? 13  THR A OG1 1 
ATOM   51   C CG2 . THR A 1 13  ? 7.735   5.458   -1.439  1.00 21.67 ? 13  THR A CG2 1 
ATOM   52   N N   . ARG A 1 14  ? 10.391  3.017   -0.982  1.00 18.11 ? 14  ARG A N   1 
ATOM   53   C CA  . ARG A 1 14  ? 10.194  1.619   -0.649  1.00 18.28 ? 14  ARG A CA  1 
ATOM   54   C C   . ARG A 1 14  ? 9.250   1.669   0.547   1.00 18.37 ? 14  ARG A C   1 
ATOM   55   O O   . ARG A 1 14  ? 9.190   2.682   1.254   1.00 18.58 ? 14  ARG A O   1 
ATOM   56   C CB  . ARG A 1 14  ? 11.509  0.949   -0.238  1.00 18.88 ? 14  ARG A CB  1 
ATOM   57   C CG  . ARG A 1 14  ? 12.515  0.735   -1.364  1.00 19.36 ? 14  ARG A CG  1 
ATOM   58   C CD  . ARG A 1 14  ? 13.552  -0.304  -0.946  1.00 20.57 ? 14  ARG A CD  1 
ATOM   59   N NE  . ARG A 1 14  ? 14.512  -0.614  -2.004  1.00 21.56 ? 14  ARG A NE  1 
ATOM   60   C CZ  . ARG A 1 14  ? 15.584  0.119   -2.288  1.00 22.28 ? 14  ARG A CZ  1 
ATOM   61   N NH1 . ARG A 1 14  ? 15.849  1.218   -1.593  1.00 22.03 ? 14  ARG A NH1 1 
ATOM   62   N NH2 . ARG A 1 14  ? 16.402  -0.259  -3.261  1.00 23.41 ? 14  ARG A NH2 1 
ATOM   63   N N   . LEU A 1 15  ? 8.499   0.597   0.763   1.00 17.53 ? 15  LEU A N   1 
ATOM   64   C CA  . LEU A 1 15  ? 7.574   0.533   1.888   1.00 17.65 ? 15  LEU A CA  1 
ATOM   65   C C   . LEU A 1 15  ? 7.955   -0.685  2.718   1.00 17.70 ? 15  LEU A C   1 
ATOM   66   O O   . LEU A 1 15  ? 7.743   -1.820  2.290   1.00 17.82 ? 15  LEU A O   1 
ATOM   67   C CB  . LEU A 1 15  ? 6.132   0.405   1.385   1.00 17.17 ? 15  LEU A CB  1 
ATOM   68   C CG  . LEU A 1 15  ? 5.584   1.595   0.588   1.00 17.70 ? 15  LEU A CG  1 
ATOM   69   C CD1 . LEU A 1 15  ? 4.194   1.274   0.072   1.00 18.18 ? 15  LEU A CD1 1 
ATOM   70   C CD2 . LEU A 1 15  ? 5.551   2.830   1.477   1.00 19.48 ? 15  LEU A CD2 1 
ATOM   71   N N   . PHE A 1 16  ? 8.531   -0.440  3.890   1.00 17.41 ? 16  PHE A N   1 
ATOM   72   C CA  . PHE A 1 16  ? 8.966   -1.513  4.776   1.00 18.24 ? 16  PHE A CA  1 
ATOM   73   C C   . PHE A 1 16  ? 7.917   -1.894  5.815   1.00 17.95 ? 16  PHE A C   1 
ATOM   74   O O   . PHE A 1 16  ? 7.492   -1.066  6.626   1.00 17.57 ? 16  PHE A O   1 
ATOM   75   C CB  . PHE A 1 16  ? 10.251  -1.114  5.503   1.00 19.28 ? 16  PHE A CB  1 
ATOM   76   C CG  . PHE A 1 16  ? 10.783  -2.186  6.407   1.00 21.01 ? 16  PHE A CG  1 
ATOM   77   C CD1 . PHE A 1 16  ? 11.357  -3.335  5.873   1.00 21.43 ? 16  PHE A CD1 1 
ATOM   78   C CD2 . PHE A 1 16  ? 10.682  -2.066  7.790   1.00 22.41 ? 16  PHE A CD2 1 
ATOM   79   C CE1 . PHE A 1 16  ? 11.824  -4.353  6.703   1.00 23.26 ? 16  PHE A CE1 1 
ATOM   80   C CE2 . PHE A 1 16  ? 11.148  -3.084  8.633   1.00 22.22 ? 16  PHE A CE2 1 
ATOM   81   C CZ  . PHE A 1 16  ? 11.719  -4.226  8.085   1.00 23.10 ? 16  PHE A CZ  1 
ATOM   82   N N   . SER A 1 17  ? 7.511   -3.157  5.789   1.00 16.48 ? 17  SER A N   1 
ATOM   83   C CA  . SER A 1 17  ? 6.528   -3.658  6.736   1.00 16.61 ? 17  SER A CA  1 
ATOM   84   C C   . SER A 1 17  ? 7.194   -4.013  8.062   1.00 16.35 ? 17  SER A C   1 
ATOM   85   O O   . SER A 1 17  ? 8.291   -4.571  8.092   1.00 17.34 ? 17  SER A O   1 
ATOM   86   C CB  . SER A 1 17  ? 5.841   -4.904  6.177   1.00 16.09 ? 17  SER A CB  1 
ATOM   87   O OG  . SER A 1 17  ? 5.075   -5.544  7.186   1.00 17.31 ? 17  SER A OG  1 
ATOM   88   N N   . GLN A 1 18  ? 6.511   -3.689  9.152   1.00 16.44 ? 18  GLN A N   1 
ATOM   89   C CA  . GLN A 1 18  ? 6.996   -3.977  10.493  1.00 16.13 ? 18  GLN A CA  1 
ATOM   90   C C   . GLN A 1 18  ? 7.171   -5.482  10.633  1.00 17.08 ? 18  GLN A C   1 
ATOM   91   O O   . GLN A 1 18  ? 7.931   -5.952  11.475  1.00 17.24 ? 18  GLN A O   1 
ATOM   92   C CB  . GLN A 1 18  ? 5.983   -3.480  11.519  1.00 16.25 ? 18  GLN A CB  1 
ATOM   93   C CG  . GLN A 1 18  ? 6.409   -3.669  12.965  1.00 16.98 ? 18  GLN A CG  1 
ATOM   94   C CD  . GLN A 1 18  ? 5.354   -3.193  13.935  1.00 17.45 ? 18  GLN A CD  1 
ATOM   95   O OE1 . GLN A 1 18  ? 4.292   -2.722  13.530  1.00 18.63 ? 18  GLN A OE1 1 
ATOM   96   N NE2 . GLN A 1 18  ? 5.640   -3.311  15.229  1.00 18.59 ? 18  GLN A NE2 1 
ATOM   97   N N   . GLN A 1 19  ? 6.453   -6.225  9.797   1.00 17.32 ? 19  GLN A N   1 
ATOM   98   C CA  . GLN A 1 19  ? 6.495   -7.686  9.791   1.00 17.89 ? 19  GLN A CA  1 
ATOM   99   C C   . GLN A 1 19  ? 7.849   -8.219  9.314   1.00 19.19 ? 19  GLN A C   1 
ATOM   100  O O   . GLN A 1 19  ? 8.094   -9.428  9.366   1.00 19.00 ? 19  GLN A O   1 
ATOM   101  C CB  . GLN A 1 19  ? 5.380   -8.224  8.890   1.00 17.90 ? 19  GLN A CB  1 
ATOM   102  C CG  . GLN A 1 19  ? 3.978   -7.742  9.267   1.00 17.73 ? 19  GLN A CG  1 
ATOM   103  C CD  . GLN A 1 19  ? 3.316   -8.585  10.353  1.00 18.65 ? 19  GLN A CD  1 
ATOM   104  O OE1 . GLN A 1 19  ? 3.832   -8.713  11.466  1.00 19.89 ? 19  GLN A OE1 1 
ATOM   105  N NE2 . GLN A 1 19  ? 2.164   -9.160  10.033  1.00 16.48 ? 19  GLN A NE2 1 
ATOM   106  N N   . GLY A 1 20  ? 8.711   -7.318  8.836   1.00 19.63 ? 20  GLY A N   1 
ATOM   107  C CA  . GLY A 1 20  ? 10.036  -7.708  8.373   1.00 20.26 ? 20  GLY A CA  1 
ATOM   108  C C   . GLY A 1 20  ? 10.219  -7.922  6.877   1.00 20.80 ? 20  GLY A C   1 
ATOM   109  O O   . GLY A 1 20  ? 11.091  -8.695  6.464   1.00 21.71 ? 20  GLY A O   1 
ATOM   110  N N   . TYR A 1 21  ? 9.416   -7.246  6.058   1.00 20.17 ? 21  TYR A N   1 
ATOM   111  C CA  . TYR A 1 21  ? 9.510   -7.383  4.603   1.00 19.70 ? 21  TYR A CA  1 
ATOM   112  C C   . TYR A 1 21  ? 9.304   -6.055  3.889   1.00 19.15 ? 21  TYR A C   1 
ATOM   113  O O   . TYR A 1 21  ? 8.648   -5.154  4.405   1.00 18.20 ? 21  TYR A O   1 
ATOM   114  C CB  . TYR A 1 21  ? 8.433   -8.326  4.072   1.00 21.08 ? 21  TYR A CB  1 
ATOM   115  C CG  . TYR A 1 21  ? 8.424   -9.711  4.659   1.00 22.25 ? 21  TYR A CG  1 
ATOM   116  C CD1 . TYR A 1 21  ? 9.050   -10.770 4.003   1.00 23.51 ? 21  TYR A CD1 1 
ATOM   117  C CD2 . TYR A 1 21  ? 7.757   -9.975  5.853   1.00 23.01 ? 21  TYR A CD2 1 
ATOM   118  C CE1 . TYR A 1 21  ? 9.007   -12.061 4.521   1.00 24.11 ? 21  TYR A CE1 1 
ATOM   119  C CE2 . TYR A 1 21  ? 7.708   -11.261 6.380   1.00 24.28 ? 21  TYR A CE2 1 
ATOM   120  C CZ  . TYR A 1 21  ? 8.331   -12.298 5.708   1.00 24.71 ? 21  TYR A CZ  1 
ATOM   121  O OH  . TYR A 1 21  ? 8.264   -13.574 6.216   1.00 26.40 ? 21  TYR A OH  1 
ATOM   122  N N   . PHE A 1 22  ? 9.861   -5.957  2.687   1.00 18.61 ? 22  PHE A N   1 
ATOM   123  C CA  . PHE A 1 22  ? 9.697   -4.777  1.844   1.00 18.46 ? 22  PHE A CA  1 
ATOM   124  C C   . PHE A 1 22  ? 8.557   -5.119  0.896   1.00 17.79 ? 22  PHE A C   1 
ATOM   125  O O   . PHE A 1 22  ? 8.546   -6.197  0.306   1.00 17.90 ? 22  PHE A O   1 
ATOM   126  C CB  . PHE A 1 22  ? 10.963  -4.513  1.022   1.00 19.91 ? 22  PHE A CB  1 
ATOM   127  C CG  . PHE A 1 22  ? 12.053  -3.852  1.798   1.00 20.43 ? 22  PHE A CG  1 
ATOM   128  C CD1 . PHE A 1 22  ? 12.002  -2.486  2.062   1.00 21.87 ? 22  PHE A CD1 1 
ATOM   129  C CD2 . PHE A 1 22  ? 13.112  -4.596  2.308   1.00 22.75 ? 22  PHE A CD2 1 
ATOM   130  C CE1 . PHE A 1 22  ? 12.986  -1.869  2.826   1.00 22.67 ? 22  PHE A CE1 1 
ATOM   131  C CE2 . PHE A 1 22  ? 14.105  -3.988  3.078   1.00 22.87 ? 22  PHE A CE2 1 
ATOM   132  C CZ  . PHE A 1 22  ? 14.039  -2.620  3.336   1.00 23.03 ? 22  PHE A CZ  1 
ATOM   133  N N   . LEU A 1 23  ? 7.588   -4.222  0.755   1.00 17.26 ? 23  LEU A N   1 
ATOM   134  C CA  . LEU A 1 23  ? 6.484   -4.483  -0.162  1.00 16.73 ? 23  LEU A CA  1 
ATOM   135  C C   . LEU A 1 23  ? 7.065   -4.526  -1.573  1.00 17.14 ? 23  LEU A C   1 
ATOM   136  O O   . LEU A 1 23  ? 8.024   -3.812  -1.873  1.00 16.19 ? 23  LEU A O   1 
ATOM   137  C CB  . LEU A 1 23  ? 5.448   -3.358  -0.088  1.00 16.93 ? 23  LEU A CB  1 
ATOM   138  C CG  . LEU A 1 23  ? 4.152   -3.558  -0.881  1.00 17.74 ? 23  LEU A CG  1 
ATOM   139  C CD1 . LEU A 1 23  ? 3.289   -4.603  -0.170  1.00 18.53 ? 23  LEU A CD1 1 
ATOM   140  C CD2 . LEU A 1 23  ? 3.401   -2.232  -0.999  1.00 16.70 ? 23  LEU A CD2 1 
ATOM   141  N N   . GLN A 1 24  ? 6.501   -5.361  -2.438  1.00 17.05 ? 24  GLN A N   1 
ATOM   142  C CA  . GLN A 1 24  ? 6.981   -5.426  -3.814  1.00 17.93 ? 24  GLN A CA  1 
ATOM   143  C C   . GLN A 1 24  ? 5.865   -5.789  -4.790  1.00 18.14 ? 24  GLN A C   1 
ATOM   144  O O   . GLN A 1 24  ? 4.887   -6.445  -4.420  1.00 18.33 ? 24  GLN A O   1 
ATOM   145  C CB  . GLN A 1 24  ? 8.138   -6.424  -3.938  1.00 19.78 ? 24  GLN A CB  1 
ATOM   146  C CG  . GLN A 1 24  ? 7.719   -7.859  -4.165  1.00 21.19 ? 24  GLN A CG  1 
ATOM   147  C CD  . GLN A 1 24  ? 8.905   -8.786  -4.356  1.00 22.62 ? 24  GLN A CD  1 
ATOM   148  O OE1 . GLN A 1 24  ? 9.932   -8.393  -4.914  1.00 21.83 ? 24  GLN A OE1 1 
ATOM   149  N NE2 . GLN A 1 24  ? 8.763   -10.031 -3.907  1.00 22.94 ? 24  GLN A NE2 1 
ATOM   150  N N   . MET A 1 25  ? 6.009   -5.336  -6.033  1.00 18.52 ? 25  MET A N   1 
ATOM   151  C CA  . MET A 1 25  ? 5.032   -5.605  -7.085  1.00 20.46 ? 25  MET A CA  1 
ATOM   152  C C   . MET A 1 25  ? 5.744   -6.174  -8.303  1.00 22.03 ? 25  MET A C   1 
ATOM   153  O O   . MET A 1 25  ? 6.605   -5.518  -8.888  1.00 22.24 ? 25  MET A O   1 
ATOM   154  C CB  . MET A 1 25  ? 4.299   -4.323  -7.497  1.00 18.73 ? 25  MET A CB  1 
ATOM   155  C CG  . MET A 1 25  ? 3.308   -4.531  -8.642  1.00 18.35 ? 25  MET A CG  1 
ATOM   156  S SD  . MET A 1 25  ? 2.495   -3.026  -9.193  1.00 18.85 ? 25  MET A SD  1 
ATOM   157  C CE  . MET A 1 25  ? 1.180   -2.899  -7.966  1.00 17.78 ? 25  MET A CE  1 
ATOM   158  N N   . HIS A 1 26  ? 5.376   -7.394  -8.675  1.00 24.40 ? 26  HIS A N   1 
ATOM   159  C CA  . HIS A 1 26  ? 5.966   -8.061  -9.833  1.00 26.59 ? 26  HIS A CA  1 
ATOM   160  C C   . HIS A 1 26  ? 5.316   -7.527  -11.107 1.00 27.45 ? 26  HIS A C   1 
ATOM   161  O O   . HIS A 1 26  ? 4.186   -7.044  -11.081 1.00 27.70 ? 26  HIS A O   1 
ATOM   162  C CB  . HIS A 1 26  ? 5.736   -9.572  -9.729  1.00 28.60 ? 26  HIS A CB  1 
ATOM   163  C CG  . HIS A 1 26  ? 6.336   -10.193 -8.505  1.00 29.77 ? 26  HIS A CG  1 
ATOM   164  N ND1 . HIS A 1 26  ? 7.681   -10.487 -8.402  1.00 31.41 ? 26  HIS A ND1 1 
ATOM   165  C CD2 . HIS A 1 26  ? 5.781   -10.560 -7.327  1.00 31.15 ? 26  HIS A CD2 1 
ATOM   166  C CE1 . HIS A 1 26  ? 7.924   -11.010 -7.212  1.00 31.57 ? 26  HIS A CE1 1 
ATOM   167  N NE2 . HIS A 1 26  ? 6.787   -11.064 -6.541  1.00 31.79 ? 26  HIS A NE2 1 
ATOM   168  N N   . PRO A 1 27  ? 6.021   -7.612  -12.246 1.00 28.64 ? 27  PRO A N   1 
ATOM   169  C CA  . PRO A 1 27  ? 5.487   -7.129  -13.523 1.00 29.42 ? 27  PRO A CA  1 
ATOM   170  C C   . PRO A 1 27  ? 4.117   -7.712  -13.863 1.00 29.56 ? 27  PRO A C   1 
ATOM   171  O O   . PRO A 1 27  ? 3.316   -7.077  -14.550 1.00 30.73 ? 27  PRO A O   1 
ATOM   172  C CB  . PRO A 1 27  ? 6.557   -7.557  -14.523 1.00 29.72 ? 27  PRO A CB  1 
ATOM   173  C CG  . PRO A 1 27  ? 7.812   -7.475  -13.718 1.00 29.97 ? 27  PRO A CG  1 
ATOM   174  C CD  . PRO A 1 27  ? 7.396   -8.109  -12.410 1.00 29.37 ? 27  PRO A CD  1 
ATOM   175  N N   . ASP A 1 28  ? 3.848   -8.921  -13.382 1.00 29.47 ? 28  ASP A N   1 
ATOM   176  C CA  . ASP A 1 28  ? 2.570   -9.564  -13.658 1.00 29.47 ? 28  ASP A CA  1 
ATOM   177  C C   . ASP A 1 28  ? 1.472   -9.113  -12.693 1.00 29.32 ? 28  ASP A C   1 
ATOM   178  O O   . ASP A 1 28  ? 0.361   -9.642  -12.711 1.00 29.94 ? 28  ASP A O   1 
ATOM   179  C CB  . ASP A 1 28  ? 2.729   -11.092 -13.633 1.00 29.76 ? 28  ASP A CB  1 
ATOM   180  C CG  . ASP A 1 28  ? 3.035   -11.633 -12.255 1.00 29.31 ? 28  ASP A CG  1 
ATOM   181  O OD1 . ASP A 1 28  ? 3.436   -10.846 -11.375 1.00 29.94 ? 28  ASP A OD1 1 
ATOM   182  O OD2 . ASP A 1 28  ? 2.883   -12.854 -12.051 1.00 30.97 ? 28  ASP A OD2 1 
ATOM   183  N N   . GLY A 1 29  ? 1.791   -8.130  -11.855 1.00 28.90 ? 29  GLY A N   1 
ATOM   184  C CA  . GLY A 1 29  ? 0.810   -7.601  -10.919 1.00 27.86 ? 29  GLY A CA  1 
ATOM   185  C C   . GLY A 1 29  ? 0.771   -8.214  -9.531  1.00 27.54 ? 29  GLY A C   1 
ATOM   186  O O   . GLY A 1 29  ? 0.047   -7.725  -8.663  1.00 26.92 ? 29  GLY A O   1 
ATOM   187  N N   . THR A 1 30  ? 1.534   -9.281  -9.312  1.00 26.47 ? 30  THR A N   1 
ATOM   188  C CA  . THR A 1 30  ? 1.562   -9.941  -8.009  1.00 26.21 ? 30  THR A CA  1 
ATOM   189  C C   . THR A 1 30  ? 2.167   -9.036  -6.939  1.00 24.78 ? 30  THR A C   1 
ATOM   190  O O   . THR A 1 30  ? 3.251   -8.489  -7.122  1.00 25.00 ? 30  THR A O   1 
ATOM   191  C CB  . THR A 1 30  ? 2.381   -11.248 -8.063  1.00 26.53 ? 30  THR A CB  1 
ATOM   192  O OG1 . THR A 1 30  ? 1.728   -12.184 -8.926  1.00 28.82 ? 30  THR A OG1 1 
ATOM   193  C CG2 . THR A 1 30  ? 2.512   -11.854 -6.678  1.00 27.48 ? 30  THR A CG2 1 
ATOM   194  N N   . ILE A 1 31  ? 1.462   -8.892  -5.820  1.00 23.51 ? 31  ILE A N   1 
ATOM   195  C CA  . ILE A 1 31  ? 1.929   -8.054  -4.722  1.00 22.04 ? 31  ILE A CA  1 
ATOM   196  C C   . ILE A 1 31  ? 2.196   -8.879  -3.463  1.00 22.41 ? 31  ILE A C   1 
ATOM   197  O O   . ILE A 1 31  ? 1.313   -9.586  -2.980  1.00 21.73 ? 31  ILE A O   1 
ATOM   198  C CB  . ILE A 1 31  ? 0.881   -6.969  -4.372  1.00 21.89 ? 31  ILE A CB  1 
ATOM   199  C CG1 . ILE A 1 31  ? 0.577   -6.120  -5.608  1.00 21.28 ? 31  ILE A CG1 1 
ATOM   200  C CG2 . ILE A 1 31  ? 1.393   -6.101  -3.228  1.00 21.16 ? 31  ILE A CG2 1 
ATOM   201  C CD1 . ILE A 1 31  ? -0.569  -5.137  -5.419  1.00 21.10 ? 31  ILE A CD1 1 
ATOM   202  N N   . ASP A 1 32  ? 3.418   -8.799  -2.945  1.00 22.00 ? 32  ASP A N   1 
ATOM   203  C CA  . ASP A 1 32  ? 3.787   -9.508  -1.721  1.00 22.48 ? 32  ASP A CA  1 
ATOM   204  C C   . ASP A 1 32  ? 4.982   -8.835  -1.060  1.00 22.21 ? 32  ASP A C   1 
ATOM   205  O O   . ASP A 1 32  ? 5.333   -7.706  -1.404  1.00 21.39 ? 32  ASP A O   1 
ATOM   206  C CB  . ASP A 1 32  ? 4.100   -10.990 -1.999  1.00 24.21 ? 32  ASP A CB  1 
ATOM   207  C CG  . ASP A 1 32  ? 5.193   -11.184 -3.033  1.00 26.24 ? 32  ASP A CG  1 
ATOM   208  O OD1 . ASP A 1 32  ? 6.071   -10.305 -3.162  1.00 26.02 ? 32  ASP A OD1 1 
ATOM   209  O OD2 . ASP A 1 32  ? 5.181   -12.236 -3.710  1.00 28.28 ? 32  ASP A OD2 1 
ATOM   210  N N   . GLY A 1 33  ? 5.590   -9.515  -0.095  1.00 22.04 ? 33  GLY A N   1 
ATOM   211  C CA  . GLY A 1 33  ? 6.742   -8.953  0.583   1.00 22.68 ? 33  GLY A CA  1 
ATOM   212  C C   . GLY A 1 33  ? 8.014   -9.720  0.266   1.00 24.01 ? 33  GLY A C   1 
ATOM   213  O O   . GLY A 1 33  ? 7.958   -10.890 -0.114  1.00 23.89 ? 33  GLY A O   1 
ATOM   214  N N   . THR A 1 34  ? 9.158   -9.058  0.410   1.00 24.06 ? 34  THR A N   1 
ATOM   215  C CA  . THR A 1 34  ? 10.453  -9.686  0.156   1.00 25.46 ? 34  THR A CA  1 
ATOM   216  C C   . THR A 1 34  ? 11.506  -9.107  1.099   1.00 26.14 ? 34  THR A C   1 
ATOM   217  O O   . THR A 1 34  ? 11.434  -7.941  1.479   1.00 26.28 ? 34  THR A O   1 
ATOM   218  C CB  . THR A 1 34  ? 10.928  -9.467  -1.302  1.00 25.25 ? 34  THR A CB  1 
ATOM   219  O OG1 . THR A 1 34  ? 12.225  -10.055 -1.475  1.00 25.56 ? 34  THR A OG1 1 
ATOM   220  C CG2 . THR A 1 34  ? 11.012  -7.979  -1.625  1.00 25.03 ? 34  THR A CG2 1 
ATOM   221  N N   . LYS A 1 35  ? 12.472  -9.931  1.487   1.00 27.48 ? 35  LYS A N   1 
ATOM   222  C CA  . LYS A 1 35  ? 13.535  -9.481  2.378   1.00 29.37 ? 35  LYS A CA  1 
ATOM   223  C C   . LYS A 1 35  ? 14.679  -8.879  1.569   1.00 29.71 ? 35  LYS A C   1 
ATOM   224  O O   . LYS A 1 35  ? 15.630  -8.333  2.129   1.00 30.65 ? 35  LYS A O   1 
ATOM   225  C CB  . LYS A 1 35  ? 14.060  -10.653 3.215   1.00 30.63 ? 35  LYS A CB  1 
ATOM   226  C CG  . LYS A 1 35  ? 13.036  -11.266 4.159   1.00 31.91 ? 35  LYS A CG  1 
ATOM   227  C CD  . LYS A 1 35  ? 13.645  -12.420 4.946   1.00 33.77 ? 35  LYS A CD  1 
ATOM   228  C CE  . LYS A 1 35  ? 12.617  -13.091 5.841   1.00 34.50 ? 35  LYS A CE  1 
ATOM   229  N NZ  . LYS A 1 35  ? 13.190  -14.267 6.557   1.00 35.55 ? 35  LYS A NZ  1 
ATOM   230  N N   . ASP A 1 36  ? 14.573  -8.979  0.246   1.00 30.30 ? 36  ASP A N   1 
ATOM   231  C CA  . ASP A 1 36  ? 15.595  -8.464  -0.661  1.00 30.63 ? 36  ASP A CA  1 
ATOM   232  C C   . ASP A 1 36  ? 15.312  -7.025  -1.086  1.00 30.23 ? 36  ASP A C   1 
ATOM   233  O O   . ASP A 1 36  ? 14.637  -6.778  -2.084  1.00 30.10 ? 36  ASP A O   1 
ATOM   234  C CB  . ASP A 1 36  ? 15.691  -9.373  -1.891  1.00 31.38 ? 36  ASP A CB  1 
ATOM   235  C CG  . ASP A 1 36  ? 16.701  -8.882  -2.906  1.00 32.28 ? 36  ASP A CG  1 
ATOM   236  O OD1 . ASP A 1 36  ? 17.717  -8.282  -2.496  1.00 32.92 ? 36  ASP A OD1 1 
ATOM   237  O OD2 . ASP A 1 36  ? 16.484  -9.111  -4.115  1.00 32.98 ? 36  ASP A OD2 1 
ATOM   238  N N   . GLU A 1 37  ? 15.848  -6.080  -0.321  1.00 30.20 ? 37  GLU A N   1 
ATOM   239  C CA  . GLU A 1 37  ? 15.660  -4.655  -0.582  1.00 30.67 ? 37  GLU A CA  1 
ATOM   240  C C   . GLU A 1 37  ? 16.241  -4.188  -1.914  1.00 30.42 ? 37  GLU A C   1 
ATOM   241  O O   . GLU A 1 37  ? 15.809  -3.175  -2.465  1.00 30.12 ? 37  GLU A O   1 
ATOM   242  C CB  . GLU A 1 37  ? 16.277  -3.842  0.562   1.00 31.79 ? 37  GLU A CB  1 
ATOM   243  C CG  . GLU A 1 37  ? 16.376  -2.347  0.304   1.00 33.37 ? 37  GLU A CG  1 
ATOM   244  C CD  . GLU A 1 37  ? 16.881  -1.577  1.511   1.00 34.67 ? 37  GLU A CD  1 
ATOM   245  O OE1 . GLU A 1 37  ? 17.840  -2.046  2.160   1.00 35.37 ? 37  GLU A OE1 1 
ATOM   246  O OE2 . GLU A 1 37  ? 16.326  -0.496  1.807   1.00 35.31 ? 37  GLU A OE2 1 
ATOM   247  N N   . ASN A 1 38  ? 17.213  -4.930  -2.432  1.00 30.00 ? 38  ASN A N   1 
ATOM   248  C CA  . ASN A 1 38  ? 17.862  -4.574  -3.687  1.00 30.10 ? 38  ASN A CA  1 
ATOM   249  C C   . ASN A 1 38  ? 17.010  -4.828  -4.926  1.00 29.15 ? 38  ASN A C   1 
ATOM   250  O O   . ASN A 1 38  ? 17.286  -4.278  -5.991  1.00 28.96 ? 38  ASN A O   1 
ATOM   251  C CB  . ASN A 1 38  ? 19.193  -5.319  -3.807  1.00 31.52 ? 38  ASN A CB  1 
ATOM   252  C CG  . ASN A 1 38  ? 20.159  -4.947  -2.703  1.00 33.24 ? 38  ASN A CG  1 
ATOM   253  O OD1 . ASN A 1 38  ? 20.610  -3.802  -2.617  1.00 34.40 ? 38  ASN A OD1 1 
ATOM   254  N ND2 . ASN A 1 38  ? 20.474  -5.907  -1.844  1.00 34.67 ? 38  ASN A ND2 1 
ATOM   255  N N   . SER A 1 39  ? 15.980  -5.659  -4.789  1.00 27.77 ? 39  SER A N   1 
ATOM   256  C CA  . SER A 1 39  ? 15.094  -5.955  -5.911  1.00 27.21 ? 39  SER A CA  1 
ATOM   257  C C   . SER A 1 39  ? 14.412  -4.676  -6.386  1.00 26.65 ? 39  SER A C   1 
ATOM   258  O O   . SER A 1 39  ? 13.911  -3.900  -5.575  1.00 26.96 ? 39  SER A O   1 
ATOM   259  C CB  . SER A 1 39  ? 14.028  -6.974  -5.493  1.00 27.11 ? 39  SER A CB  1 
ATOM   260  O OG  . SER A 1 39  ? 13.073  -7.164  -6.527  1.00 27.08 ? 39  SER A OG  1 
ATOM   261  N N   . ASP A 1 40  ? 14.396  -4.457  -7.699  1.00 25.95 ? 40  ASP A N   1 
ATOM   262  C CA  . ASP A 1 40  ? 13.766  -3.266  -8.258  1.00 26.38 ? 40  ASP A CA  1 
ATOM   263  C C   . ASP A 1 40  ? 12.251  -3.265  -8.064  1.00 25.26 ? 40  ASP A C   1 
ATOM   264  O O   . ASP A 1 40  ? 11.611  -2.218  -8.166  1.00 25.13 ? 40  ASP A O   1 
ATOM   265  C CB  . ASP A 1 40  ? 14.077  -3.143  -9.751  1.00 28.10 ? 40  ASP A CB  1 
ATOM   266  C CG  . ASP A 1 40  ? 15.544  -2.871  -10.025 1.00 30.45 ? 40  ASP A CG  1 
ATOM   267  O OD1 . ASP A 1 40  ? 16.088  -1.892  -9.465  1.00 30.49 ? 40  ASP A OD1 1 
ATOM   268  O OD2 . ASP A 1 40  ? 16.145  -3.634  -10.810 1.00 32.33 ? 40  ASP A OD2 1 
ATOM   269  N N   . TYR A 1 41  ? 11.676  -4.432  -7.781  1.00 24.23 ? 41  TYR A N   1 
ATOM   270  C CA  . TYR A 1 41  ? 10.233  -4.528  -7.593  1.00 23.39 ? 41  TYR A CA  1 
ATOM   271  C C   . TYR A 1 41  ? 9.766   -3.909  -6.277  1.00 21.67 ? 41  TYR A C   1 
ATOM   272  O O   . TYR A 1 41  ? 8.565   -3.831  -6.022  1.00 21.05 ? 41  TYR A O   1 
ATOM   273  C CB  . TYR A 1 41  ? 9.777   -5.989  -7.658  1.00 25.38 ? 41  TYR A CB  1 
ATOM   274  C CG  . TYR A 1 41  ? 10.183  -6.704  -8.927  1.00 28.16 ? 41  TYR A CG  1 
ATOM   275  C CD1 . TYR A 1 41  ? 9.998   -6.111  -10.177 1.00 29.59 ? 41  TYR A CD1 1 
ATOM   276  C CD2 . TYR A 1 41  ? 10.758  -7.974  -8.879  1.00 29.76 ? 41  TYR A CD2 1 
ATOM   277  C CE1 . TYR A 1 41  ? 10.381  -6.766  -11.350 1.00 31.00 ? 41  TYR A CE1 1 
ATOM   278  C CE2 . TYR A 1 41  ? 11.141  -8.638  -10.046 1.00 30.94 ? 41  TYR A CE2 1 
ATOM   279  C CZ  . TYR A 1 41  ? 10.952  -8.027  -11.274 1.00 31.29 ? 41  TYR A CZ  1 
ATOM   280  O OH  . TYR A 1 41  ? 11.343  -8.679  -12.426 1.00 33.50 ? 41  TYR A OH  1 
ATOM   281  N N   . THR A 1 42  ? 10.711  -3.469  -5.448  1.00 19.92 ? 42  THR A N   1 
ATOM   282  C CA  . THR A 1 42  ? 10.379  -2.857  -4.161  1.00 18.61 ? 42  THR A CA  1 
ATOM   283  C C   . THR A 1 42  ? 10.187  -1.349  -4.292  1.00 17.57 ? 42  THR A C   1 
ATOM   284  O O   . THR A 1 42  ? 9.811   -0.676  -3.331  1.00 16.72 ? 42  THR A O   1 
ATOM   285  C CB  . THR A 1 42  ? 11.489  -3.093  -3.114  1.00 19.26 ? 42  THR A CB  1 
ATOM   286  O OG1 . THR A 1 42  ? 12.704  -2.464  -3.548  1.00 19.79 ? 42  THR A OG1 1 
ATOM   287  C CG2 . THR A 1 42  ? 11.727  -4.585  -2.916  1.00 20.07 ? 42  THR A CG2 1 
ATOM   288  N N   . LEU A 1 43  ? 10.443  -0.825  -5.485  1.00 16.70 ? 43  LEU A N   1 
ATOM   289  C CA  . LEU A 1 43  ? 10.324  0.605   -5.735  1.00 16.68 ? 43  LEU A CA  1 
ATOM   290  C C   . LEU A 1 43  ? 8.921   0.997   -6.189  1.00 16.75 ? 43  LEU A C   1 
ATOM   291  O O   . LEU A 1 43  ? 8.379   0.421   -7.129  1.00 16.79 ? 43  LEU A O   1 
ATOM   292  C CB  . LEU A 1 43  ? 11.350  1.020   -6.792  1.00 17.36 ? 43  LEU A CB  1 
ATOM   293  C CG  . LEU A 1 43  ? 12.793  0.630   -6.452  1.00 17.93 ? 43  LEU A CG  1 
ATOM   294  C CD1 . LEU A 1 43  ? 13.714  0.995   -7.608  1.00 18.09 ? 43  LEU A CD1 1 
ATOM   295  C CD2 . LEU A 1 43  ? 13.222  1.329   -5.170  1.00 18.90 ? 43  LEU A CD2 1 
ATOM   296  N N   . PHE A 1 44  ? 8.338   1.974   -5.500  1.00 15.72 ? 44  PHE A N   1 
ATOM   297  C CA  . PHE A 1 44  ? 7.004   2.458   -5.827  1.00 16.30 ? 44  PHE A CA  1 
ATOM   298  C C   . PHE A 1 44  ? 6.987   3.964   -6.000  1.00 17.26 ? 44  PHE A C   1 
ATOM   299  O O   . PHE A 1 44  ? 7.799   4.676   -5.408  1.00 17.40 ? 44  PHE A O   1 
ATOM   300  C CB  . PHE A 1 44  ? 6.006   2.133   -4.717  1.00 15.98 ? 44  PHE A CB  1 
ATOM   301  C CG  . PHE A 1 44  ? 5.711   0.681   -4.571  1.00 15.32 ? 44  PHE A CG  1 
ATOM   302  C CD1 . PHE A 1 44  ? 6.505   -0.124  -3.765  1.00 15.66 ? 44  PHE A CD1 1 
ATOM   303  C CD2 . PHE A 1 44  ? 4.642   0.112   -5.252  1.00 15.12 ? 44  PHE A CD2 1 
ATOM   304  C CE1 . PHE A 1 44  ? 6.238   -1.482  -3.637  1.00 15.88 ? 44  PHE A CE1 1 
ATOM   305  C CE2 . PHE A 1 44  ? 4.365   -1.250  -5.131  1.00 15.20 ? 44  PHE A CE2 1 
ATOM   306  C CZ  . PHE A 1 44  ? 5.165   -2.045  -4.322  1.00 15.59 ? 44  PHE A CZ  1 
ATOM   307  N N   . ASN A 1 45  ? 6.052   4.436   -6.816  1.00 17.34 ? 45  ASN A N   1 
ATOM   308  C CA  . ASN A 1 45  ? 5.865   5.865   -7.013  1.00 19.26 ? 45  ASN A CA  1 
ATOM   309  C C   . ASN A 1 45  ? 4.715   6.206   -6.082  1.00 19.43 ? 45  ASN A C   1 
ATOM   310  O O   . ASN A 1 45  ? 3.611   5.687   -6.251  1.00 19.36 ? 45  ASN A O   1 
ATOM   311  C CB  . ASN A 1 45  ? 5.445   6.190   -8.450  1.00 20.31 ? 45  ASN A CB  1 
ATOM   312  C CG  . ASN A 1 45  ? 6.563   6.001   -9.444  1.00 22.15 ? 45  ASN A CG  1 
ATOM   313  O OD1 . ASN A 1 45  ? 7.677   6.490   -9.243  1.00 22.80 ? 45  ASN A OD1 1 
ATOM   314  N ND2 . ASN A 1 45  ? 6.272   5.304   -10.539 1.00 23.52 ? 45  ASN A ND2 1 
ATOM   315  N N   . LEU A 1 46  ? 4.977   7.038   -5.081  1.00 20.16 ? 46  LEU A N   1 
ATOM   316  C CA  . LEU A 1 46  ? 3.936   7.448   -4.146  1.00 20.93 ? 46  LEU A CA  1 
ATOM   317  C C   . LEU A 1 46  ? 3.447   8.764   -4.733  1.00 21.23 ? 46  LEU A C   1 
ATOM   318  O O   . LEU A 1 46  ? 4.114   9.788   -4.614  1.00 20.55 ? 46  LEU A O   1 
ATOM   319  C CB  . LEU A 1 46  ? 4.528   7.656   -2.752  1.00 22.95 ? 46  LEU A CB  1 
ATOM   320  C CG  . LEU A 1 46  ? 3.623   7.364   -1.556  1.00 25.20 ? 46  LEU A CG  1 
ATOM   321  C CD1 . LEU A 1 46  ? 3.073   5.947   -1.666  1.00 25.47 ? 46  LEU A CD1 1 
ATOM   322  C CD2 . LEU A 1 46  ? 4.413   7.525   -0.263  1.00 25.49 ? 46  LEU A CD2 1 
ATOM   323  N N   . ILE A 1 47  ? 2.287   8.716   -5.379  1.00 20.27 ? 47  ILE A N   1 
ATOM   324  C CA  . ILE A 1 47  ? 1.720   9.877   -6.053  1.00 20.55 ? 47  ILE A CA  1 
ATOM   325  C C   . ILE A 1 47  ? 0.593   10.561  -5.289  1.00 19.80 ? 47  ILE A C   1 
ATOM   326  O O   . ILE A 1 47  ? -0.442  9.955   -5.027  1.00 19.82 ? 47  ILE A O   1 
ATOM   327  C CB  . ILE A 1 47  ? 1.182   9.463   -7.436  1.00 20.75 ? 47  ILE A CB  1 
ATOM   328  C CG1 . ILE A 1 47  ? 2.253   8.663   -8.185  1.00 21.21 ? 47  ILE A CG1 1 
ATOM   329  C CG2 . ILE A 1 47  ? 0.769   10.703  -8.225  1.00 21.47 ? 47  ILE A CG2 1 
ATOM   330  C CD1 . ILE A 1 47  ? 1.716   7.823   -9.335  1.00 21.05 ? 47  ILE A CD1 1 
ATOM   331  N N   . PRO A 1 48  ? 0.770   11.846  -4.944  1.00 19.99 ? 48  PRO A N   1 
ATOM   332  C CA  . PRO A 1 48  ? -0.280  12.555  -4.211  1.00 19.61 ? 48  PRO A CA  1 
ATOM   333  C C   . PRO A 1 48  ? -1.490  12.836  -5.101  1.00 19.51 ? 48  PRO A C   1 
ATOM   334  O O   . PRO A 1 48  ? -1.353  13.376  -6.203  1.00 19.26 ? 48  PRO A O   1 
ATOM   335  C CB  . PRO A 1 48  ? 0.428   13.827  -3.745  1.00 19.76 ? 48  PRO A CB  1 
ATOM   336  C CG  . PRO A 1 48  ? 1.409   14.078  -4.834  1.00 20.92 ? 48  PRO A CG  1 
ATOM   337  C CD  . PRO A 1 48  ? 1.960   12.698  -5.113  1.00 19.92 ? 48  PRO A CD  1 
ATOM   338  N N   . VAL A 1 49  ? -2.672  12.455  -4.625  1.00 19.15 ? 49  VAL A N   1 
ATOM   339  C CA  . VAL A 1 49  ? -3.900  12.664  -5.383  1.00 20.58 ? 49  VAL A CA  1 
ATOM   340  C C   . VAL A 1 49  ? -4.955  13.409  -4.563  1.00 20.73 ? 49  VAL A C   1 
ATOM   341  O O   . VAL A 1 49  ? -6.054  13.689  -5.048  1.00 22.01 ? 49  VAL A O   1 
ATOM   342  C CB  . VAL A 1 49  ? -4.492  11.319  -5.860  1.00 21.61 ? 49  VAL A CB  1 
ATOM   343  C CG1 . VAL A 1 49  ? -3.558  10.674  -6.881  1.00 20.86 ? 49  VAL A CG1 1 
ATOM   344  C CG2 . VAL A 1 49  ? -4.698  10.391  -4.671  1.00 21.85 ? 49  VAL A CG2 1 
ATOM   345  N N   . GLY A 1 50  ? -4.608  13.724  -3.321  1.00 20.23 ? 50  GLY A N   1 
ATOM   346  C CA  . GLY A 1 50  ? -5.517  14.436  -2.439  1.00 19.36 ? 50  GLY A CA  1 
ATOM   347  C C   . GLY A 1 50  ? -4.805  14.749  -1.137  1.00 18.87 ? 50  GLY A C   1 
ATOM   348  O O   . GLY A 1 50  ? -3.619  14.447  -1.002  1.00 18.36 ? 50  GLY A O   1 
ATOM   349  N N   . LEU A 1 51  ? -5.508  15.351  -0.181  1.00 19.25 ? 51  LEU A N   1 
ATOM   350  C CA  . LEU A 1 51  ? -4.898  15.679  1.106   1.00 19.47 ? 51  LEU A CA  1 
ATOM   351  C C   . LEU A 1 51  ? -4.538  14.369  1.797   1.00 19.48 ? 51  LEU A C   1 
ATOM   352  O O   . LEU A 1 51  ? -5.413  13.646  2.269   1.00 19.85 ? 51  LEU A O   1 
ATOM   353  C CB  . LEU A 1 51  ? -5.872  16.485  1.975   1.00 20.13 ? 51  LEU A CB  1 
ATOM   354  C CG  . LEU A 1 51  ? -5.325  16.958  3.322   1.00 20.30 ? 51  LEU A CG  1 
ATOM   355  C CD1 . LEU A 1 51  ? -4.051  17.763  3.108   1.00 20.60 ? 51  LEU A CD1 1 
ATOM   356  C CD2 . LEU A 1 51  ? -6.377  17.802  4.034   1.00 21.44 ? 51  LEU A CD2 1 
ATOM   357  N N   . ARG A 1 52  ? -3.239  14.086  1.849   1.00 19.35 ? 52  ARG A N   1 
ATOM   358  C CA  . ARG A 1 52  ? -2.694  12.857  2.422   1.00 19.86 ? 52  ARG A CA  1 
ATOM   359  C C   . ARG A 1 52  ? -3.363  11.586  1.878   1.00 19.12 ? 52  ARG A C   1 
ATOM   360  O O   . ARG A 1 52  ? -3.547  10.591  2.583   1.00 19.59 ? 52  ARG A O   1 
ATOM   361  C CB  . ARG A 1 52  ? -2.694  12.898  3.965   1.00 21.01 ? 52  ARG A CB  1 
ATOM   362  C CG  . ARG A 1 52  ? -4.007  13.169  4.662   1.00 21.96 ? 52  ARG A CG  1 
ATOM   363  C CD  . ARG A 1 52  ? -4.819  11.903  4.855   1.00 23.54 ? 52  ARG A CD  1 
ATOM   364  N NE  . ARG A 1 52  ? -5.811  12.070  5.913   1.00 24.20 ? 52  ARG A NE  1 
ATOM   365  C CZ  . ARG A 1 52  ? -6.853  12.894  5.840   1.00 25.12 ? 52  ARG A CZ  1 
ATOM   366  N NH1 . ARG A 1 52  ? -7.042  13.621  4.748   1.00 25.50 ? 52  ARG A NH1 1 
ATOM   367  N NH2 . ARG A 1 52  ? -7.692  13.005  6.865   1.00 24.88 ? 52  ARG A NH2 1 
ATOM   368  N N   . VAL A 1 53  ? -3.719  11.647  0.600   1.00 19.02 ? 53  VAL A N   1 
ATOM   369  C CA  . VAL A 1 53  ? -4.304  10.519  -0.121  1.00 17.96 ? 53  VAL A CA  1 
ATOM   370  C C   . VAL A 1 53  ? -3.335  10.300  -1.285  1.00 18.12 ? 53  VAL A C   1 
ATOM   371  O O   . VAL A 1 53  ? -2.980  11.246  -1.996  1.00 17.45 ? 53  VAL A O   1 
ATOM   372  C CB  . VAL A 1 53  ? -5.708  10.840  -0.678  1.00 17.92 ? 53  VAL A CB  1 
ATOM   373  C CG1 . VAL A 1 53  ? -6.217  9.667   -1.503  1.00 18.49 ? 53  VAL A CG1 1 
ATOM   374  C CG2 . VAL A 1 53  ? -6.670  11.131  0.464   1.00 19.40 ? 53  VAL A CG2 1 
ATOM   375  N N   . VAL A 1 54  ? -2.901  9.061   -1.483  1.00 17.14 ? 54  VAL A N   1 
ATOM   376  C CA  . VAL A 1 54  ? -1.943  8.772   -2.541  1.00 16.28 ? 54  VAL A CA  1 
ATOM   377  C C   . VAL A 1 54  ? -2.310  7.578   -3.394  1.00 16.77 ? 54  VAL A C   1 
ATOM   378  O O   . VAL A 1 54  ? -3.199  6.804   -3.056  1.00 16.52 ? 54  VAL A O   1 
ATOM   379  C CB  . VAL A 1 54  ? -0.547  8.463   -1.958  1.00 16.69 ? 54  VAL A CB  1 
ATOM   380  C CG1 . VAL A 1 54  ? -0.028  9.655   -1.179  1.00 17.35 ? 54  VAL A CG1 1 
ATOM   381  C CG2 . VAL A 1 54  ? -0.625  7.224   -1.050  1.00 16.66 ? 54  VAL A CG2 1 
ATOM   382  N N   . ALA A 1 55  ? -1.609  7.462   -4.515  1.00 16.61 ? 55  ALA A N   1 
ATOM   383  C CA  . ALA A 1 55  ? -1.751  6.329   -5.415  1.00 16.15 ? 55  ALA A CA  1 
ATOM   384  C C   . ALA A 1 55  ? -0.407  5.645   -5.184  1.00 15.80 ? 55  ALA A C   1 
ATOM   385  O O   . ALA A 1 55  ? 0.589   6.317   -4.906  1.00 15.71 ? 55  ALA A O   1 
ATOM   386  C CB  . ALA A 1 55  ? -1.879  6.793   -6.869  1.00 16.93 ? 55  ALA A CB  1 
ATOM   387  N N   . ILE A 1 56  ? -0.377  4.321   -5.265  1.00 14.46 ? 56  ILE A N   1 
ATOM   388  C CA  . ILE A 1 56  ? 0.857   3.571   -5.053  1.00 14.21 ? 56  ILE A CA  1 
ATOM   389  C C   . ILE A 1 56  ? 1.118   2.779   -6.325  1.00 14.70 ? 56  ILE A C   1 
ATOM   390  O O   . ILE A 1 56  ? 0.445   1.791   -6.600  1.00 15.07 ? 56  ILE A O   1 
ATOM   391  C CB  . ILE A 1 56  ? 0.704   2.620   -3.842  1.00 13.99 ? 56  ILE A CB  1 
ATOM   392  C CG1 . ILE A 1 56  ? 0.268   3.429   -2.614  1.00 12.70 ? 56  ILE A CG1 1 
ATOM   393  C CG2 . ILE A 1 56  ? 2.011   1.883   -3.580  1.00 13.46 ? 56  ILE A CG2 1 
ATOM   394  C CD1 . ILE A 1 56  ? 0.026   2.600   -1.355  1.00 12.69 ? 56  ILE A CD1 1 
ATOM   395  N N   . GLN A 1 57  ? 2.104   3.214   -7.103  1.00 15.30 ? 57  GLN A N   1 
ATOM   396  C CA  . GLN A 1 57  ? 2.404   2.572   -8.378  1.00 15.92 ? 57  GLN A CA  1 
ATOM   397  C C   . GLN A 1 57  ? 3.755   1.872   -8.437  1.00 15.79 ? 57  GLN A C   1 
ATOM   398  O O   . GLN A 1 57  ? 4.787   2.471   -8.152  1.00 15.13 ? 57  GLN A O   1 
ATOM   399  C CB  . GLN A 1 57  ? 2.328   3.621   -9.492  1.00 16.99 ? 57  GLN A CB  1 
ATOM   400  C CG  . GLN A 1 57  ? 2.550   3.077   -10.894 1.00 19.21 ? 57  GLN A CG  1 
ATOM   401  C CD  . GLN A 1 57  ? 2.644   4.179   -11.925 1.00 21.62 ? 57  GLN A CD  1 
ATOM   402  O OE1 . GLN A 1 57  ? 3.406   5.132   -11.758 1.00 22.38 ? 57  GLN A OE1 1 
ATOM   403  N NE2 . GLN A 1 57  ? 1.874   4.056   -13.001 1.00 22.83 ? 57  GLN A NE2 1 
ATOM   404  N N   . GLY A 1 58  ? 3.749   0.597   -8.805  1.00 15.00 ? 58  GLY A N   1 
ATOM   405  C CA  . GLY A 1 58  ? 5.006   -0.117  -8.921  1.00 15.29 ? 58  GLY A CA  1 
ATOM   406  C C   . GLY A 1 58  ? 5.792   0.520   -10.060 1.00 16.21 ? 58  GLY A C   1 
ATOM   407  O O   . GLY A 1 58  ? 5.260   0.695   -11.151 1.00 15.12 ? 58  GLY A O   1 
ATOM   408  N N   . VAL A 1 59  ? 7.047   0.884   -9.814  1.00 17.19 ? 59  VAL A N   1 
ATOM   409  C CA  . VAL A 1 59  ? 7.864   1.504   -10.854 1.00 18.12 ? 59  VAL A CA  1 
ATOM   410  C C   . VAL A 1 59  ? 8.125   0.559   -12.022 1.00 18.83 ? 59  VAL A C   1 
ATOM   411  O O   . VAL A 1 59  ? 7.944   0.931   -13.185 1.00 19.86 ? 59  VAL A O   1 
ATOM   412  C CB  . VAL A 1 59  ? 9.222   1.986   -10.296 1.00 18.00 ? 59  VAL A CB  1 
ATOM   413  C CG1 . VAL A 1 59  ? 10.105  2.496   -11.440 1.00 17.70 ? 59  VAL A CG1 1 
ATOM   414  C CG2 . VAL A 1 59  ? 8.995   3.085   -9.274  1.00 17.88 ? 59  VAL A CG2 1 
ATOM   415  N N   . LYS A 1 60  ? 8.539   -0.663  -11.712 1.00 18.91 ? 60  LYS A N   1 
ATOM   416  C CA  . LYS A 1 60  ? 8.840   -1.650  -12.742 1.00 20.27 ? 60  LYS A CA  1 
ATOM   417  C C   . LYS A 1 60  ? 7.604   -2.150  -13.488 1.00 19.10 ? 60  LYS A C   1 
ATOM   418  O O   . LYS A 1 60  ? 7.589   -2.207  -14.718 1.00 19.40 ? 60  LYS A O   1 
ATOM   419  C CB  . LYS A 1 60  ? 9.586   -2.836  -12.127 1.00 21.80 ? 60  LYS A CB  1 
ATOM   420  C CG  . LYS A 1 60  ? 10.941  -2.488  -11.505 1.00 25.76 ? 60  LYS A CG  1 
ATOM   421  C CD  . LYS A 1 60  ? 11.984  -2.061  -12.541 1.00 27.73 ? 60  LYS A CD  1 
ATOM   422  C CE  . LYS A 1 60  ? 11.803  -0.610  -12.982 1.00 28.97 ? 60  LYS A CE  1 
ATOM   423  N NZ  . LYS A 1 60  ? 12.829  -0.195  -13.980 1.00 30.71 ? 60  LYS A NZ  1 
ATOM   424  N N   . ALA A 1 61  ? 6.561   -2.500  -12.743 1.00 18.30 ? 61  ALA A N   1 
ATOM   425  C CA  . ALA A 1 61  ? 5.335   -3.003  -13.350 1.00 18.64 ? 61  ALA A CA  1 
ATOM   426  C C   . ALA A 1 61  ? 4.444   -1.932  -13.992 1.00 17.89 ? 61  ALA A C   1 
ATOM   427  O O   . ALA A 1 61  ? 3.675   -2.229  -14.909 1.00 17.45 ? 61  ALA A O   1 
ATOM   428  C CB  . ALA A 1 61  ? 4.537   -3.787  -12.307 1.00 18.53 ? 61  ALA A CB  1 
ATOM   429  N N   . SER A 1 62  ? 4.557   -0.691  -13.526 1.00 18.19 ? 62  SER A N   1 
ATOM   430  C CA  . SER A 1 62  ? 3.719   0.392   -14.040 1.00 18.62 ? 62  SER A CA  1 
ATOM   431  C C   . SER A 1 62  ? 2.249   0.043   -13.823 1.00 17.96 ? 62  SER A C   1 
ATOM   432  O O   . SER A 1 62  ? 1.417   0.214   -14.715 1.00 17.92 ? 62  SER A O   1 
ATOM   433  C CB  . SER A 1 62  ? 3.969   0.638   -15.537 1.00 20.15 ? 62  SER A CB  1 
ATOM   434  O OG  . SER A 1 62  ? 5.223   1.265   -15.749 1.00 23.95 ? 62  SER A OG  1 
ATOM   435  N N   . LEU A 1 63  ? 1.943   -0.454  -12.627 1.00 17.25 ? 63  LEU A N   1 
ATOM   436  C CA  . LEU A 1 63  ? 0.581   -0.826  -12.255 1.00 16.26 ? 63  LEU A CA  1 
ATOM   437  C C   . LEU A 1 63  ? 0.299   -0.227  -10.886 1.00 15.42 ? 63  LEU A C   1 
ATOM   438  O O   . LEU A 1 63  ? 1.210   -0.077  -10.077 1.00 14.86 ? 63  LEU A O   1 
ATOM   439  C CB  . LEU A 1 63  ? 0.434   -2.352  -12.182 1.00 16.63 ? 63  LEU A CB  1 
ATOM   440  C CG  . LEU A 1 63  ? 0.690   -3.157  -13.462 1.00 17.63 ? 63  LEU A CG  1 
ATOM   441  C CD1 . LEU A 1 63  ? 0.584   -4.651  -13.155 1.00 16.83 ? 63  LEU A CD1 1 
ATOM   442  C CD2 . LEU A 1 63  ? -0.315  -2.766  -14.531 1.00 16.71 ? 63  LEU A CD2 1 
ATOM   443  N N   . TYR A 1 64  ? -0.957  0.123   -10.637 1.00 15.48 ? 64  TYR A N   1 
ATOM   444  C CA  . TYR A 1 64  ? -1.354  0.697   -9.354  1.00 15.16 ? 64  TYR A CA  1 
ATOM   445  C C   . TYR A 1 64  ? -1.858  -0.355  -8.385  1.00 14.67 ? 64  TYR A C   1 
ATOM   446  O O   . TYR A 1 64  ? -2.498  -1.329  -8.786  1.00 15.32 ? 64  TYR A O   1 
ATOM   447  C CB  . TYR A 1 64  ? -2.493  1.708   -9.520  1.00 16.83 ? 64  TYR A CB  1 
ATOM   448  C CG  . TYR A 1 64  ? -2.157  2.930   -10.329 1.00 17.76 ? 64  TYR A CG  1 
ATOM   449  C CD1 . TYR A 1 64  ? -2.477  3.002   -11.684 1.00 18.81 ? 64  TYR A CD1 1 
ATOM   450  C CD2 . TYR A 1 64  ? -1.529  4.024   -9.734  1.00 18.30 ? 64  TYR A CD2 1 
ATOM   451  C CE1 . TYR A 1 64  ? -2.176  4.141   -12.432 1.00 19.98 ? 64  TYR A CE1 1 
ATOM   452  C CE2 . TYR A 1 64  ? -1.225  5.159   -10.467 1.00 20.07 ? 64  TYR A CE2 1 
ATOM   453  C CZ  . TYR A 1 64  ? -1.550  5.214   -11.813 1.00 20.15 ? 64  TYR A CZ  1 
ATOM   454  O OH  . TYR A 1 64  ? -1.237  6.346   -12.535 1.00 21.38 ? 64  TYR A OH  1 
ATOM   455  N N   . VAL A 1 65  ? -1.569  -0.147  -7.107  1.00 13.76 ? 65  VAL A N   1 
ATOM   456  C CA  . VAL A 1 65  ? -2.068  -1.025  -6.063  1.00 13.58 ? 65  VAL A CA  1 
ATOM   457  C C   . VAL A 1 65  ? -3.516  -0.568  -5.917  1.00 13.41 ? 65  VAL A C   1 
ATOM   458  O O   . VAL A 1 65  ? -3.784  0.635   -5.920  1.00 14.32 ? 65  VAL A O   1 
ATOM   459  C CB  . VAL A 1 65  ? -1.348  -0.786  -4.719  1.00 12.96 ? 65  VAL A CB  1 
ATOM   460  C CG1 . VAL A 1 65  ? -2.048  -1.581  -3.604  1.00 13.85 ? 65  VAL A CG1 1 
ATOM   461  C CG2 . VAL A 1 65  ? 0.117   -1.188  -4.830  1.00 13.47 ? 65  VAL A CG2 1 
ATOM   462  N N   . ALA A 1 66  ? -4.444  -1.513  -5.803  1.00 12.68 ? 66  ALA A N   1 
ATOM   463  C CA  . ALA A 1 66  ? -5.858  -1.173  -5.667  1.00 12.44 ? 66  ALA A CA  1 
ATOM   464  C C   . ALA A 1 66  ? -6.573  -2.154  -4.736  1.00 12.91 ? 66  ALA A C   1 
ATOM   465  O O   . ALA A 1 66  ? -6.049  -3.226  -4.431  1.00 13.63 ? 66  ALA A O   1 
ATOM   466  C CB  . ALA A 1 66  ? -6.520  -1.170  -7.047  1.00 11.59 ? 66  ALA A CB  1 
ATOM   467  N N   . MET A 1 67  ? -7.762  -1.775  -4.276  1.00 12.85 ? 67  MET A N   1 
ATOM   468  C CA  . MET A 1 67  ? -8.550  -2.628  -3.386  1.00 13.16 ? 67  MET A CA  1 
ATOM   469  C C   . MET A 1 67  ? -10.008 -2.570  -3.826  1.00 14.11 ? 67  MET A C   1 
ATOM   470  O O   . MET A 1 67  ? -10.584 -1.481  -3.934  1.00 13.01 ? 67  MET A O   1 
ATOM   471  C CB  . MET A 1 67  ? -8.421  -2.154  -1.928  1.00 13.07 ? 67  MET A CB  1 
ATOM   472  C CG  . MET A 1 67  ? -9.119  -3.087  -0.925  1.00 13.46 ? 67  MET A CG  1 
ATOM   473  S SD  . MET A 1 67  ? -9.058  -2.580  0.815   1.00 14.92 ? 67  MET A SD  1 
ATOM   474  C CE  . MET A 1 67  ? -7.348  -2.918  1.184   1.00 16.79 ? 67  MET A CE  1 
ATOM   475  N N   . ASN A 1 68  ? -10.607 -3.731  -4.091  1.00 13.43 ? 68  ASN A N   1 
ATOM   476  C CA  . ASN A 1 68  ? -11.995 -3.751  -4.530  1.00 14.94 ? 68  ASN A CA  1 
ATOM   477  C C   . ASN A 1 68  ? -13.011 -3.788  -3.392  1.00 15.13 ? 68  ASN A C   1 
ATOM   478  O O   . ASN A 1 68  ? -12.647 -3.821  -2.211  1.00 15.76 ? 68  ASN A O   1 
ATOM   479  C CB  . ASN A 1 68  ? -12.257 -4.908  -5.514  1.00 14.97 ? 68  ASN A CB  1 
ATOM   480  C CG  . ASN A 1 68  ? -12.178 -6.283  -4.868  1.00 17.16 ? 68  ASN A CG  1 
ATOM   481  O OD1 . ASN A 1 68  ? -12.372 -6.440  -3.664  1.00 15.84 ? 68  ASN A OD1 1 
ATOM   482  N ND2 . ASN A 1 68  ? -11.917 -7.299  -5.689  1.00 18.93 ? 68  ASN A ND2 1 
ATOM   483  N N   . GLY A 1 69  ? -14.286 -3.775  -3.776  1.00 15.39 ? 69  GLY A N   1 
ATOM   484  C CA  . GLY A 1 69  ? -15.384 -3.759  -2.828  1.00 15.59 ? 69  GLY A CA  1 
ATOM   485  C C   . GLY A 1 69  ? -15.523 -4.921  -1.869  1.00 15.66 ? 69  GLY A C   1 
ATOM   486  O O   . GLY A 1 69  ? -16.341 -4.856  -0.954  1.00 14.49 ? 69  GLY A O   1 
ATOM   487  N N   . GLU A 1 70  ? -14.752 -5.982  -2.083  1.00 15.76 ? 70  GLU A N   1 
ATOM   488  C CA  . GLU A 1 70  ? -14.796 -7.150  -1.211  1.00 17.23 ? 70  GLU A CA  1 
ATOM   489  C C   . GLU A 1 70  ? -13.564 -7.157  -0.302  1.00 17.29 ? 70  GLU A C   1 
ATOM   490  O O   . GLU A 1 70  ? -13.421 -8.020  0.564   1.00 18.92 ? 70  GLU A O   1 
ATOM   491  C CB  . GLU A 1 70  ? -14.851 -8.432  -2.047  1.00 17.61 ? 70  GLU A CB  1 
ATOM   492  N N   . GLY A 1 71  ? -12.684 -6.179  -0.498  1.00 16.40 ? 71  GLY A N   1 
ATOM   493  C CA  . GLY A 1 71  ? -11.491 -6.086  0.320   1.00 15.37 ? 71  GLY A CA  1 
ATOM   494  C C   . GLY A 1 71  ? -10.250 -6.720  -0.280  1.00 14.39 ? 71  GLY A C   1 
ATOM   495  O O   . GLY A 1 71  ? -9.191  -6.729  0.347   1.00 14.56 ? 71  GLY A O   1 
ATOM   496  N N   . TYR A 1 72  ? -10.359 -7.247  -1.493  1.00 14.21 ? 72  TYR A N   1 
ATOM   497  C CA  . TYR A 1 72  ? -9.199  -7.868  -2.120  1.00 14.79 ? 72  TYR A CA  1 
ATOM   498  C C   . TYR A 1 72  ? -8.257  -6.858  -2.767  1.00 13.88 ? 72  TYR A C   1 
ATOM   499  O O   . TYR A 1 72  ? -8.681  -6.025  -3.559  1.00 14.04 ? 72  TYR A O   1 
ATOM   500  C CB  . TYR A 1 72  ? -9.638  -8.882  -3.176  1.00 15.95 ? 72  TYR A CB  1 
ATOM   501  C CG  . TYR A 1 72  ? -10.381 -10.056 -2.599  1.00 17.64 ? 72  TYR A CG  1 
ATOM   502  C CD1 . TYR A 1 72  ? -11.759 -10.179 -2.762  1.00 18.79 ? 72  TYR A CD1 1 
ATOM   503  C CD2 . TYR A 1 72  ? -9.711  -11.035 -1.865  1.00 19.64 ? 72  TYR A CD2 1 
ATOM   504  C CE1 . TYR A 1 72  ? -12.456 -11.253 -2.207  1.00 19.84 ? 72  TYR A CE1 1 
ATOM   505  C CE2 . TYR A 1 72  ? -10.399 -12.111 -1.300  1.00 19.98 ? 72  TYR A CE2 1 
ATOM   506  C CZ  . TYR A 1 72  ? -11.769 -12.211 -1.478  1.00 20.12 ? 72  TYR A CZ  1 
ATOM   507  O OH  . TYR A 1 72  ? -12.459 -13.265 -0.923  1.00 22.11 ? 72  TYR A OH  1 
ATOM   508  N N   . LEU A 1 73  ? -6.976  -6.950  -2.428  1.00 14.56 ? 73  LEU A N   1 
ATOM   509  C CA  . LEU A 1 73  ? -5.964  -6.073  -3.004  1.00 15.34 ? 73  LEU A CA  1 
ATOM   510  C C   . LEU A 1 73  ? -5.665  -6.629  -4.393  1.00 16.28 ? 73  LEU A C   1 
ATOM   511  O O   . LEU A 1 73  ? -5.680  -7.846  -4.582  1.00 17.59 ? 73  LEU A O   1 
ATOM   512  C CB  . LEU A 1 73  ? -4.687  -6.115  -2.169  1.00 14.68 ? 73  LEU A CB  1 
ATOM   513  C CG  . LEU A 1 73  ? -3.709  -4.955  -2.366  1.00 16.17 ? 73  LEU A CG  1 
ATOM   514  C CD1 . LEU A 1 73  ? -4.267  -3.718  -1.654  1.00 16.35 ? 73  LEU A CD1 1 
ATOM   515  C CD2 . LEU A 1 73  ? -2.340  -5.318  -1.807  1.00 16.75 ? 73  LEU A CD2 1 
ATOM   516  N N   . TYR A 1 74  ? -5.401  -5.753  -5.359  1.00 15.90 ? 74  TYR A N   1 
ATOM   517  C CA  . TYR A 1 74  ? -5.086  -6.186  -6.720  1.00 16.32 ? 74  TYR A CA  1 
ATOM   518  C C   . TYR A 1 74  ? -4.319  -5.091  -7.458  1.00 17.34 ? 74  TYR A C   1 
ATOM   519  O O   . TYR A 1 74  ? -4.225  -3.961  -6.976  1.00 16.74 ? 74  TYR A O   1 
ATOM   520  C CB  . TYR A 1 74  ? -6.370  -6.549  -7.488  1.00 16.37 ? 74  TYR A CB  1 
ATOM   521  C CG  . TYR A 1 74  ? -7.232  -5.368  -7.897  1.00 16.34 ? 74  TYR A CG  1 
ATOM   522  C CD1 . TYR A 1 74  ? -7.084  -4.768  -9.155  1.00 16.15 ? 74  TYR A CD1 1 
ATOM   523  C CD2 . TYR A 1 74  ? -8.193  -4.848  -7.030  1.00 15.53 ? 74  TYR A CD2 1 
ATOM   524  C CE1 . TYR A 1 74  ? -7.875  -3.678  -9.536  1.00 16.39 ? 74  TYR A CE1 1 
ATOM   525  C CE2 . TYR A 1 74  ? -8.990  -3.758  -7.401  1.00 15.33 ? 74  TYR A CE2 1 
ATOM   526  C CZ  . TYR A 1 74  ? -8.825  -3.182  -8.652  1.00 15.89 ? 74  TYR A CZ  1 
ATOM   527  O OH  . TYR A 1 74  ? -9.614  -2.115  -9.020  1.00 17.08 ? 74  TYR A OH  1 
ATOM   528  N N   . SER A 1 75  ? -3.756  -5.432  -8.613  1.00 16.98 ? 75  SER A N   1 
ATOM   529  C CA  . SER A 1 75  ? -3.003  -4.465  -9.408  1.00 18.08 ? 75  SER A CA  1 
ATOM   530  C C   . SER A 1 75  ? -3.832  -3.985  -10.593 1.00 18.23 ? 75  SER A C   1 
ATOM   531  O O   . SER A 1 75  ? -4.418  -4.786  -11.322 1.00 17.26 ? 75  SER A O   1 
ATOM   532  C CB  . SER A 1 75  ? -1.691  -5.082  -9.901  1.00 18.53 ? 75  SER A CB  1 
ATOM   533  O OG  . SER A 1 75  ? -0.810  -5.300  -8.816  1.00 19.11 ? 75  SER A OG  1 
ATOM   534  N N   . SER A 1 76  ? -3.876  -2.668  -10.773 1.00 17.07 ? 76  SER A N   1 
ATOM   535  C CA  . SER A 1 76  ? -4.644  -2.057  -11.854 1.00 17.49 ? 76  SER A CA  1 
ATOM   536  C C   . SER A 1 76  ? -3.788  -1.152  -12.732 1.00 17.43 ? 76  SER A C   1 
ATOM   537  O O   . SER A 1 76  ? -3.092  -0.269  -12.235 1.00 17.13 ? 76  SER A O   1 
ATOM   538  C CB  . SER A 1 76  ? -5.803  -1.240  -11.269 1.00 16.90 ? 76  SER A CB  1 
ATOM   539  O OG  . SER A 1 76  ? -6.496  -0.520  -12.277 1.00 17.46 ? 76  SER A OG  1 
ATOM   540  N N   . ASP A 1 77  ? -3.837  -1.366  -14.041 1.00 18.44 ? 77  ASP A N   1 
ATOM   541  C CA  . ASP A 1 77  ? -3.066  -0.522  -14.942 1.00 19.55 ? 77  ASP A CA  1 
ATOM   542  C C   . ASP A 1 77  ? -3.745  0.840   -15.033 1.00 19.45 ? 77  ASP A C   1 
ATOM   543  O O   . ASP A 1 77  ? -3.093  1.882   -14.920 1.00 19.57 ? 77  ASP A O   1 
ATOM   544  C CB  . ASP A 1 77  ? -2.961  -1.170  -16.327 1.00 20.29 ? 77  ASP A CB  1 
ATOM   545  C CG  . ASP A 1 77  ? -2.169  -0.324  -17.303 1.00 21.85 ? 77  ASP A CG  1 
ATOM   546  O OD1 . ASP A 1 77  ? -1.210  0.351   -16.870 1.00 21.56 ? 77  ASP A OD1 1 
ATOM   547  O OD2 . ASP A 1 77  ? -2.495  -0.335  -18.508 1.00 21.96 ? 77  ASP A OD2 1 
ATOM   548  N N   . VAL A 1 78  ? -5.061  0.831   -15.213 1.00 19.79 ? 78  VAL A N   1 
ATOM   549  C CA  . VAL A 1 78  ? -5.822  2.070   -15.308 1.00 20.61 ? 78  VAL A CA  1 
ATOM   550  C C   . VAL A 1 78  ? -6.093  2.633   -13.916 1.00 20.37 ? 78  VAL A C   1 
ATOM   551  O O   . VAL A 1 78  ? -6.407  1.887   -12.992 1.00 20.10 ? 78  VAL A O   1 
ATOM   552  C CB  . VAL A 1 78  ? -7.168  1.838   -16.024 1.00 21.75 ? 78  VAL A CB  1 
ATOM   553  C CG1 . VAL A 1 78  ? -7.986  3.122   -16.028 1.00 23.05 ? 78  VAL A CG1 1 
ATOM   554  C CG2 . VAL A 1 78  ? -6.922  1.367   -17.448 1.00 22.30 ? 78  VAL A CG2 1 
ATOM   555  N N   . PHE A 1 79  ? -5.961  3.948   -13.769 1.00 19.94 ? 79  PHE A N   1 
ATOM   556  C CA  . PHE A 1 79  ? -6.200  4.593   -12.487 1.00 19.54 ? 79  PHE A CA  1 
ATOM   557  C C   . PHE A 1 79  ? -7.698  4.766   -12.254 1.00 18.76 ? 79  PHE A C   1 
ATOM   558  O O   . PHE A 1 79  ? -8.413  5.269   -13.122 1.00 18.91 ? 79  PHE A O   1 
ATOM   559  C CB  . PHE A 1 79  ? -5.526  5.970   -12.450 1.00 20.65 ? 79  PHE A CB  1 
ATOM   560  C CG  . PHE A 1 79  ? -5.773  6.727   -11.177 1.00 21.04 ? 79  PHE A CG  1 
ATOM   561  C CD1 . PHE A 1 79  ? -5.121  6.371   -10.001 1.00 21.07 ? 79  PHE A CD1 1 
ATOM   562  C CD2 . PHE A 1 79  ? -6.686  7.778   -11.144 1.00 22.03 ? 79  PHE A CD2 1 
ATOM   563  C CE1 . PHE A 1 79  ? -5.379  7.049   -8.804  1.00 20.24 ? 79  PHE A CE1 1 
ATOM   564  C CE2 . PHE A 1 79  ? -6.951  8.460   -9.953  1.00 21.27 ? 79  PHE A CE2 1 
ATOM   565  C CZ  . PHE A 1 79  ? -6.294  8.092   -8.781  1.00 20.72 ? 79  PHE A CZ  1 
ATOM   566  N N   . THR A 1 80  ? -8.170  4.340   -11.085 1.00 17.25 ? 80  THR A N   1 
ATOM   567  C CA  . THR A 1 80  ? -9.576  4.466   -10.718 1.00 16.41 ? 80  THR A CA  1 
ATOM   568  C C   . THR A 1 80  ? -9.627  4.820   -9.234  1.00 16.23 ? 80  THR A C   1 
ATOM   569  O O   . THR A 1 80  ? -8.601  4.793   -8.545  1.00 14.97 ? 80  THR A O   1 
ATOM   570  C CB  . THR A 1 80  ? -10.357 3.149   -10.898 1.00 17.82 ? 80  THR A CB  1 
ATOM   571  O OG1 . THR A 1 80  ? -10.008 2.250   -9.838  1.00 16.41 ? 80  THR A OG1 1 
ATOM   572  C CG2 . THR A 1 80  ? -10.033 2.498   -12.238 1.00 17.21 ? 80  THR A CG2 1 
ATOM   573  N N   . PRO A 1 81  ? -10.818 5.163   -8.720  1.00 15.83 ? 81  PRO A N   1 
ATOM   574  C CA  . PRO A 1 81  ? -10.912 5.507   -7.298  1.00 15.55 ? 81  PRO A CA  1 
ATOM   575  C C   . PRO A 1 81  ? -10.474 4.365   -6.371  1.00 15.70 ? 81  PRO A C   1 
ATOM   576  O O   . PRO A 1 81  ? -10.160 4.597   -5.207  1.00 15.83 ? 81  PRO A O   1 
ATOM   577  C CB  . PRO A 1 81  ? -12.383 5.880   -7.135  1.00 16.63 ? 81  PRO A CB  1 
ATOM   578  C CG  . PRO A 1 81  ? -12.710 6.498   -8.479  1.00 16.49 ? 81  PRO A CG  1 
ATOM   579  C CD  . PRO A 1 81  ? -12.065 5.507   -9.430  1.00 16.30 ? 81  PRO A CD  1 
ATOM   580  N N   . GLU A 1 82  ? -10.440 3.133   -6.882  1.00 15.37 ? 82  GLU A N   1 
ATOM   581  C CA  . GLU A 1 82  ? -10.014 2.005   -6.055  1.00 14.28 ? 82  GLU A CA  1 
ATOM   582  C C   . GLU A 1 82  ? -8.501  1.999   -5.870  1.00 14.55 ? 82  GLU A C   1 
ATOM   583  O O   . GLU A 1 82  ? -7.960  1.191   -5.107  1.00 14.19 ? 82  GLU A O   1 
ATOM   584  C CB  . GLU A 1 82  ? -10.494 0.674   -6.657  1.00 14.76 ? 82  GLU A CB  1 
ATOM   585  C CG  . GLU A 1 82  ? -12.014 0.520   -6.567  1.00 14.56 ? 82  GLU A CG  1 
ATOM   586  C CD  . GLU A 1 82  ? -12.506 -0.883  -6.853  1.00 15.18 ? 82  GLU A CD  1 
ATOM   587  O OE1 . GLU A 1 82  ? -13.686 -1.156  -6.558  1.00 15.19 ? 82  GLU A OE1 1 
ATOM   588  O OE2 . GLU A 1 82  ? -11.729 -1.705  -7.375  1.00 13.54 ? 82  GLU A OE2 1 
ATOM   589  N N   . CYS A 1 83  ? -7.823  2.920   -6.553  1.00 13.67 ? 83  CYS A N   1 
ATOM   590  C CA  . CYS A 1 83  ? -6.370  3.039   -6.465  1.00 14.60 ? 83  CYS A CA  1 
ATOM   591  C C   . CYS A 1 83  ? -5.967  4.115   -5.459  1.00 15.13 ? 83  CYS A C   1 
ATOM   592  O O   . CYS A 1 83  ? -4.781  4.407   -5.293  1.00 15.27 ? 83  CYS A O   1 
ATOM   593  C CB  . CYS A 1 83  ? -5.778  3.398   -7.832  1.00 15.53 ? 83  CYS A CB  1 
ATOM   594  S SG  . CYS A 1 83  ? -6.090  2.200   -9.145  1.00 16.47 ? 83  CYS A SG  1 
ATOM   595  N N   . LYS A 1 84  ? -6.956  4.710   -4.803  1.00 14.51 ? 84  LYS A N   1 
ATOM   596  C CA  . LYS A 1 84  ? -6.696  5.765   -3.828  1.00 15.21 ? 84  LYS A CA  1 
ATOM   597  C C   . LYS A 1 84  ? -6.587  5.249   -2.391  1.00 14.96 ? 84  LYS A C   1 
ATOM   598  O O   . LYS A 1 84  ? -7.460  4.527   -1.899  1.00 15.60 ? 84  LYS A O   1 
ATOM   599  C CB  . LYS A 1 84  ? -7.799  6.825   -3.896  1.00 15.53 ? 84  LYS A CB  1 
ATOM   600  C CG  . LYS A 1 84  ? -7.908  7.549   -5.226  1.00 18.44 ? 84  LYS A CG  1 
ATOM   601  C CD  . LYS A 1 84  ? -9.026  8.591   -5.177  1.00 20.65 ? 84  LYS A CD  1 
ATOM   602  C CE  . LYS A 1 84  ? -9.053  9.434   -6.437  1.00 23.10 ? 84  LYS A CE  1 
ATOM   603  N NZ  . LYS A 1 84  ? -10.154 10.453  -6.407  1.00 26.25 ? 84  LYS A NZ  1 
ATOM   604  N N   . PHE A 1 85  ? -5.513  5.635   -1.715  1.00 14.34 ? 85  PHE A N   1 
ATOM   605  C CA  . PHE A 1 85  ? -5.288  5.215   -0.340  1.00 13.94 ? 85  PHE A CA  1 
ATOM   606  C C   . PHE A 1 85  ? -5.020  6.404   0.557   1.00 14.84 ? 85  PHE A C   1 
ATOM   607  O O   . PHE A 1 85  ? -4.168  7.233   0.244   1.00 15.72 ? 85  PHE A O   1 
ATOM   608  C CB  . PHE A 1 85  ? -4.088  4.280   -0.265  1.00 14.33 ? 85  PHE A CB  1 
ATOM   609  C CG  . PHE A 1 85  ? -4.344  2.928   -0.848  1.00 14.29 ? 85  PHE A CG  1 
ATOM   610  C CD1 . PHE A 1 85  ? -4.867  1.909   -0.062  1.00 14.71 ? 85  PHE A CD1 1 
ATOM   611  C CD2 . PHE A 1 85  ? -4.111  2.689   -2.194  1.00 14.69 ? 85  PHE A CD2 1 
ATOM   612  C CE1 . PHE A 1 85  ? -5.155  0.661   -0.611  1.00 14.64 ? 85  PHE A CE1 1 
ATOM   613  C CE2 . PHE A 1 85  ? -4.395  1.448   -2.758  1.00 15.05 ? 85  PHE A CE2 1 
ATOM   614  C CZ  . PHE A 1 85  ? -4.917  0.430   -1.967  1.00 16.02 ? 85  PHE A CZ  1 
ATOM   615  N N   . LYS A 1 86  ? -5.740  6.487   1.670   1.00 15.11 ? 86  LYS A N   1 
ATOM   616  C CA  . LYS A 1 86  ? -5.513  7.577   2.609   1.00 16.52 ? 86  LYS A CA  1 
ATOM   617  C C   . LYS A 1 86  ? -4.304  7.181   3.453   1.00 18.34 ? 86  LYS A C   1 
ATOM   618  O O   . LYS A 1 86  ? -4.173  6.015   3.847   1.00 17.29 ? 86  LYS A O   1 
ATOM   619  C CB  . LYS A 1 86  ? -6.733  7.779   3.509   1.00 17.29 ? 86  LYS A CB  1 
ATOM   620  C CG  . LYS A 1 86  ? -6.580  8.964   4.456   1.00 20.26 ? 86  LYS A CG  1 
ATOM   621  C CD  . LYS A 1 86  ? -7.860  9.278   5.218   1.00 22.68 ? 86  LYS A CD  1 
ATOM   622  C CE  . LYS A 1 86  ? -8.165  8.227   6.259   1.00 25.15 ? 86  LYS A CE  1 
ATOM   623  N NZ  . LYS A 1 86  ? -9.253  8.688   7.186   1.00 27.74 ? 86  LYS A NZ  1 
ATOM   624  N N   . GLU A 1 87  ? -3.411  8.136   3.702   1.00 19.00 ? 87  GLU A N   1 
ATOM   625  C CA  . GLU A 1 87  ? -2.215  7.891   4.504   1.00 21.38 ? 87  GLU A CA  1 
ATOM   626  C C   . GLU A 1 87  ? -2.415  8.410   5.920   1.00 22.21 ? 87  GLU A C   1 
ATOM   627  O O   . GLU A 1 87  ? -2.608  9.614   6.118   1.00 22.31 ? 87  GLU A O   1 
ATOM   628  C CB  . GLU A 1 87  ? -1.006  8.613   3.918   1.00 22.12 ? 87  GLU A CB  1 
ATOM   629  C CG  . GLU A 1 87  ? -0.583  8.193   2.537   1.00 25.81 ? 87  GLU A CG  1 
ATOM   630  C CD  . GLU A 1 87  ? 0.563   9.050   2.045   1.00 26.95 ? 87  GLU A CD  1 
ATOM   631  O OE1 . GLU A 1 87  ? 0.345   10.266  1.859   1.00 29.35 ? 87  GLU A OE1 1 
ATOM   632  O OE2 . GLU A 1 87  ? 1.678   8.518   1.858   1.00 28.68 ? 87  GLU A OE2 1 
ATOM   633  N N   . SER A 1 88  ? -2.360  7.520   6.900   1.00 22.14 ? 88  SER A N   1 
ATOM   634  C CA  . SER A 1 88  ? -2.523  7.923   8.292   1.00 23.21 ? 88  SER A CA  1 
ATOM   635  C C   . SER A 1 88  ? -1.298  7.465   9.081   1.00 24.31 ? 88  SER A C   1 
ATOM   636  O O   . SER A 1 88  ? -0.501  6.668   8.587   1.00 23.51 ? 88  SER A O   1 
ATOM   637  C CB  . SER A 1 88  ? -3.800  7.308   8.876   1.00 23.13 ? 88  SER A CB  1 
ATOM   638  O OG  . SER A 1 88  ? -4.926  7.619   8.069   1.00 23.64 ? 88  SER A OG  1 
ATOM   639  N N   . VAL A 1 89  ? -1.146  7.975   10.301  1.00 25.70 ? 89  VAL A N   1 
ATOM   640  C CA  . VAL A 1 89  ? 0.001   7.630   11.134  1.00 27.74 ? 89  VAL A CA  1 
ATOM   641  C C   . VAL A 1 89  ? -0.371  6.866   12.412  1.00 28.72 ? 89  VAL A C   1 
ATOM   642  O O   . VAL A 1 89  ? -1.442  7.074   12.989  1.00 27.71 ? 89  VAL A O   1 
ATOM   643  C CB  . VAL A 1 89  ? 0.781   8.903   11.540  1.00 28.82 ? 89  VAL A CB  1 
ATOM   644  C CG1 . VAL A 1 89  ? 2.065   8.524   12.243  1.00 30.17 ? 89  VAL A CG1 1 
ATOM   645  C CG2 . VAL A 1 89  ? 1.083   9.752   10.308  1.00 28.94 ? 89  VAL A CG2 1 
ATOM   646  N N   . PHE A 1 90  ? 0.527   5.979   12.838  1.00 29.66 ? 90  PHE A N   1 
ATOM   647  C CA  . PHE A 1 90  ? 0.348   5.182   14.052  1.00 31.38 ? 90  PHE A CA  1 
ATOM   648  C C   . PHE A 1 90  ? 1.626   5.368   14.865  1.00 32.37 ? 90  PHE A C   1 
ATOM   649  O O   . PHE A 1 90  ? 2.723   5.347   14.309  1.00 32.12 ? 90  PHE A O   1 
ATOM   650  C CB  . PHE A 1 90  ? 0.171   3.700   13.704  1.00 31.27 ? 90  PHE A CB  1 
ATOM   651  C CG  . PHE A 1 90  ? -0.104  2.823   14.896  1.00 31.62 ? 90  PHE A CG  1 
ATOM   652  C CD1 . PHE A 1 90  ? -1.355  2.817   15.504  1.00 31.80 ? 90  PHE A CD1 1 
ATOM   653  C CD2 . PHE A 1 90  ? 0.891   1.996   15.409  1.00 31.89 ? 90  PHE A CD2 1 
ATOM   654  C CE1 . PHE A 1 90  ? -1.613  1.998   16.609  1.00 32.27 ? 90  PHE A CE1 1 
ATOM   655  C CE2 . PHE A 1 90  ? 0.644   1.174   16.513  1.00 32.17 ? 90  PHE A CE2 1 
ATOM   656  C CZ  . PHE A 1 90  ? -0.609  1.174   17.113  1.00 31.87 ? 90  PHE A CZ  1 
ATOM   657  N N   . GLU A 1 91  ? 1.490   5.547   16.174  1.00 34.24 ? 91  GLU A N   1 
ATOM   658  C CA  . GLU A 1 91  ? 2.656   5.760   17.032  1.00 35.31 ? 91  GLU A CA  1 
ATOM   659  C C   . GLU A 1 91  ? 3.511   6.881   16.454  1.00 35.67 ? 91  GLU A C   1 
ATOM   660  O O   . GLU A 1 91  ? 4.712   6.956   16.721  1.00 36.10 ? 91  GLU A O   1 
ATOM   661  C CB  . GLU A 1 91  ? 3.515   4.500   17.123  1.00 36.68 ? 91  GLU A CB  1 
ATOM   662  C CG  . GLU A 1 91  ? 2.860   3.305   17.779  1.00 38.27 ? 91  GLU A CG  1 
ATOM   663  C CD  . GLU A 1 91  ? 3.829   2.152   17.925  1.00 39.41 ? 91  GLU A CD  1 
ATOM   664  O OE1 . GLU A 1 91  ? 3.393   1.033   18.271  1.00 40.61 ? 91  GLU A OE1 1 
ATOM   665  O OE2 . GLU A 1 91  ? 5.036   2.370   17.698  1.00 41.06 ? 91  GLU A OE2 1 
ATOM   666  N N   . ASN A 1 92  ? 2.895   7.734   15.644  1.00 35.55 ? 92  ASN A N   1 
ATOM   667  C CA  . ASN A 1 92  ? 3.599   8.851   15.028  1.00 35.51 ? 92  ASN A CA  1 
ATOM   668  C C   . ASN A 1 92  ? 4.899   8.402   14.356  1.00 35.37 ? 92  ASN A C   1 
ATOM   669  O O   . ASN A 1 92  ? 5.848   9.178   14.234  1.00 35.65 ? 92  ASN A O   1 
ATOM   670  C CB  . ASN A 1 92  ? 3.902   9.908   16.089  1.00 36.77 ? 92  ASN A CB  1 
ATOM   671  C CG  . ASN A 1 92  ? 4.514   11.158  15.506  1.00 37.59 ? 92  ASN A CG  1 
ATOM   672  O OD1 . ASN A 1 92  ? 3.878   11.863  14.719  1.00 38.73 ? 92  ASN A OD1 1 
ATOM   673  N ND2 . ASN A 1 92  ? 5.757   11.440  15.883  1.00 38.03 ? 92  ASN A ND2 1 
ATOM   674  N N   . TYR A 1 93  ? 4.930   7.148   13.910  1.00 34.11 ? 93  TYR A N   1 
ATOM   675  C CA  . TYR A 1 93  ? 6.110   6.586   13.260  1.00 32.67 ? 93  TYR A CA  1 
ATOM   676  C C   . TYR A 1 93  ? 5.730   5.732   12.054  1.00 31.03 ? 93  TYR A C   1 
ATOM   677  O O   . TYR A 1 93  ? 6.267   5.902   10.958  1.00 31.57 ? 93  TYR A O   1 
ATOM   678  C CB  . TYR A 1 93  ? 6.895   5.733   14.258  1.00 33.39 ? 93  TYR A CB  1 
ATOM   679  C CG  . TYR A 1 93  ? 8.142   5.095   13.683  1.00 34.35 ? 93  TYR A CG  1 
ATOM   680  C CD1 . TYR A 1 93  ? 9.194   5.876   13.210  1.00 34.70 ? 93  TYR A CD1 1 
ATOM   681  C CD2 . TYR A 1 93  ? 8.275   3.708   13.628  1.00 34.59 ? 93  TYR A CD2 1 
ATOM   682  C CE1 . TYR A 1 93  ? 10.350  5.294   12.695  1.00 34.88 ? 93  TYR A CE1 1 
ATOM   683  C CE2 . TYR A 1 93  ? 9.427   3.113   13.116  1.00 34.63 ? 93  TYR A CE2 1 
ATOM   684  C CZ  . TYR A 1 93  ? 10.460  3.913   12.653  1.00 35.04 ? 93  TYR A CZ  1 
ATOM   685  O OH  . TYR A 1 93  ? 11.603  3.334   12.152  1.00 35.41 ? 93  TYR A OH  1 
ATOM   686  N N   . TYR A 1 94  ? 4.809   4.800   12.266  1.00 29.14 ? 94  TYR A N   1 
ATOM   687  C CA  . TYR A 1 94  ? 4.354   3.920   11.195  1.00 26.47 ? 94  TYR A CA  1 
ATOM   688  C C   . TYR A 1 94  ? 3.267   4.588   10.372  1.00 24.88 ? 94  TYR A C   1 
ATOM   689  O O   . TYR A 1 94  ? 2.465   5.361   10.900  1.00 24.93 ? 94  TYR A O   1 
ATOM   690  C CB  . TYR A 1 94  ? 3.804   2.618   11.776  1.00 26.20 ? 94  TYR A CB  1 
ATOM   691  C CG  . TYR A 1 94  ? 4.840   1.756   12.450  1.00 25.79 ? 94  TYR A CG  1 
ATOM   692  C CD1 . TYR A 1 94  ? 5.858   1.157   11.713  1.00 25.82 ? 94  TYR A CD1 1 
ATOM   693  C CD2 . TYR A 1 94  ? 4.803   1.535   13.826  1.00 26.70 ? 94  TYR A CD2 1 
ATOM   694  C CE1 . TYR A 1 94  ? 6.815   0.354   12.327  1.00 26.51 ? 94  TYR A CE1 1 
ATOM   695  C CE2 . TYR A 1 94  ? 5.755   0.736   14.453  1.00 26.25 ? 94  TYR A CE2 1 
ATOM   696  C CZ  . TYR A 1 94  ? 6.757   0.149   13.697  1.00 26.65 ? 94  TYR A CZ  1 
ATOM   697  O OH  . TYR A 1 94  ? 7.701   -0.641  14.307  1.00 27.70 ? 94  TYR A OH  1 
ATOM   698  N N   . VAL A 1 95  ? 3.243   4.288   9.079   1.00 22.45 ? 95  VAL A N   1 
ATOM   699  C CA  . VAL A 1 95  ? 2.228   4.842   8.197   1.00 20.76 ? 95  VAL A CA  1 
ATOM   700  C C   . VAL A 1 95  ? 1.304   3.700   7.794   1.00 20.03 ? 95  VAL A C   1 
ATOM   701  O O   . VAL A 1 95  ? 1.760   2.582   7.556   1.00 19.21 ? 95  VAL A O   1 
ATOM   702  C CB  . VAL A 1 95  ? 2.851   5.460   6.930   1.00 21.05 ? 95  VAL A CB  1 
ATOM   703  C CG1 . VAL A 1 95  ? 1.757   6.012   6.034   1.00 20.82 ? 95  VAL A CG1 1 
ATOM   704  C CG2 . VAL A 1 95  ? 3.820   6.568   7.317   1.00 21.41 ? 95  VAL A CG2 1 
ATOM   705  N N   . ILE A 1 96  ? 0.006   3.984   7.735   1.00 18.19 ? 96  ILE A N   1 
ATOM   706  C CA  . ILE A 1 96  ? -0.979  2.981   7.361   1.00 16.21 ? 96  ILE A CA  1 
ATOM   707  C C   . ILE A 1 96  ? -1.778  3.501   6.165   1.00 15.99 ? 96  ILE A C   1 
ATOM   708  O O   . ILE A 1 96  ? -2.083  4.692   6.081   1.00 15.27 ? 96  ILE A O   1 
ATOM   709  C CB  . ILE A 1 96  ? -1.904  2.648   8.566   1.00 16.24 ? 96  ILE A CB  1 
ATOM   710  C CG1 . ILE A 1 96  ? -2.665  3.900   9.023   1.00 17.26 ? 96  ILE A CG1 1 
ATOM   711  C CG2 . ILE A 1 96  ? -1.054  2.121   9.728   1.00 15.04 ? 96  ILE A CG2 1 
ATOM   712  C CD1 . ILE A 1 96  ? -3.529  3.690   10.275  1.00 16.71 ? 96  ILE A CD1 1 
ATOM   713  N N   . TYR A 1 97  ? -2.093  2.608   5.230   1.00 13.98 ? 97  TYR A N   1 
ATOM   714  C CA  . TYR A 1 97  ? -2.813  2.978   4.010   1.00 13.92 ? 97  TYR A CA  1 
ATOM   715  C C   . TYR A 1 97  ? -4.183  2.319   3.958   1.00 14.57 ? 97  TYR A C   1 
ATOM   716  O O   . TYR A 1 97  ? -4.280  1.089   3.947   1.00 14.39 ? 97  TYR A O   1 
ATOM   717  C CB  . TYR A 1 97  ? -1.993  2.548   2.787   1.00 13.71 ? 97  TYR A CB  1 
ATOM   718  C CG  . TYR A 1 97  ? -0.605  3.140   2.762   1.00 14.99 ? 97  TYR A CG  1 
ATOM   719  C CD1 . TYR A 1 97  ? -0.385  4.435   2.291   1.00 15.23 ? 97  TYR A CD1 1 
ATOM   720  C CD2 . TYR A 1 97  ? 0.479   2.432   3.275   1.00 16.10 ? 97  TYR A CD2 1 
ATOM   721  C CE1 . TYR A 1 97  ? 0.890   5.015   2.339   1.00 16.24 ? 97  TYR A CE1 1 
ATOM   722  C CE2 . TYR A 1 97  ? 1.749   2.996   3.331   1.00 17.23 ? 97  TYR A CE2 1 
ATOM   723  C CZ  . TYR A 1 97  ? 1.949   4.286   2.863   1.00 17.14 ? 97  TYR A CZ  1 
ATOM   724  O OH  . TYR A 1 97  ? 3.209   4.838   2.944   1.00 19.20 ? 97  TYR A OH  1 
ATOM   725  N N   . SER A 1 98  ? -5.236  3.135   3.905   1.00 14.35 ? 98  SER A N   1 
ATOM   726  C CA  . SER A 1 98  ? -6.596  2.618   3.878   1.00 14.61 ? 98  SER A CA  1 
ATOM   727  C C   . SER A 1 98  ? -7.397  3.012   2.639   1.00 14.61 ? 98  SER A C   1 
ATOM   728  O O   . SER A 1 98  ? -7.124  4.032   2.001   1.00 15.07 ? 98  SER A O   1 
ATOM   729  C CB  . SER A 1 98  ? -7.344  3.085   5.133   1.00 15.69 ? 98  SER A CB  1 
ATOM   730  O OG  . SER A 1 98  ? -7.300  4.502   5.251   1.00 16.34 ? 98  SER A OG  1 
ATOM   731  N N   . SER A 1 99  ? -8.385  2.189   2.299   1.00 13.59 ? 99  SER A N   1 
ATOM   732  C CA  . SER A 1 99  ? -9.257  2.457   1.163   1.00 14.22 ? 99  SER A CA  1 
ATOM   733  C C   . SER A 1 99  ? -10.056 3.721   1.458   1.00 14.91 ? 99  SER A C   1 
ATOM   734  O O   . SER A 1 99  ? -10.457 3.950   2.597   1.00 14.61 ? 99  SER A O   1 
ATOM   735  C CB  . SER A 1 99  ? -10.233 1.292   0.954   1.00 13.50 ? 99  SER A CB  1 
ATOM   736  O OG  . SER A 1 99  ? -11.259 1.634   0.033   1.00 13.25 ? 99  SER A OG  1 
ATOM   737  N N   . THR A 1 100 ? -10.290 4.537   0.438   1.00 16.33 ? 100 THR A N   1 
ATOM   738  C CA  . THR A 1 100 ? -11.064 5.761   0.624   1.00 17.51 ? 100 THR A CA  1 
ATOM   739  C C   . THR A 1 100 ? -12.517 5.507   0.239   1.00 17.78 ? 100 THR A C   1 
ATOM   740  O O   . THR A 1 100 ? -13.367 6.382   0.391   1.00 18.60 ? 100 THR A O   1 
ATOM   741  C CB  . THR A 1 100 ? -10.524 6.916   -0.250  1.00 17.40 ? 100 THR A CB  1 
ATOM   742  O OG1 . THR A 1 100 ? -10.594 6.547   -1.632  1.00 20.12 ? 100 THR A OG1 1 
ATOM   743  C CG2 . THR A 1 100 ? -9.086  7.233   0.112   1.00 19.05 ? 100 THR A CG2 1 
ATOM   744  N N   . LEU A 1 101 ? -12.804 4.300   -0.241  1.00 18.11 ? 101 LEU A N   1 
ATOM   745  C CA  . LEU A 1 101 ? -14.155 3.952   -0.672  1.00 18.14 ? 101 LEU A CA  1 
ATOM   746  C C   . LEU A 1 101 ? -14.896 2.969   0.210   1.00 18.24 ? 101 LEU A C   1 
ATOM   747  O O   . LEU A 1 101 ? -16.084 3.138   0.481   1.00 18.43 ? 101 LEU A O   1 
ATOM   748  C CB  . LEU A 1 101 ? -14.124 3.347   -2.076  1.00 20.00 ? 101 LEU A CB  1 
ATOM   749  C CG  . LEU A 1 101 ? -13.569 4.163   -3.235  1.00 20.42 ? 101 LEU A CG  1 
ATOM   750  C CD1 . LEU A 1 101 ? -13.614 3.314   -4.500  1.00 21.60 ? 101 LEU A CD1 1 
ATOM   751  C CD2 . LEU A 1 101 ? -14.390 5.431   -3.405  1.00 21.11 ? 101 LEU A CD2 1 
ATOM   752  N N   . TYR A 1 102 ? -14.189 1.931   0.640   1.00 18.42 ? 102 TYR A N   1 
ATOM   753  C CA  . TYR A 1 102 ? -14.793 0.866   1.423   1.00 17.73 ? 102 TYR A CA  1 
ATOM   754  C C   . TYR A 1 102 ? -14.363 0.780   2.887   1.00 18.50 ? 102 TYR A C   1 
ATOM   755  O O   . TYR A 1 102 ? -13.217 1.067   3.238   1.00 18.02 ? 102 TYR A O   1 
ATOM   756  C CB  . TYR A 1 102 ? -14.501 -0.462  0.720   1.00 16.89 ? 102 TYR A CB  1 
ATOM   757  C CG  . TYR A 1 102 ? -14.741 -0.409  -0.775  1.00 17.32 ? 102 TYR A CG  1 
ATOM   758  C CD1 . TYR A 1 102 ? -16.021 -0.191  -1.285  1.00 17.43 ? 102 TYR A CD1 1 
ATOM   759  C CD2 . TYR A 1 102 ? -13.684 -0.553  -1.681  1.00 16.08 ? 102 TYR A CD2 1 
ATOM   760  C CE1 . TYR A 1 102 ? -16.246 -0.114  -2.655  1.00 17.63 ? 102 TYR A CE1 1 
ATOM   761  C CE2 . TYR A 1 102 ? -13.898 -0.478  -3.059  1.00 16.61 ? 102 TYR A CE2 1 
ATOM   762  C CZ  . TYR A 1 102 ? -15.183 -0.257  -3.538  1.00 16.88 ? 102 TYR A CZ  1 
ATOM   763  O OH  . TYR A 1 102 ? -15.407 -0.176  -4.894  1.00 17.84 ? 102 TYR A OH  1 
ATOM   764  N N   . ARG A 1 103 ? -15.303 0.372   3.731   1.00 18.35 ? 103 ARG A N   1 
ATOM   765  C CA  . ARG A 1 103 ? -15.051 0.209   5.154   1.00 19.24 ? 103 ARG A CA  1 
ATOM   766  C C   . ARG A 1 103 ? -16.158 -0.664  5.730   1.00 18.83 ? 103 ARG A C   1 
ATOM   767  O O   . ARG A 1 103 ? -17.124 -0.993  5.035   1.00 18.74 ? 103 ARG A O   1 
ATOM   768  C CB  . ARG A 1 103 ? -15.009 1.570   5.858   1.00 21.33 ? 103 ARG A CB  1 
ATOM   769  C CG  . ARG A 1 103 ? -16.330 2.311   5.911   1.00 24.26 ? 103 ARG A CG  1 
ATOM   770  C CD  . ARG A 1 103 ? -16.159 3.734   6.453   1.00 27.40 ? 103 ARG A CD  1 
ATOM   771  N NE  . ARG A 1 103 ? -15.579 4.651   5.468   1.00 31.05 ? 103 ARG A NE  1 
ATOM   772  C CZ  . ARG A 1 103 ? -14.277 4.817   5.241   1.00 32.64 ? 103 ARG A CZ  1 
ATOM   773  N NH1 . ARG A 1 103 ? -13.374 4.128   5.931   1.00 33.44 ? 103 ARG A NH1 1 
ATOM   774  N NH2 . ARG A 1 103 ? -13.873 5.686   4.322   1.00 33.19 ? 103 ARG A NH2 1 
ATOM   775  N N   . GLN A 1 104 ? -16.006 -1.059  6.988   1.00 18.50 ? 104 GLN A N   1 
ATOM   776  C CA  . GLN A 1 104 ? -16.999 -1.899  7.646   1.00 18.70 ? 104 GLN A CA  1 
ATOM   777  C C   . GLN A 1 104 ? -18.329 -1.184  7.852   1.00 20.28 ? 104 GLN A C   1 
ATOM   778  O O   . GLN A 1 104 ? -18.371 -0.028  8.278   1.00 19.77 ? 104 GLN A O   1 
ATOM   779  C CB  . GLN A 1 104 ? -16.472 -2.371  9.005   1.00 17.96 ? 104 GLN A CB  1 
ATOM   780  C CG  . GLN A 1 104 ? -15.355 -3.400  8.941   1.00 16.29 ? 104 GLN A CG  1 
ATOM   781  C CD  . GLN A 1 104 ? -15.780 -4.675  8.232   1.00 16.12 ? 104 GLN A CD  1 
ATOM   782  O OE1 . GLN A 1 104 ? -15.498 -4.866  7.051   1.00 15.80 ? 104 GLN A OE1 1 
ATOM   783  N NE2 . GLN A 1 104 ? -16.483 -5.542  8.949   1.00 17.62 ? 104 GLN A NE2 1 
ATOM   784  N N   . GLN A 1 105 ? -19.414 -1.889  7.553   1.00 21.70 ? 105 GLN A N   1 
ATOM   785  C CA  . GLN A 1 105 ? -20.753 -1.347  7.724   1.00 23.78 ? 105 GLN A CA  1 
ATOM   786  C C   . GLN A 1 105 ? -21.021 -1.219  9.219   1.00 23.60 ? 105 GLN A C   1 
ATOM   787  O O   . GLN A 1 105 ? -20.629 -2.087  10.004  1.00 24.16 ? 105 GLN A O   1 
ATOM   788  C CB  . GLN A 1 105 ? -21.786 -2.292  7.103   1.00 26.09 ? 105 GLN A CB  1 
ATOM   789  C CG  . GLN A 1 105 ? -21.507 -2.673  5.656   1.00 29.16 ? 105 GLN A CG  1 
ATOM   790  C CD  . GLN A 1 105 ? -22.483 -3.715  5.129   1.00 31.21 ? 105 GLN A CD  1 
ATOM   791  O OE1 . GLN A 1 105 ? -22.621 -4.809  5.696   1.00 31.58 ? 105 GLN A OE1 1 
ATOM   792  N NE2 . GLN A 1 105 ? -23.162 -3.382  4.035   1.00 32.04 ? 105 GLN A NE2 1 
ATOM   793  N N   . GLU A 1 106 ? -21.675 -0.128  9.602   1.00 23.22 ? 106 GLU A N   1 
ATOM   794  C CA  . GLU A 1 106 ? -22.034 0.150   10.990  1.00 22.99 ? 106 GLU A CA  1 
ATOM   795  C C   . GLU A 1 106 ? -20.893 0.574   11.918  1.00 21.95 ? 106 GLU A C   1 
ATOM   796  O O   . GLU A 1 106 ? -21.014 1.575   12.621  1.00 20.70 ? 106 GLU A O   1 
ATOM   797  C CB  . GLU A 1 106 ? -22.765 -1.051  11.595  1.00 24.88 ? 106 GLU A CB  1 
ATOM   798  C CG  . GLU A 1 106 ? -24.103 -1.362  10.935  1.00 27.61 ? 106 GLU A CG  1 
ATOM   799  C CD  . GLU A 1 106 ? -25.051 -0.171  10.931  1.00 29.55 ? 106 GLU A CD  1 
ATOM   800  O OE1 . GLU A 1 106 ? -25.175 0.496   11.979  1.00 30.36 ? 106 GLU A OE1 1 
ATOM   801  O OE2 . GLU A 1 106 ? -25.680 0.092   9.881   1.00 30.71 ? 106 GLU A OE2 1 
ATOM   802  N N   . SER A 1 107 ? -19.799 -0.182  11.948  1.00 19.93 ? 107 SER A N   1 
ATOM   803  C CA  . SER A 1 107 ? -18.683 0.175   12.823  1.00 19.03 ? 107 SER A CA  1 
ATOM   804  C C   . SER A 1 107 ? -17.881 1.328   12.237  1.00 18.61 ? 107 SER A C   1 
ATOM   805  O O   . SER A 1 107 ? -17.381 2.183   12.966  1.00 18.20 ? 107 SER A O   1 
ATOM   806  C CB  . SER A 1 107 ? -17.755 -1.024  13.035  1.00 19.48 ? 107 SER A CB  1 
ATOM   807  O OG  . SER A 1 107 ? -17.000 -1.282  11.865  1.00 18.87 ? 107 SER A OG  1 
ATOM   808  N N   . GLY A 1 108 ? -17.762 1.349   10.914  1.00 17.54 ? 108 GLY A N   1 
ATOM   809  C CA  . GLY A 1 108 ? -17.002 2.403   10.267  1.00 16.52 ? 108 GLY A CA  1 
ATOM   810  C C   . GLY A 1 108 ? -15.514 2.103   10.240  1.00 15.81 ? 108 GLY A C   1 
ATOM   811  O O   . GLY A 1 108 ? -14.715 2.947   9.830   1.00 16.03 ? 108 GLY A O   1 
ATOM   812  N N   . ARG A 1 109 ? -15.139 0.902   10.674  1.00 14.96 ? 109 ARG A N   1 
ATOM   813  C CA  . ARG A 1 109 ? -13.736 0.490   10.696  1.00 14.65 ? 109 ARG A CA  1 
ATOM   814  C C   . ARG A 1 109 ? -13.166 0.453   9.277   1.00 14.12 ? 109 ARG A C   1 
ATOM   815  O O   . ARG A 1 109 ? -13.761 -0.132  8.370   1.00 14.43 ? 109 ARG A O   1 
ATOM   816  C CB  . ARG A 1 109 ? -13.596 -0.889  11.357  1.00 14.95 ? 109 ARG A CB  1 
ATOM   817  C CG  . ARG A 1 109 ? -12.166 -1.420  11.384  1.00 14.88 ? 109 ARG A CG  1 
ATOM   818  C CD  . ARG A 1 109 ? -12.040 -2.643  12.296  1.00 15.10 ? 109 ARG A CD  1 
ATOM   819  N NE  . ARG A 1 109 ? -12.871 -3.760  11.859  1.00 15.86 ? 109 ARG A NE  1 
ATOM   820  C CZ  . ARG A 1 109 ? -12.530 -4.641  10.920  1.00 16.16 ? 109 ARG A CZ  1 
ATOM   821  N NH1 . ARG A 1 109 ? -11.361 -4.552  10.300  1.00 16.00 ? 109 ARG A NH1 1 
ATOM   822  N NH2 . ARG A 1 109 ? -13.365 -5.620  10.605  1.00 16.58 ? 109 ARG A NH2 1 
ATOM   823  N N   . ALA A 1 110 ? -12.001 1.067   9.095   1.00 13.03 ? 110 ALA A N   1 
ATOM   824  C CA  . ALA A 1 110 ? -11.363 1.136   7.786   1.00 13.43 ? 110 ALA A CA  1 
ATOM   825  C C   . ALA A 1 110 ? -10.768 -0.188  7.315   1.00 12.98 ? 110 ALA A C   1 
ATOM   826  O O   . ALA A 1 110 ? -10.608 -1.124  8.098   1.00 12.72 ? 110 ALA A O   1 
ATOM   827  C CB  . ALA A 1 110 ? -10.280 2.212   7.796   1.00 13.61 ? 110 ALA A CB  1 
ATOM   828  N N   . TRP A 1 111 ? -10.470 -0.251  6.023   1.00 11.86 ? 111 TRP A N   1 
ATOM   829  C CA  . TRP A 1 111 ? -9.850  -1.430  5.409   1.00 12.09 ? 111 TRP A CA  1 
ATOM   830  C C   . TRP A 1 111 ? -8.431  -0.995  5.026   1.00 12.09 ? 111 TRP A C   1 
ATOM   831  O O   . TRP A 1 111 ? -8.243  0.079   4.453   1.00 12.46 ? 111 TRP A O   1 
ATOM   832  C CB  . TRP A 1 111 ? -10.624 -1.861  4.166   1.00 12.12 ? 111 TRP A CB  1 
ATOM   833  C CG  . TRP A 1 111 ? -11.977 -2.482  4.438   1.00 12.92 ? 111 TRP A CG  1 
ATOM   834  C CD1 . TRP A 1 111 ? -12.572 -2.686  5.654   1.00 13.39 ? 111 TRP A CD1 1 
ATOM   835  C CD2 . TRP A 1 111 ? -12.871 -3.020  3.460   1.00 13.12 ? 111 TRP A CD2 1 
ATOM   836  N NE1 . TRP A 1 111 ? -13.784 -3.325  5.488   1.00 13.06 ? 111 TRP A NE1 1 
ATOM   837  C CE2 . TRP A 1 111 ? -13.988 -3.540  4.150   1.00 13.26 ? 111 TRP A CE2 1 
ATOM   838  C CE3 . TRP A 1 111 ? -12.835 -3.114  2.062   1.00 13.75 ? 111 TRP A CE3 1 
ATOM   839  C CZ2 . TRP A 1 111 ? -15.062 -4.151  3.488   1.00 13.48 ? 111 TRP A CZ2 1 
ATOM   840  C CZ3 . TRP A 1 111 ? -13.901 -3.720  1.403   1.00 13.64 ? 111 TRP A CZ3 1 
ATOM   841  C CH2 . TRP A 1 111 ? -15.001 -4.231  2.120   1.00 14.00 ? 111 TRP A CH2 1 
ATOM   842  N N   . PHE A 1 112 ? -7.438  -1.830  5.322   1.00 11.90 ? 112 PHE A N   1 
ATOM   843  C CA  . PHE A 1 112 ? -6.048  -1.462  5.055   1.00 12.25 ? 112 PHE A CA  1 
ATOM   844  C C   . PHE A 1 112 ? -5.219  -2.401  4.209   1.00 12.79 ? 112 PHE A C   1 
ATOM   845  O O   . PHE A 1 112 ? -5.526  -3.586  4.064   1.00 12.60 ? 112 PHE A O   1 
ATOM   846  C CB  . PHE A 1 112 ? -5.276  -1.312  6.365   1.00 12.62 ? 112 PHE A CB  1 
ATOM   847  C CG  . PHE A 1 112 ? -5.832  -0.291  7.298   1.00 13.43 ? 112 PHE A CG  1 
ATOM   848  C CD1 . PHE A 1 112 ? -6.840  -0.623  8.200   1.00 14.47 ? 112 PHE A CD1 1 
ATOM   849  C CD2 . PHE A 1 112 ? -5.319  1.000   7.304   1.00 15.27 ? 112 PHE A CD2 1 
ATOM   850  C CE1 . PHE A 1 112 ? -7.324  0.322   9.103   1.00 14.90 ? 112 PHE A CE1 1 
ATOM   851  C CE2 . PHE A 1 112 ? -5.796  1.948   8.200   1.00 13.70 ? 112 PHE A CE2 1 
ATOM   852  C CZ  . PHE A 1 112 ? -6.798  1.608   9.101   1.00 14.48 ? 112 PHE A CZ  1 
ATOM   853  N N   . LEU A 1 113 ? -4.141  -1.837  3.672   1.00 13.41 ? 113 LEU A N   1 
ATOM   854  C CA  . LEU A 1 113 ? -3.155  -2.587  2.914   1.00 13.06 ? 113 LEU A CA  1 
ATOM   855  C C   . LEU A 1 113 ? -2.354  -3.266  4.032   1.00 12.94 ? 113 LEU A C   1 
ATOM   856  O O   . LEU A 1 113 ? -1.996  -2.617  5.019   1.00 12.37 ? 113 LEU A O   1 
ATOM   857  C CB  . LEU A 1 113 ? -2.242  -1.622  2.153   1.00 14.46 ? 113 LEU A CB  1 
ATOM   858  C CG  . LEU A 1 113 ? -0.937  -2.184  1.581   1.00 14.82 ? 113 LEU A CG  1 
ATOM   859  C CD1 . LEU A 1 113 ? -1.250  -3.116  0.434   1.00 13.95 ? 113 LEU A CD1 1 
ATOM   860  C CD2 . LEU A 1 113 ? -0.053  -1.030  1.089   1.00 15.38 ? 113 LEU A CD2 1 
ATOM   861  N N   . GLY A 1 114 ? -2.071  -4.558  3.901   1.00 13.62 ? 114 GLY A N   1 
ATOM   862  C CA  . GLY A 1 114 ? -1.314  -5.213  4.953   1.00 13.68 ? 114 GLY A CA  1 
ATOM   863  C C   . GLY A 1 114 ? -0.661  -6.524  4.563   1.00 13.73 ? 114 GLY A C   1 
ATOM   864  O O   . GLY A 1 114 ? -1.109  -7.194  3.631   1.00 13.98 ? 114 GLY A O   1 
ATOM   865  N N   . LEU A 1 115 ? 0.406   -6.873  5.279   1.00 14.54 ? 115 LEU A N   1 
ATOM   866  C CA  . LEU A 1 115 ? 1.156   -8.115  5.046   1.00 15.48 ? 115 LEU A CA  1 
ATOM   867  C C   . LEU A 1 115 ? 1.154   -8.972  6.308   1.00 16.62 ? 115 LEU A C   1 
ATOM   868  O O   . LEU A 1 115 ? 1.194   -8.440  7.417   1.00 16.81 ? 115 LEU A O   1 
ATOM   869  C CB  . LEU A 1 115 ? 2.612   -7.797  4.671   1.00 15.59 ? 115 LEU A CB  1 
ATOM   870  C CG  . LEU A 1 115 ? 2.910   -7.173  3.306   1.00 16.46 ? 115 LEU A CG  1 
ATOM   871  C CD1 . LEU A 1 115 ? 4.402   -6.875  3.186   1.00 16.86 ? 115 LEU A CD1 1 
ATOM   872  C CD2 . LEU A 1 115 ? 2.480   -8.132  2.202   1.00 14.11 ? 115 LEU A CD2 1 
ATOM   873  N N   . ASN A 1 116 ? 1.099   -10.294 6.151   1.00 18.28 ? 116 ASN A N   1 
ATOM   874  C CA  . ASN A 1 116 ? 1.130   -11.165 7.323   1.00 19.52 ? 116 ASN A CA  1 
ATOM   875  C C   . ASN A 1 116 ? 2.576   -11.495 7.678   1.00 21.28 ? 116 ASN A C   1 
ATOM   876  O O   . ASN A 1 116 ? 3.506   -11.023 7.018   1.00 21.07 ? 116 ASN A O   1 
ATOM   877  C CB  . ASN A 1 116 ? 0.341   -12.465 7.079   1.00 19.13 ? 116 ASN A CB  1 
ATOM   878  C CG  . ASN A 1 116 ? 0.785   -13.206 5.837   1.00 19.38 ? 116 ASN A CG  1 
ATOM   879  O OD1 . ASN A 1 116 ? 1.956   -13.170 5.456   1.00 19.30 ? 116 ASN A OD1 1 
ATOM   880  N ND2 . ASN A 1 116 ? -0.153  -13.909 5.204   1.00 19.21 ? 116 ASN A ND2 1 
ATOM   881  N N   . LYS A 1 117 ? 2.757   -12.302 8.721   1.00 23.39 ? 117 LYS A N   1 
ATOM   882  C CA  . LYS A 1 117 ? 4.083   -12.712 9.183   1.00 25.61 ? 117 LYS A CA  1 
ATOM   883  C C   . LYS A 1 117 ? 4.906   -13.361 8.076   1.00 25.20 ? 117 LYS A C   1 
ATOM   884  O O   . LYS A 1 117 ? 6.135   -13.269 8.071   1.00 26.44 ? 117 LYS A O   1 
ATOM   885  C CB  . LYS A 1 117 ? 3.952   -13.708 10.338  1.00 27.47 ? 117 LYS A CB  1 
ATOM   886  C CG  . LYS A 1 117 ? 3.261   -13.171 11.579  1.00 30.63 ? 117 LYS A CG  1 
ATOM   887  C CD  . LYS A 1 117 ? 4.158   -12.215 12.339  1.00 32.57 ? 117 LYS A CD  1 
ATOM   888  C CE  . LYS A 1 117 ? 3.551   -11.866 13.685  1.00 33.60 ? 117 LYS A CE  1 
ATOM   889  N NZ  . LYS A 1 117 ? 4.502   -11.087 14.516  1.00 34.07 ? 117 LYS A NZ  1 
ATOM   890  N N   . GLU A 1 118 ? 4.222   -14.031 7.151   1.00 25.01 ? 118 GLU A N   1 
ATOM   891  C CA  . GLU A 1 118 ? 4.870   -14.722 6.042   1.00 24.35 ? 118 GLU A CA  1 
ATOM   892  C C   . GLU A 1 118 ? 5.181   -13.795 4.873   1.00 24.61 ? 118 GLU A C   1 
ATOM   893  O O   . GLU A 1 118 ? 5.677   -14.239 3.842   1.00 24.78 ? 118 GLU A O   1 
ATOM   894  C CB  . GLU A 1 118 ? 3.989   -15.873 5.564   1.00 24.07 ? 118 GLU A CB  1 
ATOM   895  N N   . GLY A 1 119 ? 4.874   -12.514 5.031   1.00 24.48 ? 119 GLY A N   1 
ATOM   896  C CA  . GLY A 1 119 ? 5.138   -11.563 3.967   1.00 24.31 ? 119 GLY A CA  1 
ATOM   897  C C   . GLY A 1 119 ? 4.169   -11.666 2.806   1.00 23.77 ? 119 GLY A C   1 
ATOM   898  O O   . GLY A 1 119 ? 4.522   -11.363 1.666   1.00 24.55 ? 119 GLY A O   1 
ATOM   899  N N   . GLN A 1 120 ? 2.944   -12.099 3.087   1.00 22.78 ? 120 GLN A N   1 
ATOM   900  C CA  . GLN A 1 120 ? 1.930   -12.222 2.049   1.00 21.70 ? 120 GLN A CA  1 
ATOM   901  C C   . GLN A 1 120 ? 0.774   -11.272 2.349   1.00 19.80 ? 120 GLN A C   1 
ATOM   902  O O   . GLN A 1 120 ? 0.505   -10.963 3.508   1.00 18.83 ? 120 GLN A O   1 
ATOM   903  C CB  . GLN A 1 120 ? 1.436   -13.668 1.953   1.00 24.58 ? 120 GLN A CB  1 
ATOM   904  C CG  . GLN A 1 120 ? 2.539   -14.676 1.614   1.00 28.23 ? 120 GLN A CG  1 
ATOM   905  C CD  . GLN A 1 120 ? 3.210   -14.407 0.273   1.00 30.95 ? 120 GLN A CD  1 
ATOM   906  O OE1 . GLN A 1 120 ? 4.250   -14.992 -0.043  1.00 32.29 ? 120 GLN A OE1 1 
ATOM   907  N NE2 . GLN A 1 120 ? 2.614   -13.528 -0.526  1.00 32.14 ? 120 GLN A NE2 1 
ATOM   908  N N   . ILE A 1 121 ? 0.101   -10.807 1.302   1.00 18.16 ? 121 ILE A N   1 
ATOM   909  C CA  . ILE A 1 121 ? -1.007  -9.865  1.449   1.00 17.91 ? 121 ILE A CA  1 
ATOM   910  C C   . ILE A 1 121 ? -2.229  -10.478 2.121   1.00 17.25 ? 121 ILE A C   1 
ATOM   911  O O   . ILE A 1 121 ? -2.535  -11.655 1.937   1.00 17.34 ? 121 ILE A O   1 
ATOM   912  C CB  . ILE A 1 121 ? -1.425  -9.279  0.066   1.00 18.43 ? 121 ILE A CB  1 
ATOM   913  C CG1 . ILE A 1 121 ? -0.317  -8.373  -0.485  1.00 18.55 ? 121 ILE A CG1 1 
ATOM   914  C CG2 . ILE A 1 121 ? -2.729  -8.495  0.194   1.00 18.94 ? 121 ILE A CG2 1 
ATOM   915  C CD1 . ILE A 1 121 ? -0.122  -7.081  0.297   1.00 18.56 ? 121 ILE A CD1 1 
ATOM   916  N N   . MET A 1 122 ? -2.924  -9.662  2.908   1.00 15.95 ? 122 MET A N   1 
ATOM   917  C CA  . MET A 1 122 ? -4.129  -10.098 3.605   1.00 14.85 ? 122 MET A CA  1 
ATOM   918  C C   . MET A 1 122 ? -5.327  -9.364  3.018   1.00 14.13 ? 122 MET A C   1 
ATOM   919  O O   . MET A 1 122 ? -5.164  -8.362  2.321   1.00 14.12 ? 122 MET A O   1 
ATOM   920  C CB  . MET A 1 122 ? -4.027  -9.770  5.097   1.00 14.82 ? 122 MET A CB  1 
ATOM   921  C CG  . MET A 1 122 ? -2.950  -10.531 5.850   1.00 15.25 ? 122 MET A CG  1 
ATOM   922  S SD  . MET A 1 122 ? -2.618  -9.801  7.474   1.00 17.16 ? 122 MET A SD  1 
ATOM   923  C CE  . MET A 1 122 ? -4.155  -10.098 8.316   1.00 15.70 ? 122 MET A CE  1 
ATOM   924  N N   . LYS A 1 123 ? -6.528  -9.864  3.298   1.00 13.61 ? 123 LYS A N   1 
ATOM   925  C CA  . LYS A 1 123 ? -7.747  -9.226  2.811   1.00 13.92 ? 123 LYS A CA  1 
ATOM   926  C C   . LYS A 1 123 ? -7.854  -7.917  3.602   1.00 13.35 ? 123 LYS A C   1 
ATOM   927  O O   . LYS A 1 123 ? -7.571  -7.895  4.796   1.00 12.44 ? 123 LYS A O   1 
ATOM   928  C CB  . LYS A 1 123 ? -8.949  -10.138 3.078   1.00 15.29 ? 123 LYS A CB  1 
ATOM   929  C CG  . LYS A 1 123 ? -10.188 -9.832  2.254   1.00 16.84 ? 123 LYS A CG  1 
ATOM   930  C CD  . LYS A 1 123 ? -11.219 -10.950 2.413   1.00 17.57 ? 123 LYS A CD  1 
ATOM   931  C CE  . LYS A 1 123 ? -12.470 -10.687 1.600   1.00 18.35 ? 123 LYS A CE  1 
ATOM   932  N NZ  . LYS A 1 123 ? -13.425 -11.822 1.709   1.00 20.77 ? 123 LYS A NZ  1 
ATOM   933  N N   . GLY A 1 124 ? -8.253  -6.838  2.930   1.00 13.35 ? 124 GLY A N   1 
ATOM   934  C CA  . GLY A 1 124 ? -8.340  -5.526  3.562   1.00 13.49 ? 124 GLY A CA  1 
ATOM   935  C C   . GLY A 1 124 ? -9.081  -5.369  4.878   1.00 13.95 ? 124 GLY A C   1 
ATOM   936  O O   . GLY A 1 124 ? -8.665  -4.583  5.741   1.00 13.66 ? 124 GLY A O   1 
ATOM   937  N N   . ASN A 1 125 ? -10.188 -6.091  5.035   1.00 13.34 ? 125 ASN A N   1 
ATOM   938  C CA  . ASN A 1 125 ? -10.975 -6.016  6.260   1.00 14.58 ? 125 ASN A CA  1 
ATOM   939  C C   . ASN A 1 125 ? -10.359 -6.815  7.417   1.00 14.55 ? 125 ASN A C   1 
ATOM   940  O O   . ASN A 1 125 ? -10.793 -6.706  8.567   1.00 14.87 ? 125 ASN A O   1 
ATOM   941  C CB  . ASN A 1 125 ? -12.388 -6.522  5.994   1.00 14.74 ? 125 ASN A CB  1 
ATOM   942  C CG  . ASN A 1 125 ? -12.407 -7.978  5.609   1.00 15.95 ? 125 ASN A CG  1 
ATOM   943  O OD1 . ASN A 1 125 ? -11.963 -8.347  4.522   1.00 16.95 ? 125 ASN A OD1 1 
ATOM   944  N ND2 . ASN A 1 125 ? -12.900 -8.821  6.508   1.00 17.16 ? 125 ASN A ND2 1 
ATOM   945  N N   . ARG A 1 126 ? -9.352  -7.624  7.114   1.00 14.46 ? 126 ARG A N   1 
ATOM   946  C CA  . ARG A 1 126 ? -8.695  -8.425  8.141   1.00 15.14 ? 126 ARG A CA  1 
ATOM   947  C C   . ARG A 1 126 ? -7.462  -7.731  8.707   1.00 15.28 ? 126 ARG A C   1 
ATOM   948  O O   . ARG A 1 126 ? -6.887  -8.180  9.704   1.00 16.20 ? 126 ARG A O   1 
ATOM   949  C CB  . ARG A 1 126 ? -8.325  -9.797  7.574   1.00 14.74 ? 126 ARG A CB  1 
ATOM   950  C CG  . ARG A 1 126 ? -9.549  -10.590 7.154   1.00 14.15 ? 126 ARG A CG  1 
ATOM   951  C CD  . ARG A 1 126 ? -9.213  -11.920 6.516   1.00 14.65 ? 126 ARG A CD  1 
ATOM   952  N NE  . ARG A 1 126 ? -10.438 -12.607 6.123   1.00 14.30 ? 126 ARG A NE  1 
ATOM   953  C CZ  . ARG A 1 126 ? -10.510 -13.521 5.162   1.00 14.81 ? 126 ARG A CZ  1 
ATOM   954  N NH1 . ARG A 1 126 ? -9.418  -13.867 4.488   1.00 13.94 ? 126 ARG A NH1 1 
ATOM   955  N NH2 . ARG A 1 126 ? -11.677 -14.078 4.867   1.00 13.75 ? 126 ARG A NH2 1 
ATOM   956  N N   . VAL A 1 127 ? -7.068  -6.630  8.071   1.00 14.39 ? 127 VAL A N   1 
ATOM   957  C CA  . VAL A 1 127 ? -5.908  -5.856  8.498   1.00 14.99 ? 127 VAL A CA  1 
ATOM   958  C C   . VAL A 1 127 ? -6.380  -4.753  9.445   1.00 15.29 ? 127 VAL A C   1 
ATOM   959  O O   . VAL A 1 127 ? -7.211  -3.931  9.076   1.00 15.99 ? 127 VAL A O   1 
ATOM   960  C CB  . VAL A 1 127 ? -5.195  -5.222  7.282   1.00 13.82 ? 127 VAL A CB  1 
ATOM   961  C CG1 . VAL A 1 127 ? -4.031  -4.360  7.745   1.00 13.58 ? 127 VAL A CG1 1 
ATOM   962  C CG2 . VAL A 1 127 ? -4.701  -6.321  6.346   1.00 14.87 ? 127 VAL A CG2 1 
ATOM   963  N N   . LYS A 1 128 ? -5.845  -4.741  10.661  1.00 16.60 ? 128 LYS A N   1 
ATOM   964  C CA  . LYS A 1 128 ? -6.248  -3.754  11.663  1.00 18.28 ? 128 LYS A CA  1 
ATOM   965  C C   . LYS A 1 128 ? -5.177  -2.701  11.947  1.00 17.84 ? 128 LYS A C   1 
ATOM   966  O O   . LYS A 1 128 ? -3.991  -2.993  11.931  1.00 16.03 ? 128 LYS A O   1 
ATOM   967  C CB  . LYS A 1 128 ? -6.628  -4.478  12.961  1.00 20.49 ? 128 LYS A CB  1 
ATOM   968  C CG  . LYS A 1 128 ? -7.870  -5.363  12.817  1.00 24.12 ? 128 LYS A CG  1 
ATOM   969  C CD  . LYS A 1 128 ? -8.017  -6.345  13.970  1.00 26.55 ? 128 LYS A CD  1 
ATOM   970  C CE  . LYS A 1 128 ? -9.368  -7.047  13.928  1.00 28.61 ? 128 LYS A CE  1 
ATOM   971  N NZ  . LYS A 1 128 ? -9.654  -7.628  12.588  1.00 29.83 ? 128 LYS A NZ  1 
ATOM   972  N N   . LYS A 1 129 ? -5.614  -1.473  12.210  1.00 18.57 ? 129 LYS A N   1 
ATOM   973  C CA  . LYS A 1 129 ? -4.702  -0.368  12.496  1.00 20.58 ? 129 LYS A CA  1 
ATOM   974  C C   . LYS A 1 129 ? -3.797  -0.641  13.692  1.00 20.77 ? 129 LYS A C   1 
ATOM   975  O O   . LYS A 1 129 ? -2.653  -0.199  13.724  1.00 20.87 ? 129 LYS A O   1 
ATOM   976  C CB  . LYS A 1 129 ? -5.498  0.914   12.764  1.00 21.94 ? 129 LYS A CB  1 
ATOM   977  C CG  . LYS A 1 129 ? -4.649  2.057   13.299  1.00 24.90 ? 129 LYS A CG  1 
ATOM   978  C CD  . LYS A 1 129 ? -5.508  3.174   13.861  1.00 26.05 ? 129 LYS A CD  1 
ATOM   979  C CE  . LYS A 1 129 ? -6.221  3.930   12.767  1.00 28.18 ? 129 LYS A CE  1 
ATOM   980  N NZ  . LYS A 1 129 ? -7.107  4.985   13.331  1.00 29.50 ? 129 LYS A NZ  1 
ATOM   981  N N   . THR A 1 130 ? -4.318  -1.368  14.674  1.00 21.57 ? 130 THR A N   1 
ATOM   982  C CA  . THR A 1 130 ? -3.561  -1.682  15.878  1.00 22.40 ? 130 THR A CA  1 
ATOM   983  C C   . THR A 1 130 ? -2.661  -2.907  15.732  1.00 22.12 ? 130 THR A C   1 
ATOM   984  O O   . THR A 1 130 ? -1.889  -3.224  16.638  1.00 23.35 ? 130 THR A O   1 
ATOM   985  C CB  . THR A 1 130 ? -4.510  -1.897  17.069  1.00 22.98 ? 130 THR A CB  1 
ATOM   986  O OG1 . THR A 1 130 ? -5.467  -2.914  16.738  1.00 23.61 ? 130 THR A OG1 1 
ATOM   987  C CG2 . THR A 1 130 ? -5.242  -0.606  17.394  1.00 23.96 ? 130 THR A CG2 1 
ATOM   988  N N   . LYS A 1 131 ? -2.755  -3.588  14.594  1.00 20.76 ? 131 LYS A N   1 
ATOM   989  C CA  . LYS A 1 131 ? -1.941  -4.774  14.338  1.00 20.31 ? 131 LYS A CA  1 
ATOM   990  C C   . LYS A 1 131 ? -0.710  -4.424  13.505  1.00 19.62 ? 131 LYS A C   1 
ATOM   991  O O   . LYS A 1 131 ? -0.743  -3.495  12.697  1.00 20.24 ? 131 LYS A O   1 
ATOM   992  C CB  . LYS A 1 131 ? -2.766  -5.833  13.602  1.00 19.46 ? 131 LYS A CB  1 
ATOM   993  C CG  . LYS A 1 131 ? -3.883  -6.453  14.427  1.00 20.34 ? 131 LYS A CG  1 
ATOM   994  C CD  . LYS A 1 131 ? -3.328  -7.265  15.581  1.00 20.80 ? 131 LYS A CD  1 
ATOM   995  C CE  . LYS A 1 131 ? -4.430  -8.027  16.304  1.00 21.77 ? 131 LYS A CE  1 
ATOM   996  N NZ  . LYS A 1 131 ? -3.877  -8.804  17.439  1.00 22.38 ? 131 LYS A NZ  1 
ATOM   997  N N   . PRO A 1 132 ? 0.393   -5.170  13.687  1.00 18.91 ? 132 PRO A N   1 
ATOM   998  C CA  . PRO A 1 132 ? 1.619   -4.897  12.928  1.00 17.90 ? 132 PRO A CA  1 
ATOM   999  C C   . PRO A 1 132 ? 1.446   -5.068  11.422  1.00 17.38 ? 132 PRO A C   1 
ATOM   1000 O O   . PRO A 1 132 ? 2.176   -4.465  10.640  1.00 17.14 ? 132 PRO A O   1 
ATOM   1001 C CB  . PRO A 1 132 ? 2.618   -5.901  13.506  1.00 18.83 ? 132 PRO A CB  1 
ATOM   1002 C CG  . PRO A 1 132 ? 2.133   -6.085  14.922  1.00 19.55 ? 132 PRO A CG  1 
ATOM   1003 C CD  . PRO A 1 132 ? 0.636   -6.181  14.730  1.00 19.08 ? 132 PRO A CD  1 
ATOM   1004 N N   . SER A 1 133 ? 0.480   -5.887  11.017  1.00 16.00 ? 133 SER A N   1 
ATOM   1005 C CA  . SER A 1 133 ? 0.249   -6.130  9.596   1.00 15.45 ? 133 SER A CA  1 
ATOM   1006 C C   . SER A 1 133 ? -0.019  -4.853  8.791   1.00 14.62 ? 133 SER A C   1 
ATOM   1007 O O   . SER A 1 133 ? 0.311   -4.785  7.610   1.00 14.32 ? 133 SER A O   1 
ATOM   1008 C CB  . SER A 1 133 ? -0.916  -7.112  9.406   1.00 16.42 ? 133 SER A CB  1 
ATOM   1009 O OG  . SER A 1 133 ? -2.144  -6.568  9.859   1.00 18.46 ? 133 SER A OG  1 
ATOM   1010 N N   . SER A 1 134 ? -0.593  -3.840  9.434   1.00 14.52 ? 134 SER A N   1 
ATOM   1011 C CA  . SER A 1 134 ? -0.914  -2.584  8.743   1.00 14.06 ? 134 SER A CA  1 
ATOM   1012 C C   . SER A 1 134 ? 0.204   -1.545  8.778   1.00 14.57 ? 134 SER A C   1 
ATOM   1013 O O   . SER A 1 134 ? 0.169   -0.561  8.034   1.00 12.92 ? 134 SER A O   1 
ATOM   1014 C CB  . SER A 1 134 ? -2.164  -1.950  9.360   1.00 15.27 ? 134 SER A CB  1 
ATOM   1015 O OG  . SER A 1 134 ? -1.891  -1.440  10.659  1.00 15.51 ? 134 SER A OG  1 
ATOM   1016 N N   . HIS A 1 135 ? 1.200   -1.776  9.628   1.00 13.80 ? 135 HIS A N   1 
ATOM   1017 C CA  . HIS A 1 135 ? 2.298   -0.829  9.820   1.00 14.44 ? 135 HIS A CA  1 
ATOM   1018 C C   . HIS A 1 135 ? 3.445   -0.842  8.815   1.00 15.00 ? 135 HIS A C   1 
ATOM   1019 O O   . HIS A 1 135 ? 4.128   -1.854  8.638   1.00 15.06 ? 135 HIS A O   1 
ATOM   1020 C CB  . HIS A 1 135 ? 2.861   -1.016  11.226  1.00 14.20 ? 135 HIS A CB  1 
ATOM   1021 C CG  . HIS A 1 135 ? 1.830   -0.893  12.302  1.00 15.51 ? 135 HIS A CG  1 
ATOM   1022 N ND1 . HIS A 1 135 ? 2.021   -1.378  13.577  1.00 15.46 ? 135 HIS A ND1 1 
ATOM   1023 C CD2 . HIS A 1 135 ? 0.587   -0.354  12.287  1.00 15.22 ? 135 HIS A CD2 1 
ATOM   1024 C CE1 . HIS A 1 135 ? 0.941   -1.147  14.301  1.00 15.61 ? 135 HIS A CE1 1 
ATOM   1025 N NE2 . HIS A 1 135 ? 0.055   -0.526  13.540  1.00 17.17 ? 135 HIS A NE2 1 
ATOM   1026 N N   . PHE A 1 136 ? 3.671   0.310   8.189   1.00 14.62 ? 136 PHE A N   1 
ATOM   1027 C CA  . PHE A 1 136 ? 4.738   0.462   7.209   1.00 14.96 ? 136 PHE A CA  1 
ATOM   1028 C C   . PHE A 1 136 ? 5.633   1.647   7.525   1.00 15.86 ? 136 PHE A C   1 
ATOM   1029 O O   . PHE A 1 136 ? 5.197   2.627   8.121   1.00 15.93 ? 136 PHE A O   1 
ATOM   1030 C CB  . PHE A 1 136 ? 4.168   0.685   5.810   1.00 13.92 ? 136 PHE A CB  1 
ATOM   1031 C CG  . PHE A 1 136 ? 3.547   -0.530  5.201   1.00 13.96 ? 136 PHE A CG  1 
ATOM   1032 C CD1 . PHE A 1 136 ? 2.181   -0.758  5.310   1.00 13.73 ? 136 PHE A CD1 1 
ATOM   1033 C CD2 . PHE A 1 136 ? 4.331   -1.437  4.496   1.00 12.54 ? 136 PHE A CD2 1 
ATOM   1034 C CE1 . PHE A 1 136 ? 1.596   -1.878  4.713   1.00 14.00 ? 136 PHE A CE1 1 
ATOM   1035 C CE2 . PHE A 1 136 ? 3.759   -2.558  3.898   1.00 13.31 ? 136 PHE A CE2 1 
ATOM   1036 C CZ  . PHE A 1 136 ? 2.387   -2.774  4.009   1.00 13.96 ? 136 PHE A CZ  1 
ATOM   1037 N N   . VAL A 1 137 ? 6.889   1.546   7.115   1.00 17.29 ? 137 VAL A N   1 
ATOM   1038 C CA  . VAL A 1 137 ? 7.845   2.626   7.300   1.00 19.31 ? 137 VAL A CA  1 
ATOM   1039 C C   . VAL A 1 137 ? 8.260   3.052   5.897   1.00 20.29 ? 137 VAL A C   1 
ATOM   1040 O O   . VAL A 1 137 ? 8.952   2.308   5.195   1.00 19.83 ? 137 VAL A O   1 
ATOM   1041 C CB  . VAL A 1 137 ? 9.089   2.163   8.081   1.00 19.99 ? 137 VAL A CB  1 
ATOM   1042 C CG1 . VAL A 1 137 ? 10.090  3.307   8.187   1.00 22.17 ? 137 VAL A CG1 1 
ATOM   1043 C CG2 . VAL A 1 137 ? 8.677   1.689   9.472   1.00 20.07 ? 137 VAL A CG2 1 
ATOM   1044 N N   . PRO A 1 138 ? 7.809   4.238   5.456   1.00 21.15 ? 138 PRO A N   1 
ATOM   1045 C CA  . PRO A 1 138 ? 8.143   4.750   4.122   1.00 22.42 ? 138 PRO A CA  1 
ATOM   1046 C C   . PRO A 1 138 ? 9.625   5.092   4.078   1.00 23.62 ? 138 PRO A C   1 
ATOM   1047 O O   . PRO A 1 138 ? 10.128  5.784   4.966   1.00 24.08 ? 138 PRO A O   1 
ATOM   1048 C CB  . PRO A 1 138 ? 7.277   6.007   3.996   1.00 22.93 ? 138 PRO A CB  1 
ATOM   1049 C CG  . PRO A 1 138 ? 6.181   5.803   5.018   1.00 21.69 ? 138 PRO A CG  1 
ATOM   1050 C CD  . PRO A 1 138 ? 6.915   5.172   6.159   1.00 21.56 ? 138 PRO A CD  1 
ATOM   1051 N N   . LYS A 1 139 ? 10.325  4.612   3.056   1.00 23.93 ? 139 LYS A N   1 
ATOM   1052 C CA  . LYS A 1 139 ? 11.751  4.889   2.935   1.00 25.06 ? 139 LYS A CA  1 
ATOM   1053 C C   . LYS A 1 139 ? 12.086  5.435   1.553   1.00 25.19 ? 139 LYS A C   1 
ATOM   1054 O O   . LYS A 1 139 ? 12.402  4.680   0.636   1.00 24.29 ? 139 LYS A O   1 
ATOM   1055 C CB  . LYS A 1 139 ? 12.554  3.617   3.212   1.00 26.02 ? 139 LYS A CB  1 
ATOM   1056 C CG  . LYS A 1 139 ? 12.283  3.016   4.589   1.00 27.69 ? 139 LYS A CG  1 
ATOM   1057 C CD  . LYS A 1 139 ? 13.084  1.743   4.817   1.00 29.84 ? 139 LYS A CD  1 
ATOM   1058 C CE  . LYS A 1 139 ? 14.571  2.035   4.968   1.00 31.09 ? 139 LYS A CE  1 
ATOM   1059 N NZ  . LYS A 1 139 ? 14.872  2.835   6.190   1.00 32.64 ? 139 LYS A NZ  1 
ATOM   1060 N N   . PRO A 1 140 ? 12.007  6.765   1.387   1.00 25.61 ? 140 PRO A N   1 
ATOM   1061 C CA  . PRO A 1 140 ? 12.303  7.419   0.109   1.00 26.36 ? 140 PRO A CA  1 
ATOM   1062 C C   . PRO A 1 140 ? 13.734  7.120   -0.325  1.00 27.66 ? 140 PRO A C   1 
ATOM   1063 O O   . PRO A 1 140 ? 14.640  7.098   0.507   1.00 27.48 ? 140 PRO A O   1 
ATOM   1064 C CB  . PRO A 1 140 ? 12.115  8.904   0.428   1.00 26.64 ? 140 PRO A CB  1 
ATOM   1065 C CG  . PRO A 1 140 ? 11.120  8.900   1.560   1.00 25.81 ? 140 PRO A CG  1 
ATOM   1066 C CD  . PRO A 1 140 ? 11.619  7.755   2.407   1.00 26.30 ? 140 PRO A CD  1 
ATOM   1067 N N   . ILE A 1 141 ? 13.946  6.879   -1.616  1.00 28.64 ? 141 ILE A N   1 
ATOM   1068 C CA  . ILE A 1 141 ? 15.300  6.616   -2.084  1.00 30.52 ? 141 ILE A CA  1 
ATOM   1069 C C   . ILE A 1 141 ? 16.009  7.960   -2.226  1.00 32.64 ? 141 ILE A C   1 
ATOM   1070 O O   . ILE A 1 141 ? 17.233  8.016   -2.304  1.00 32.85 ? 141 ILE A O   1 
ATOM   1071 C CB  . ILE A 1 141 ? 15.327  5.879   -3.446  1.00 30.28 ? 141 ILE A CB  1 
ATOM   1072 C CG1 . ILE A 1 141 ? 14.743  6.765   -4.543  1.00 29.45 ? 141 ILE A CG1 1 
ATOM   1073 C CG2 . ILE A 1 141 ? 14.557  4.568   -3.343  1.00 29.29 ? 141 ILE A CG2 1 
ATOM   1074 C CD1 . ILE A 1 141 ? 14.967  6.216   -5.947  1.00 30.05 ? 141 ILE A CD1 1 
ATOM   1075 N N   . GLU A 1 142 ? 15.212  9.030   -2.250  1.00 35.30 ? 142 GLU A N   1 
ATOM   1076 C CA  . GLU A 1 142 ? 15.688  10.414  -2.361  1.00 38.15 ? 142 GLU A CA  1 
ATOM   1077 C C   . GLU A 1 142 ? 15.811  10.931  -3.793  1.00 40.25 ? 142 GLU A C   1 
ATOM   1078 O O   . GLU A 1 142 ? 16.623  10.437  -4.577  1.00 40.90 ? 142 GLU A O   1 
ATOM   1079 C CB  . GLU A 1 142 ? 17.024  10.580  -1.631  1.00 38.52 ? 142 GLU A CB  1 
ATOM   1080 N N   . VAL A 1 143 ? 14.995  11.929  -4.121  1.00 42.27 ? 143 VAL A N   1 
ATOM   1081 C CA  . VAL A 1 143 ? 14.999  12.551  -5.447  1.00 43.90 ? 143 VAL A CA  1 
ATOM   1082 C C   . VAL A 1 143 ? 15.257  14.048  -5.312  1.00 44.57 ? 143 VAL A C   1 
ATOM   1083 O O   . VAL A 1 143 ? 14.624  14.727  -4.499  1.00 46.11 ? 143 VAL A O   1 
ATOM   1084 C CB  . VAL A 1 143 ? 13.647  12.336  -6.183  1.00 44.86 ? 143 VAL A CB  1 
ATOM   1085 C CG1 . VAL A 1 143 ? 13.143  13.648  -6.782  1.00 45.44 ? 143 VAL A CG1 1 
ATOM   1086 C CG2 . VAL A 1 143 ? 13.824  11.316  -7.290  1.00 45.50 ? 143 VAL A CG2 1 
HETATM 1087 S S   . SO4 B 2 .   ? -6.374  10.506  9.330   1.00 23.80 ? 437 SO4 A S   1 
HETATM 1088 O O1  . SO4 B 2 .   ? -5.418  10.448  10.448  1.00 24.10 ? 437 SO4 A O1  1 
HETATM 1089 O O2  . SO4 B 2 .   ? -7.350  9.406   9.466   1.00 23.93 ? 437 SO4 A O2  1 
HETATM 1090 O O3  . SO4 B 2 .   ? -7.083  11.805  9.350   1.00 24.01 ? 437 SO4 A O3  1 
HETATM 1091 O O4  . SO4 B 2 .   ? -5.651  10.368  8.050   1.00 23.38 ? 437 SO4 A O4  1 
HETATM 1092 S S   . SO4 C 2 .   ? -13.498 -12.290 7.957   1.00 25.40 ? 438 SO4 A S   1 
HETATM 1093 O O1  . SO4 C 2 .   ? -14.157 -11.084 8.488   1.00 28.95 ? 438 SO4 A O1  1 
HETATM 1094 O O2  . SO4 C 2 .   ? -13.234 -12.099 6.520   1.00 28.16 ? 438 SO4 A O2  1 
HETATM 1095 O O3  . SO4 C 2 .   ? -12.228 -12.504 8.677   1.00 26.09 ? 438 SO4 A O3  1 
HETATM 1096 O O4  . SO4 C 2 .   ? -14.386 -13.449 8.151   1.00 29.00 ? 438 SO4 A O4  1 
HETATM 1097 S S   . SO4 D 2 .   ? -1.055  -9.537  12.528  1.00 62.05 ? 439 SO4 A S   1 
HETATM 1098 O O1  . SO4 D 2 .   ? -1.045  -9.995  13.930  1.00 62.18 ? 439 SO4 A O1  1 
HETATM 1099 O O2  . SO4 D 2 .   ? -0.089  -10.330 11.744  1.00 62.08 ? 439 SO4 A O2  1 
HETATM 1100 O O3  . SO4 D 2 .   ? -2.407  -9.715  11.964  1.00 62.14 ? 439 SO4 A O3  1 
HETATM 1101 O O4  . SO4 D 2 .   ? -0.682  -8.112  12.477  1.00 61.92 ? 439 SO4 A O4  1 
HETATM 1102 S S   . SO4 E 2 .   ? -11.342 -15.309 1.476   1.00 41.49 ? 440 SO4 A S   1 
HETATM 1103 O O1  . SO4 E 2 .   ? -11.887 -14.031 1.978   1.00 43.81 ? 440 SO4 A O1  1 
HETATM 1104 O O2  . SO4 E 2 .   ? -10.004 -15.062 0.898   1.00 43.37 ? 440 SO4 A O2  1 
HETATM 1105 O O3  . SO4 E 2 .   ? -11.236 -16.255 2.598   1.00 42.20 ? 440 SO4 A O3  1 
HETATM 1106 O O4  . SO4 E 2 .   ? -12.241 -15.846 0.436   1.00 43.17 ? 440 SO4 A O4  1 
HETATM 1107 O O   . HOH F 3 .   ? 9.043   -1.521  -0.826  1.00 17.03 ? 400 HOH A O   1 
HETATM 1108 O O   . HOH F 3 .   ? -9.275  -2.585  10.048  1.00 11.43 ? 401 HOH A O   1 
HETATM 1109 O O   . HOH F 3 .   ? -2.412  11.651  7.994   1.00 25.35 ? 402 HOH A O   1 
HETATM 1110 O O   . HOH F 3 .   ? -15.567 -7.964  2.950   1.00 35.61 ? 403 HOH A O   1 
HETATM 1111 O O   . HOH F 3 .   ? 20.813  -2.202  0.872   1.00 52.09 ? 404 HOH A O   1 
HETATM 1112 O O   . HOH F 3 .   ? -4.332  -5.695  2.480   1.00 15.76 ? 405 HOH A O   1 
HETATM 1113 O O   . HOH F 3 .   ? -5.044  5.513   -16.187 1.00 35.80 ? 406 HOH A O   1 
HETATM 1114 O O   . HOH F 3 .   ? 8.621   -14.061 -4.943  1.00 44.18 ? 407 HOH A O   1 
HETATM 1115 O O   . HOH F 3 .   ? 6.758   -2.827  -9.827  1.00 18.73 ? 408 HOH A O   1 
HETATM 1116 O O   . HOH F 3 .   ? 0.375   -12.766 10.489  1.00 22.37 ? 409 HOH A O   1 
HETATM 1117 O O   . HOH F 3 .   ? -5.901  -10.050 -2.931  1.00 20.33 ? 410 HOH A O   1 
HETATM 1118 O O   . HOH F 3 .   ? 3.013   -4.025  7.249   1.00 17.33 ? 411 HOH A O   1 
HETATM 1119 O O   . HOH F 3 .   ? -0.221  2.219   -14.058 1.00 23.61 ? 412 HOH A O   1 
HETATM 1120 O O   . HOH F 3 .   ? -8.935  0.012   -10.460 1.00 25.70 ? 413 HOH A O   1 
HETATM 1121 O O   . HOH F 3 .   ? -23.435 1.894   7.494   1.00 63.94 ? 414 HOH A O   1 
HETATM 1122 O O   . HOH F 3 .   ? -17.810 -2.571  0.214   1.00 34.67 ? 415 HOH A O   1 
HETATM 1123 O O   . HOH F 3 .   ? 12.707  9.486   -3.341  1.00 24.28 ? 416 HOH A O   1 
HETATM 1124 O O   . HOH F 3 .   ? -8.457  -1.112  12.239  1.00 19.50 ? 417 HOH A O   1 
HETATM 1125 O O   . HOH F 3 .   ? -1.616  -0.003  5.871   1.00 14.76 ? 418 HOH A O   1 
HETATM 1126 O O   . HOH F 3 .   ? -2.627  3.123   -6.237  1.00 14.13 ? 419 HOH A O   1 
HETATM 1127 O O   . HOH F 3 .   ? 2.979   -2.035  16.712  1.00 24.68 ? 420 HOH A O   1 
HETATM 1128 O O   . HOH F 3 .   ? 1.247   12.668  0.651   1.00 51.43 ? 421 HOH A O   1 
HETATM 1129 O O   . HOH F 3 .   ? 7.851   13.044  -6.425  1.00 43.44 ? 422 HOH A O   1 
HETATM 1130 O O   . HOH F 3 .   ? 3.057   -4.726  -16.188 1.00 28.92 ? 423 HOH A O   1 
HETATM 1131 O O   . HOH F 3 .   ? -6.557  -12.537 4.445   1.00 12.95 ? 424 HOH A O   1 
HETATM 1132 O O   . HOH F 3 .   ? -10.480 0.899   -2.467  1.00 12.80 ? 425 HOH A O   1 
HETATM 1133 O O   . HOH F 3 .   ? -9.735  3.581   -2.552  1.00 22.86 ? 426 HOH A O   1 
HETATM 1134 O O   . HOH F 3 .   ? -11.300 2.144   4.571   1.00 14.39 ? 427 HOH A O   1 
HETATM 1135 O O   . HOH F 3 .   ? -6.301  -8.785  -0.377  1.00 17.90 ? 428 HOH A O   1 
HETATM 1136 O O   . HOH F 3 .   ? -4.525  -7.520  11.242  1.00 20.69 ? 429 HOH A O   1 
HETATM 1137 O O   . HOH F 3 .   ? -5.212  5.348   6.618   1.00 18.57 ? 430 HOH A O   1 
HETATM 1138 O O   . HOH F 3 .   ? 9.167   -1.386  -8.884  1.00 17.82 ? 431 HOH A O   1 
HETATM 1139 O O   . HOH F 3 .   ? 14.627  2.744   0.365   1.00 29.80 ? 432 HOH A O   1 
HETATM 1140 O O   . HOH F 3 .   ? -4.248  -13.749 3.137   1.00 19.16 ? 433 HOH A O   1 
HETATM 1141 O O   . HOH F 3 .   ? 0.835   -11.819 -1.382  1.00 18.22 ? 434 HOH A O   1 
HETATM 1142 O O   . HOH F 3 .   ? -9.738  5.834   4.832   1.00 26.42 ? 435 HOH A O   1 
# 
loop_
_pdbx_poly_seq_scheme.asym_id 
_pdbx_poly_seq_scheme.entity_id 
_pdbx_poly_seq_scheme.seq_id 
_pdbx_poly_seq_scheme.mon_id 
_pdbx_poly_seq_scheme.ndb_seq_num 
_pdbx_poly_seq_scheme.pdb_seq_num 
_pdbx_poly_seq_scheme.auth_seq_num 
_pdbx_poly_seq_scheme.pdb_mon_id 
_pdbx_poly_seq_scheme.auth_mon_id 
_pdbx_poly_seq_scheme.pdb_strand_id 
_pdbx_poly_seq_scheme.pdb_ins_code 
_pdbx_poly_seq_scheme.hetero 
A 1 1   MET 1   1   ?   ?   ?   A . n 
A 1 2   GLU 2   2   ?   ?   ?   A . n 
A 1 3   SER 3   3   ?   ?   ?   A . n 
A 1 4   LYS 4   4   ?   ?   ?   A . n 
A 1 5   GLU 5   5   ?   ?   ?   A . n 
A 1 6   PRO 6   6   6   PRO PRO A . n 
A 1 7   GLN 7   7   7   GLN GLN A . n 
A 1 8   LEU 8   8   8   LEU LEU A . n 
A 1 9   LYS 9   9   9   LYS LYS A . n 
A 1 10  GLY 10  10  10  GLY GLY A . n 
A 1 11  ILE 11  11  11  ILE ILE A . n 
A 1 12  VAL 12  12  12  VAL VAL A . n 
A 1 13  THR 13  13  13  THR THR A . n 
A 1 14  ARG 14  14  14  ARG ARG A . n 
A 1 15  LEU 15  15  15  LEU LEU A . n 
A 1 16  PHE 16  16  16  PHE PHE A . n 
A 1 17  SER 17  17  17  SER SER A . n 
A 1 18  GLN 18  18  18  GLN GLN A . n 
A 1 19  GLN 19  19  19  GLN GLN A . n 
A 1 20  GLY 20  20  20  GLY GLY A . n 
A 1 21  TYR 21  21  21  TYR TYR A . n 
A 1 22  PHE 22  22  22  PHE PHE A . n 
A 1 23  LEU 23  23  23  LEU LEU A . n 
A 1 24  GLN 24  24  24  GLN GLN A . n 
A 1 25  MET 25  25  25  MET MET A . n 
A 1 26  HIS 26  26  26  HIS HIS A . n 
A 1 27  PRO 27  27  27  PRO PRO A . n 
A 1 28  ASP 28  28  28  ASP ASP A . n 
A 1 29  GLY 29  29  29  GLY GLY A . n 
A 1 30  THR 30  30  30  THR THR A . n 
A 1 31  ILE 31  31  31  ILE ILE A . n 
A 1 32  ASP 32  32  32  ASP ASP A . n 
A 1 33  GLY 33  33  33  GLY GLY A . n 
A 1 34  THR 34  34  34  THR THR A . n 
A 1 35  LYS 35  35  35  LYS LYS A . n 
A 1 36  ASP 36  36  36  ASP ASP A . n 
A 1 37  GLU 37  37  37  GLU GLU A . n 
A 1 38  ASN 38  38  38  ASN ASN A . n 
A 1 39  SER 39  39  39  SER SER A . n 
A 1 40  ASP 40  40  40  ASP ASP A . n 
A 1 41  TYR 41  41  41  TYR TYR A . n 
A 1 42  THR 42  42  42  THR THR A . n 
A 1 43  LEU 43  43  43  LEU LEU A . n 
A 1 44  PHE 44  44  44  PHE PHE A . n 
A 1 45  ASN 45  45  45  ASN ASN A . n 
A 1 46  LEU 46  46  46  LEU LEU A . n 
A 1 47  ILE 47  47  47  ILE ILE A . n 
A 1 48  PRO 48  48  48  PRO PRO A . n 
A 1 49  VAL 49  49  49  VAL VAL A . n 
A 1 50  GLY 50  50  50  GLY GLY A . n 
A 1 51  LEU 51  51  51  LEU LEU A . n 
A 1 52  ARG 52  52  52  ARG ARG A . n 
A 1 53  VAL 53  53  53  VAL VAL A . n 
A 1 54  VAL 54  54  54  VAL VAL A . n 
A 1 55  ALA 55  55  55  ALA ALA A . n 
A 1 56  ILE 56  56  56  ILE ILE A . n 
A 1 57  GLN 57  57  57  GLN GLN A . n 
A 1 58  GLY 58  58  58  GLY GLY A . n 
A 1 59  VAL 59  59  59  VAL VAL A . n 
A 1 60  LYS 60  60  60  LYS LYS A . n 
A 1 61  ALA 61  61  61  ALA ALA A . n 
A 1 62  SER 62  62  62  SER SER A . n 
A 1 63  LEU 63  63  63  LEU LEU A . n 
A 1 64  TYR 64  64  64  TYR TYR A . n 
A 1 65  VAL 65  65  65  VAL VAL A . n 
A 1 66  ALA 66  66  66  ALA ALA A . n 
A 1 67  MET 67  67  67  MET MET A . n 
A 1 68  ASN 68  68  68  ASN ASN A . n 
A 1 69  GLY 69  69  69  GLY GLY A . n 
A 1 70  GLU 70  70  70  GLU GLU A . n 
A 1 71  GLY 71  71  71  GLY GLY A . n 
A 1 72  TYR 72  72  72  TYR TYR A . n 
A 1 73  LEU 73  73  73  LEU LEU A . n 
A 1 74  TYR 74  74  74  TYR TYR A . n 
A 1 75  SER 75  75  75  SER SER A . n 
A 1 76  SER 76  76  76  SER SER A . n 
A 1 77  ASP 77  77  77  ASP ASP A . n 
A 1 78  VAL 78  78  78  VAL VAL A . n 
A 1 79  PHE 79  79  79  PHE PHE A . n 
A 1 80  THR 80  80  80  THR THR A . n 
A 1 81  PRO 81  81  81  PRO PRO A . n 
A 1 82  GLU 82  82  82  GLU GLU A . n 
A 1 83  CYS 83  83  83  CYS CYS A . n 
A 1 84  LYS 84  84  84  LYS LYS A . n 
A 1 85  PHE 85  85  85  PHE PHE A . n 
A 1 86  LYS 86  86  86  LYS LYS A . n 
A 1 87  GLU 87  87  87  GLU GLU A . n 
A 1 88  SER 88  88  88  SER SER A . n 
A 1 89  VAL 89  89  89  VAL VAL A . n 
A 1 90  PHE 90  90  90  PHE PHE A . n 
A 1 91  GLU 91  91  91  GLU GLU A . n 
A 1 92  ASN 92  92  92  ASN ASN A . n 
A 1 93  TYR 93  93  93  TYR TYR A . n 
A 1 94  TYR 94  94  94  TYR TYR A . n 
A 1 95  VAL 95  95  95  VAL VAL A . n 
A 1 96  ILE 96  96  96  ILE ILE A . n 
A 1 97  TYR 97  97  97  TYR TYR A . n 
A 1 98  SER 98  98  98  SER SER A . n 
A 1 99  SER 99  99  99  SER SER A . n 
A 1 100 THR 100 100 100 THR THR A . n 
A 1 101 LEU 101 101 101 LEU LEU A . n 
A 1 102 TYR 102 102 102 TYR TYR A . n 
A 1 103 ARG 103 103 103 ARG ARG A . n 
A 1 104 GLN 104 104 104 GLN GLN A . n 
A 1 105 GLN 105 105 105 GLN GLN A . n 
A 1 106 GLU 106 106 106 GLU GLU A . n 
A 1 107 SER 107 107 107 SER SER A . n 
A 1 108 GLY 108 108 108 GLY GLY A . n 
A 1 109 ARG 109 109 109 ARG ARG A . n 
A 1 110 ALA 110 110 110 ALA ALA A . n 
A 1 111 TRP 111 111 111 TRP TRP A . n 
A 1 112 PHE 112 112 112 PHE PHE A . n 
A 1 113 LEU 113 113 113 LEU LEU A . n 
A 1 114 GLY 114 114 114 GLY GLY A . n 
A 1 115 LEU 115 115 115 LEU LEU A . n 
A 1 116 ASN 116 116 116 ASN ASN A . n 
A 1 117 LYS 117 117 117 LYS LYS A . n 
A 1 118 GLU 118 118 118 GLU GLU A . n 
A 1 119 GLY 119 119 119 GLY GLY A . n 
A 1 120 GLN 120 120 120 GLN GLN A . n 
A 1 121 ILE 121 121 121 ILE ILE A . n 
A 1 122 MET 122 122 122 MET MET A . n 
A 1 123 LYS 123 123 123 LYS LYS A . n 
A 1 124 GLY 124 124 124 GLY GLY A . n 
A 1 125 ASN 125 125 125 ASN ASN A . n 
A 1 126 ARG 126 126 126 ARG ARG A . n 
A 1 127 VAL 127 127 127 VAL VAL A . n 
A 1 128 LYS 128 128 128 LYS LYS A . n 
A 1 129 LYS 129 129 129 LYS LYS A . n 
A 1 130 THR 130 130 130 THR THR A . n 
A 1 131 LYS 131 131 131 LYS LYS A . n 
A 1 132 PRO 132 132 132 PRO PRO A . n 
A 1 133 SER 133 133 133 SER SER A . n 
A 1 134 SER 134 134 134 SER SER A . n 
A 1 135 HIS 135 135 135 HIS HIS A . n 
A 1 136 PHE 136 136 136 PHE PHE A . n 
A 1 137 VAL 137 137 137 VAL VAL A . n 
A 1 138 PRO 138 138 138 PRO PRO A . n 
A 1 139 LYS 139 139 139 LYS LYS A . n 
A 1 140 PRO 140 140 140 PRO PRO A . n 
A 1 141 ILE 141 141 141 ILE ILE A . n 
A 1 142 GLU 142 142 142 GLU GLU A . n 
A 1 143 VAL 143 143 143 VAL VAL A . n 
A 1 144 ALA 144 144 ?   ?   ?   A . n 
# 
loop_
_pdbx_nonpoly_scheme.asym_id 
_pdbx_nonpoly_scheme.entity_id 
_pdbx_nonpoly_scheme.mon_id 
_pdbx_nonpoly_scheme.ndb_seq_num 
_pdbx_nonpoly_scheme.pdb_seq_num 
_pdbx_nonpoly_scheme.auth_seq_num 
_pdbx_nonpoly_scheme.pdb_mon_id 
_pdbx_nonpoly_scheme.auth_mon_id 
_pdbx_nonpoly_scheme.pdb_strand_id 
_pdbx_nonpoly_scheme.pdb_ins_code 
B 2 SO4 1  437 437 SO4 SO4 A . 
C 2 SO4 1  438 438 SO4 SO4 A . 
D 2 SO4 1  439 439 SO4 SO4 A . 
E 2 SO4 1  440 440 SO4 SO4 A . 
F 3 HOH 1  400 400 HOH HOH A . 
F 3 HOH 2  401 401 HOH HOH A . 
F 3 HOH 3  402 402 HOH HOH A . 
F 3 HOH 4  403 403 HOH HOH A . 
F 3 HOH 5  404 404 HOH HOH A . 
F 3 HOH 6  405 405 HOH HOH A . 
F 3 HOH 7  406 406 HOH HOH A . 
F 3 HOH 8  407 407 HOH HOH A . 
F 3 HOH 9  408 408 HOH HOH A . 
F 3 HOH 10 409 409 HOH HOH A . 
F 3 HOH 11 410 410 HOH HOH A . 
F 3 HOH 12 411 411 HOH HOH A . 
F 3 HOH 13 412 412 HOH HOH A . 
F 3 HOH 14 413 413 HOH HOH A . 
F 3 HOH 15 414 414 HOH HOH A . 
F 3 HOH 16 415 415 HOH HOH A . 
F 3 HOH 17 416 416 HOH HOH A . 
F 3 HOH 18 417 417 HOH HOH A . 
F 3 HOH 19 418 418 HOH HOH A . 
F 3 HOH 20 419 419 HOH HOH A . 
F 3 HOH 21 420 420 HOH HOH A . 
F 3 HOH 22 421 421 HOH HOH A . 
F 3 HOH 23 422 422 HOH HOH A . 
F 3 HOH 24 423 423 HOH HOH A . 
F 3 HOH 25 424 424 HOH HOH A . 
F 3 HOH 26 425 425 HOH HOH A . 
F 3 HOH 27 426 426 HOH HOH A . 
F 3 HOH 28 427 427 HOH HOH A . 
F 3 HOH 29 428 428 HOH HOH A . 
F 3 HOH 30 429 429 HOH HOH A . 
F 3 HOH 31 430 430 HOH HOH A . 
F 3 HOH 32 431 431 HOH HOH A . 
F 3 HOH 33 432 432 HOH HOH A . 
F 3 HOH 34 433 433 HOH HOH A . 
F 3 HOH 35 434 434 HOH HOH A . 
F 3 HOH 36 435 435 HOH HOH A . 
# 
_pdbx_struct_assembly.id                   1 
_pdbx_struct_assembly.details              author_defined_assembly 
_pdbx_struct_assembly.method_details       ? 
_pdbx_struct_assembly.oligomeric_details   monomeric 
_pdbx_struct_assembly.oligomeric_count     1 
# 
_pdbx_struct_assembly_gen.assembly_id       1 
_pdbx_struct_assembly_gen.oper_expression   1 
_pdbx_struct_assembly_gen.asym_id_list      A,B,C,D,E,F 
# 
_pdbx_struct_oper_list.id                   1 
_pdbx_struct_oper_list.type                 'identity operation' 
_pdbx_struct_oper_list.name                 1_555 
_pdbx_struct_oper_list.symmetry_operation   x,y,z 
_pdbx_struct_oper_list.matrix[1][1]         1.0000000000 
_pdbx_struct_oper_list.matrix[1][2]         0.0000000000 
_pdbx_struct_oper_list.matrix[1][3]         0.0000000000 
_pdbx_struct_oper_list.vector[1]            0.0000000000 
_pdbx_struct_oper_list.matrix[2][1]         0.0000000000 
_pdbx_struct_oper_list.matrix[2][2]         1.0000000000 
_pdbx_struct_oper_list.matrix[2][3]         0.0000000000 
_pdbx_struct_oper_list.vector[2]            0.0000000000 
_pdbx_struct_oper_list.matrix[3][1]         0.0000000000 
_pdbx_struct_oper_list.matrix[3][2]         0.0000000000 
_pdbx_struct_oper_list.matrix[3][3]         1.0000000000 
_pdbx_struct_oper_list.vector[3]            0.0000000000 
# 
loop_
_pdbx_audit_revision_history.ordinal 
_pdbx_audit_revision_history.data_content_type 
_pdbx_audit_revision_history.major_revision 
_pdbx_audit_revision_history.minor_revision 
_pdbx_audit_revision_history.revision_date 
1 'Structure model' 1 0 2003-08-05 
2 'Structure model' 1 1 2008-04-29 
3 'Structure model' 1 2 2011-07-13 
4 'Structure model' 1 3 2021-10-27 
5 'Structure model' 1 4 2023-08-16 
# 
_pdbx_audit_revision_details.ordinal             1 
_pdbx_audit_revision_details.revision_ordinal    1 
_pdbx_audit_revision_details.data_content_type   'Structure model' 
_pdbx_audit_revision_details.provider            repository 
_pdbx_audit_revision_details.type                'Initial release' 
_pdbx_audit_revision_details.description         ? 
_pdbx_audit_revision_details.details             ? 
# 
loop_
_pdbx_audit_revision_group.ordinal 
_pdbx_audit_revision_group.revision_ordinal 
_pdbx_audit_revision_group.data_content_type 
_pdbx_audit_revision_group.group 
1 2 'Structure model' 'Version format compliance' 
2 3 'Structure model' 'Version format compliance' 
3 4 'Structure model' 'Database references'       
4 4 'Structure model' 'Derived calculations'      
5 5 'Structure model' 'Data collection'           
6 5 'Structure model' 'Refinement description'    
# 
loop_
_pdbx_audit_revision_category.ordinal 
_pdbx_audit_revision_category.revision_ordinal 
_pdbx_audit_revision_category.data_content_type 
_pdbx_audit_revision_category.category 
1 4 'Structure model' database_2                    
2 4 'Structure model' struct_ref_seq_dif            
3 4 'Structure model' struct_site                   
4 5 'Structure model' chem_comp_atom                
5 5 'Structure model' chem_comp_bond                
6 5 'Structure model' pdbx_initial_refinement_model 
# 
loop_
_pdbx_audit_revision_item.ordinal 
_pdbx_audit_revision_item.revision_ordinal 
_pdbx_audit_revision_item.data_content_type 
_pdbx_audit_revision_item.item 
1 4 'Structure model' '_database_2.pdbx_DOI'                
2 4 'Structure model' '_database_2.pdbx_database_accession' 
3 4 'Structure model' '_struct_ref_seq_dif.details'         
4 4 'Structure model' '_struct_site.pdbx_auth_asym_id'      
5 4 'Structure model' '_struct_site.pdbx_auth_comp_id'      
6 4 'Structure model' '_struct_site.pdbx_auth_seq_id'       
# 
loop_
_software.name 
_software.classification 
_software.version 
_software.citation_id 
_software.pdbx_ordinal 
DENZO     'data reduction' . ? 1 
SCALEPACK 'data scaling'   . ? 2 
AMoRE     phasing          . ? 3 
CNS       refinement       . ? 4 
# 
loop_
_pdbx_validate_torsion.id 
_pdbx_validate_torsion.PDB_model_num 
_pdbx_validate_torsion.auth_comp_id 
_pdbx_validate_torsion.auth_asym_id 
_pdbx_validate_torsion.auth_seq_id 
_pdbx_validate_torsion.PDB_ins_code 
_pdbx_validate_torsion.label_alt_id 
_pdbx_validate_torsion.phi 
_pdbx_validate_torsion.psi 
1 1 LEU A 8   ? ? -28.04  138.22 
2 1 ASN A 92  ? ? 49.82   28.16  
3 1 TYR A 93  ? ? -138.66 -51.26 
4 1 GLU A 106 ? ? 73.60   -50.91 
5 1 GLU A 142 ? ? 90.38   114.99 
# 
loop_
_pdbx_unobs_or_zero_occ_atoms.id 
_pdbx_unobs_or_zero_occ_atoms.PDB_model_num 
_pdbx_unobs_or_zero_occ_atoms.polymer_flag 
_pdbx_unobs_or_zero_occ_atoms.occupancy_flag 
_pdbx_unobs_or_zero_occ_atoms.auth_asym_id 
_pdbx_unobs_or_zero_occ_atoms.auth_comp_id 
_pdbx_unobs_or_zero_occ_atoms.auth_seq_id 
_pdbx_unobs_or_zero_occ_atoms.PDB_ins_code 
_pdbx_unobs_or_zero_occ_atoms.auth_atom_id 
_pdbx_unobs_or_zero_occ_atoms.label_alt_id 
_pdbx_unobs_or_zero_occ_atoms.label_asym_id 
_pdbx_unobs_or_zero_occ_atoms.label_comp_id 
_pdbx_unobs_or_zero_occ_atoms.label_seq_id 
_pdbx_unobs_or_zero_occ_atoms.label_atom_id 
1  1 Y 1 A GLN 7   ? CG  ? A GLN 7   CG  
2  1 Y 1 A GLN 7   ? CD  ? A GLN 7   CD  
3  1 Y 1 A GLN 7   ? OE1 ? A GLN 7   OE1 
4  1 Y 1 A GLN 7   ? NE2 ? A GLN 7   NE2 
5  1 Y 1 A LYS 9   ? CG  ? A LYS 9   CG  
6  1 Y 1 A LYS 9   ? CD  ? A LYS 9   CD  
7  1 Y 1 A LYS 9   ? CE  ? A LYS 9   CE  
8  1 Y 1 A LYS 9   ? NZ  ? A LYS 9   NZ  
9  1 Y 1 A GLU 70  ? CG  ? A GLU 70  CG  
10 1 Y 1 A GLU 70  ? CD  ? A GLU 70  CD  
11 1 Y 1 A GLU 70  ? OE1 ? A GLU 70  OE1 
12 1 Y 1 A GLU 70  ? OE2 ? A GLU 70  OE2 
13 1 Y 1 A GLU 118 ? CG  ? A GLU 118 CG  
14 1 Y 1 A GLU 118 ? CD  ? A GLU 118 CD  
15 1 Y 1 A GLU 118 ? OE1 ? A GLU 118 OE1 
16 1 Y 1 A GLU 118 ? OE2 ? A GLU 118 OE2 
17 1 Y 1 A GLU 142 ? CG  ? A GLU 142 CG  
18 1 Y 1 A GLU 142 ? CD  ? A GLU 142 CD  
19 1 Y 1 A GLU 142 ? OE1 ? A GLU 142 OE1 
20 1 Y 1 A GLU 142 ? OE2 ? A GLU 142 OE2 
# 
loop_
_pdbx_unobs_or_zero_occ_residues.id 
_pdbx_unobs_or_zero_occ_residues.PDB_model_num 
_pdbx_unobs_or_zero_occ_residues.polymer_flag 
_pdbx_unobs_or_zero_occ_residues.occupancy_flag 
_pdbx_unobs_or_zero_occ_residues.auth_asym_id 
_pdbx_unobs_or_zero_occ_residues.auth_comp_id 
_pdbx_unobs_or_zero_occ_residues.auth_seq_id 
_pdbx_unobs_or_zero_occ_residues.PDB_ins_code 
_pdbx_unobs_or_zero_occ_residues.label_asym_id 
_pdbx_unobs_or_zero_occ_residues.label_comp_id 
_pdbx_unobs_or_zero_occ_residues.label_seq_id 
1 1 Y 1 A MET 1   ? A MET 1   
2 1 Y 1 A GLU 2   ? A GLU 2   
3 1 Y 1 A SER 3   ? A SER 3   
4 1 Y 1 A LYS 4   ? A LYS 4   
5 1 Y 1 A GLU 5   ? A GLU 5   
6 1 Y 1 A ALA 144 ? A ALA 144 
# 
loop_
_chem_comp_atom.comp_id 
_chem_comp_atom.atom_id 
_chem_comp_atom.type_symbol 
_chem_comp_atom.pdbx_aromatic_flag 
_chem_comp_atom.pdbx_stereo_config 
_chem_comp_atom.pdbx_ordinal 
ALA N    N N N 1   
ALA CA   C N S 2   
ALA C    C N N 3   
ALA O    O N N 4   
ALA CB   C N N 5   
ALA OXT  O N N 6   
ALA H    H N N 7   
ALA H2   H N N 8   
ALA HA   H N N 9   
ALA HB1  H N N 10  
ALA HB2  H N N 11  
ALA HB3  H N N 12  
ALA HXT  H N N 13  
ARG N    N N N 14  
ARG CA   C N S 15  
ARG C    C N N 16  
ARG O    O N N 17  
ARG CB   C N N 18  
ARG CG   C N N 19  
ARG CD   C N N 20  
ARG NE   N N N 21  
ARG CZ   C N N 22  
ARG NH1  N N N 23  
ARG NH2  N N N 24  
ARG OXT  O N N 25  
ARG H    H N N 26  
ARG H2   H N N 27  
ARG HA   H N N 28  
ARG HB2  H N N 29  
ARG HB3  H N N 30  
ARG HG2  H N N 31  
ARG HG3  H N N 32  
ARG HD2  H N N 33  
ARG HD3  H N N 34  
ARG HE   H N N 35  
ARG HH11 H N N 36  
ARG HH12 H N N 37  
ARG HH21 H N N 38  
ARG HH22 H N N 39  
ARG HXT  H N N 40  
ASN N    N N N 41  
ASN CA   C N S 42  
ASN C    C N N 43  
ASN O    O N N 44  
ASN CB   C N N 45  
ASN CG   C N N 46  
ASN OD1  O N N 47  
ASN ND2  N N N 48  
ASN OXT  O N N 49  
ASN H    H N N 50  
ASN H2   H N N 51  
ASN HA   H N N 52  
ASN HB2  H N N 53  
ASN HB3  H N N 54  
ASN HD21 H N N 55  
ASN HD22 H N N 56  
ASN HXT  H N N 57  
ASP N    N N N 58  
ASP CA   C N S 59  
ASP C    C N N 60  
ASP O    O N N 61  
ASP CB   C N N 62  
ASP CG   C N N 63  
ASP OD1  O N N 64  
ASP OD2  O N N 65  
ASP OXT  O N N 66  
ASP H    H N N 67  
ASP H2   H N N 68  
ASP HA   H N N 69  
ASP HB2  H N N 70  
ASP HB3  H N N 71  
ASP HD2  H N N 72  
ASP HXT  H N N 73  
CYS N    N N N 74  
CYS CA   C N R 75  
CYS C    C N N 76  
CYS O    O N N 77  
CYS CB   C N N 78  
CYS SG   S N N 79  
CYS OXT  O N N 80  
CYS H    H N N 81  
CYS H2   H N N 82  
CYS HA   H N N 83  
CYS HB2  H N N 84  
CYS HB3  H N N 85  
CYS HG   H N N 86  
CYS HXT  H N N 87  
GLN N    N N N 88  
GLN CA   C N S 89  
GLN C    C N N 90  
GLN O    O N N 91  
GLN CB   C N N 92  
GLN CG   C N N 93  
GLN CD   C N N 94  
GLN OE1  O N N 95  
GLN NE2  N N N 96  
GLN OXT  O N N 97  
GLN H    H N N 98  
GLN H2   H N N 99  
GLN HA   H N N 100 
GLN HB2  H N N 101 
GLN HB3  H N N 102 
GLN HG2  H N N 103 
GLN HG3  H N N 104 
GLN HE21 H N N 105 
GLN HE22 H N N 106 
GLN HXT  H N N 107 
GLU N    N N N 108 
GLU CA   C N S 109 
GLU C    C N N 110 
GLU O    O N N 111 
GLU CB   C N N 112 
GLU CG   C N N 113 
GLU CD   C N N 114 
GLU OE1  O N N 115 
GLU OE2  O N N 116 
GLU OXT  O N N 117 
GLU H    H N N 118 
GLU H2   H N N 119 
GLU HA   H N N 120 
GLU HB2  H N N 121 
GLU HB3  H N N 122 
GLU HG2  H N N 123 
GLU HG3  H N N 124 
GLU HE2  H N N 125 
GLU HXT  H N N 126 
GLY N    N N N 127 
GLY CA   C N N 128 
GLY C    C N N 129 
GLY O    O N N 130 
GLY OXT  O N N 131 
GLY H    H N N 132 
GLY H2   H N N 133 
GLY HA2  H N N 134 
GLY HA3  H N N 135 
GLY HXT  H N N 136 
HIS N    N N N 137 
HIS CA   C N S 138 
HIS C    C N N 139 
HIS O    O N N 140 
HIS CB   C N N 141 
HIS CG   C Y N 142 
HIS ND1  N Y N 143 
HIS CD2  C Y N 144 
HIS CE1  C Y N 145 
HIS NE2  N Y N 146 
HIS OXT  O N N 147 
HIS H    H N N 148 
HIS H2   H N N 149 
HIS HA   H N N 150 
HIS HB2  H N N 151 
HIS HB3  H N N 152 
HIS HD1  H N N 153 
HIS HD2  H N N 154 
HIS HE1  H N N 155 
HIS HE2  H N N 156 
HIS HXT  H N N 157 
HOH O    O N N 158 
HOH H1   H N N 159 
HOH H2   H N N 160 
ILE N    N N N 161 
ILE CA   C N S 162 
ILE C    C N N 163 
ILE O    O N N 164 
ILE CB   C N S 165 
ILE CG1  C N N 166 
ILE CG2  C N N 167 
ILE CD1  C N N 168 
ILE OXT  O N N 169 
ILE H    H N N 170 
ILE H2   H N N 171 
ILE HA   H N N 172 
ILE HB   H N N 173 
ILE HG12 H N N 174 
ILE HG13 H N N 175 
ILE HG21 H N N 176 
ILE HG22 H N N 177 
ILE HG23 H N N 178 
ILE HD11 H N N 179 
ILE HD12 H N N 180 
ILE HD13 H N N 181 
ILE HXT  H N N 182 
LEU N    N N N 183 
LEU CA   C N S 184 
LEU C    C N N 185 
LEU O    O N N 186 
LEU CB   C N N 187 
LEU CG   C N N 188 
LEU CD1  C N N 189 
LEU CD2  C N N 190 
LEU OXT  O N N 191 
LEU H    H N N 192 
LEU H2   H N N 193 
LEU HA   H N N 194 
LEU HB2  H N N 195 
LEU HB3  H N N 196 
LEU HG   H N N 197 
LEU HD11 H N N 198 
LEU HD12 H N N 199 
LEU HD13 H N N 200 
LEU HD21 H N N 201 
LEU HD22 H N N 202 
LEU HD23 H N N 203 
LEU HXT  H N N 204 
LYS N    N N N 205 
LYS CA   C N S 206 
LYS C    C N N 207 
LYS O    O N N 208 
LYS CB   C N N 209 
LYS CG   C N N 210 
LYS CD   C N N 211 
LYS CE   C N N 212 
LYS NZ   N N N 213 
LYS OXT  O N N 214 
LYS H    H N N 215 
LYS H2   H N N 216 
LYS HA   H N N 217 
LYS HB2  H N N 218 
LYS HB3  H N N 219 
LYS HG2  H N N 220 
LYS HG3  H N N 221 
LYS HD2  H N N 222 
LYS HD3  H N N 223 
LYS HE2  H N N 224 
LYS HE3  H N N 225 
LYS HZ1  H N N 226 
LYS HZ2  H N N 227 
LYS HZ3  H N N 228 
LYS HXT  H N N 229 
MET N    N N N 230 
MET CA   C N S 231 
MET C    C N N 232 
MET O    O N N 233 
MET CB   C N N 234 
MET CG   C N N 235 
MET SD   S N N 236 
MET CE   C N N 237 
MET OXT  O N N 238 
MET H    H N N 239 
MET H2   H N N 240 
MET HA   H N N 241 
MET HB2  H N N 242 
MET HB3  H N N 243 
MET HG2  H N N 244 
MET HG3  H N N 245 
MET HE1  H N N 246 
MET HE2  H N N 247 
MET HE3  H N N 248 
MET HXT  H N N 249 
PHE N    N N N 250 
PHE CA   C N S 251 
PHE C    C N N 252 
PHE O    O N N 253 
PHE CB   C N N 254 
PHE CG   C Y N 255 
PHE CD1  C Y N 256 
PHE CD2  C Y N 257 
PHE CE1  C Y N 258 
PHE CE2  C Y N 259 
PHE CZ   C Y N 260 
PHE OXT  O N N 261 
PHE H    H N N 262 
PHE H2   H N N 263 
PHE HA   H N N 264 
PHE HB2  H N N 265 
PHE HB3  H N N 266 
PHE HD1  H N N 267 
PHE HD2  H N N 268 
PHE HE1  H N N 269 
PHE HE2  H N N 270 
PHE HZ   H N N 271 
PHE HXT  H N N 272 
PRO N    N N N 273 
PRO CA   C N S 274 
PRO C    C N N 275 
PRO O    O N N 276 
PRO CB   C N N 277 
PRO CG   C N N 278 
PRO CD   C N N 279 
PRO OXT  O N N 280 
PRO H    H N N 281 
PRO HA   H N N 282 
PRO HB2  H N N 283 
PRO HB3  H N N 284 
PRO HG2  H N N 285 
PRO HG3  H N N 286 
PRO HD2  H N N 287 
PRO HD3  H N N 288 
PRO HXT  H N N 289 
SER N    N N N 290 
SER CA   C N S 291 
SER C    C N N 292 
SER O    O N N 293 
SER CB   C N N 294 
SER OG   O N N 295 
SER OXT  O N N 296 
SER H    H N N 297 
SER H2   H N N 298 
SER HA   H N N 299 
SER HB2  H N N 300 
SER HB3  H N N 301 
SER HG   H N N 302 
SER HXT  H N N 303 
SO4 S    S N N 304 
SO4 O1   O N N 305 
SO4 O2   O N N 306 
SO4 O3   O N N 307 
SO4 O4   O N N 308 
THR N    N N N 309 
THR CA   C N S 310 
THR C    C N N 311 
THR O    O N N 312 
THR CB   C N R 313 
THR OG1  O N N 314 
THR CG2  C N N 315 
THR OXT  O N N 316 
THR H    H N N 317 
THR H2   H N N 318 
THR HA   H N N 319 
THR HB   H N N 320 
THR HG1  H N N 321 
THR HG21 H N N 322 
THR HG22 H N N 323 
THR HG23 H N N 324 
THR HXT  H N N 325 
TRP N    N N N 326 
TRP CA   C N S 327 
TRP C    C N N 328 
TRP O    O N N 329 
TRP CB   C N N 330 
TRP CG   C Y N 331 
TRP CD1  C Y N 332 
TRP CD2  C Y N 333 
TRP NE1  N Y N 334 
TRP CE2  C Y N 335 
TRP CE3  C Y N 336 
TRP CZ2  C Y N 337 
TRP CZ3  C Y N 338 
TRP CH2  C Y N 339 
TRP OXT  O N N 340 
TRP H    H N N 341 
TRP H2   H N N 342 
TRP HA   H N N 343 
TRP HB2  H N N 344 
TRP HB3  H N N 345 
TRP HD1  H N N 346 
TRP HE1  H N N 347 
TRP HE3  H N N 348 
TRP HZ2  H N N 349 
TRP HZ3  H N N 350 
TRP HH2  H N N 351 
TRP HXT  H N N 352 
TYR N    N N N 353 
TYR CA   C N S 354 
TYR C    C N N 355 
TYR O    O N N 356 
TYR CB   C N N 357 
TYR CG   C Y N 358 
TYR CD1  C Y N 359 
TYR CD2  C Y N 360 
TYR CE1  C Y N 361 
TYR CE2  C Y N 362 
TYR CZ   C Y N 363 
TYR OH   O N N 364 
TYR OXT  O N N 365 
TYR H    H N N 366 
TYR H2   H N N 367 
TYR HA   H N N 368 
TYR HB2  H N N 369 
TYR HB3  H N N 370 
TYR HD1  H N N 371 
TYR HD2  H N N 372 
TYR HE1  H N N 373 
TYR HE2  H N N 374 
TYR HH   H N N 375 
TYR HXT  H N N 376 
VAL N    N N N 377 
VAL CA   C N S 378 
VAL C    C N N 379 
VAL O    O N N 380 
VAL CB   C N N 381 
VAL CG1  C N N 382 
VAL CG2  C N N 383 
VAL OXT  O N N 384 
VAL H    H N N 385 
VAL H2   H N N 386 
VAL HA   H N N 387 
VAL HB   H N N 388 
VAL HG11 H N N 389 
VAL HG12 H N N 390 
VAL HG13 H N N 391 
VAL HG21 H N N 392 
VAL HG22 H N N 393 
VAL HG23 H N N 394 
VAL HXT  H N N 395 
# 
loop_
_chem_comp_bond.comp_id 
_chem_comp_bond.atom_id_1 
_chem_comp_bond.atom_id_2 
_chem_comp_bond.value_order 
_chem_comp_bond.pdbx_aromatic_flag 
_chem_comp_bond.pdbx_stereo_config 
_chem_comp_bond.pdbx_ordinal 
ALA N   CA   sing N N 1   
ALA N   H    sing N N 2   
ALA N   H2   sing N N 3   
ALA CA  C    sing N N 4   
ALA CA  CB   sing N N 5   
ALA CA  HA   sing N N 6   
ALA C   O    doub N N 7   
ALA C   OXT  sing N N 8   
ALA CB  HB1  sing N N 9   
ALA CB  HB2  sing N N 10  
ALA CB  HB3  sing N N 11  
ALA OXT HXT  sing N N 12  
ARG N   CA   sing N N 13  
ARG N   H    sing N N 14  
ARG N   H2   sing N N 15  
ARG CA  C    sing N N 16  
ARG CA  CB   sing N N 17  
ARG CA  HA   sing N N 18  
ARG C   O    doub N N 19  
ARG C   OXT  sing N N 20  
ARG CB  CG   sing N N 21  
ARG CB  HB2  sing N N 22  
ARG CB  HB3  sing N N 23  
ARG CG  CD   sing N N 24  
ARG CG  HG2  sing N N 25  
ARG CG  HG3  sing N N 26  
ARG CD  NE   sing N N 27  
ARG CD  HD2  sing N N 28  
ARG CD  HD3  sing N N 29  
ARG NE  CZ   sing N N 30  
ARG NE  HE   sing N N 31  
ARG CZ  NH1  sing N N 32  
ARG CZ  NH2  doub N N 33  
ARG NH1 HH11 sing N N 34  
ARG NH1 HH12 sing N N 35  
ARG NH2 HH21 sing N N 36  
ARG NH2 HH22 sing N N 37  
ARG OXT HXT  sing N N 38  
ASN N   CA   sing N N 39  
ASN N   H    sing N N 40  
ASN N   H2   sing N N 41  
ASN CA  C    sing N N 42  
ASN CA  CB   sing N N 43  
ASN CA  HA   sing N N 44  
ASN C   O    doub N N 45  
ASN C   OXT  sing N N 46  
ASN CB  CG   sing N N 47  
ASN CB  HB2  sing N N 48  
ASN CB  HB3  sing N N 49  
ASN CG  OD1  doub N N 50  
ASN CG  ND2  sing N N 51  
ASN ND2 HD21 sing N N 52  
ASN ND2 HD22 sing N N 53  
ASN OXT HXT  sing N N 54  
ASP N   CA   sing N N 55  
ASP N   H    sing N N 56  
ASP N   H2   sing N N 57  
ASP CA  C    sing N N 58  
ASP CA  CB   sing N N 59  
ASP CA  HA   sing N N 60  
ASP C   O    doub N N 61  
ASP C   OXT  sing N N 62  
ASP CB  CG   sing N N 63  
ASP CB  HB2  sing N N 64  
ASP CB  HB3  sing N N 65  
ASP CG  OD1  doub N N 66  
ASP CG  OD2  sing N N 67  
ASP OD2 HD2  sing N N 68  
ASP OXT HXT  sing N N 69  
CYS N   CA   sing N N 70  
CYS N   H    sing N N 71  
CYS N   H2   sing N N 72  
CYS CA  C    sing N N 73  
CYS CA  CB   sing N N 74  
CYS CA  HA   sing N N 75  
CYS C   O    doub N N 76  
CYS C   OXT  sing N N 77  
CYS CB  SG   sing N N 78  
CYS CB  HB2  sing N N 79  
CYS CB  HB3  sing N N 80  
CYS SG  HG   sing N N 81  
CYS OXT HXT  sing N N 82  
GLN N   CA   sing N N 83  
GLN N   H    sing N N 84  
GLN N   H2   sing N N 85  
GLN CA  C    sing N N 86  
GLN CA  CB   sing N N 87  
GLN CA  HA   sing N N 88  
GLN C   O    doub N N 89  
GLN C   OXT  sing N N 90  
GLN CB  CG   sing N N 91  
GLN CB  HB2  sing N N 92  
GLN CB  HB3  sing N N 93  
GLN CG  CD   sing N N 94  
GLN CG  HG2  sing N N 95  
GLN CG  HG3  sing N N 96  
GLN CD  OE1  doub N N 97  
GLN CD  NE2  sing N N 98  
GLN NE2 HE21 sing N N 99  
GLN NE2 HE22 sing N N 100 
GLN OXT HXT  sing N N 101 
GLU N   CA   sing N N 102 
GLU N   H    sing N N 103 
GLU N   H2   sing N N 104 
GLU CA  C    sing N N 105 
GLU CA  CB   sing N N 106 
GLU CA  HA   sing N N 107 
GLU C   O    doub N N 108 
GLU C   OXT  sing N N 109 
GLU CB  CG   sing N N 110 
GLU CB  HB2  sing N N 111 
GLU CB  HB3  sing N N 112 
GLU CG  CD   sing N N 113 
GLU CG  HG2  sing N N 114 
GLU CG  HG3  sing N N 115 
GLU CD  OE1  doub N N 116 
GLU CD  OE2  sing N N 117 
GLU OE2 HE2  sing N N 118 
GLU OXT HXT  sing N N 119 
GLY N   CA   sing N N 120 
GLY N   H    sing N N 121 
GLY N   H2   sing N N 122 
GLY CA  C    sing N N 123 
GLY CA  HA2  sing N N 124 
GLY CA  HA3  sing N N 125 
GLY C   O    doub N N 126 
GLY C   OXT  sing N N 127 
GLY OXT HXT  sing N N 128 
HIS N   CA   sing N N 129 
HIS N   H    sing N N 130 
HIS N   H2   sing N N 131 
HIS CA  C    sing N N 132 
HIS CA  CB   sing N N 133 
HIS CA  HA   sing N N 134 
HIS C   O    doub N N 135 
HIS C   OXT  sing N N 136 
HIS CB  CG   sing N N 137 
HIS CB  HB2  sing N N 138 
HIS CB  HB3  sing N N 139 
HIS CG  ND1  sing Y N 140 
HIS CG  CD2  doub Y N 141 
HIS ND1 CE1  doub Y N 142 
HIS ND1 HD1  sing N N 143 
HIS CD2 NE2  sing Y N 144 
HIS CD2 HD2  sing N N 145 
HIS CE1 NE2  sing Y N 146 
HIS CE1 HE1  sing N N 147 
HIS NE2 HE2  sing N N 148 
HIS OXT HXT  sing N N 149 
HOH O   H1   sing N N 150 
HOH O   H2   sing N N 151 
ILE N   CA   sing N N 152 
ILE N   H    sing N N 153 
ILE N   H2   sing N N 154 
ILE CA  C    sing N N 155 
ILE CA  CB   sing N N 156 
ILE CA  HA   sing N N 157 
ILE C   O    doub N N 158 
ILE C   OXT  sing N N 159 
ILE CB  CG1  sing N N 160 
ILE CB  CG2  sing N N 161 
ILE CB  HB   sing N N 162 
ILE CG1 CD1  sing N N 163 
ILE CG1 HG12 sing N N 164 
ILE CG1 HG13 sing N N 165 
ILE CG2 HG21 sing N N 166 
ILE CG2 HG22 sing N N 167 
ILE CG2 HG23 sing N N 168 
ILE CD1 HD11 sing N N 169 
ILE CD1 HD12 sing N N 170 
ILE CD1 HD13 sing N N 171 
ILE OXT HXT  sing N N 172 
LEU N   CA   sing N N 173 
LEU N   H    sing N N 174 
LEU N   H2   sing N N 175 
LEU CA  C    sing N N 176 
LEU CA  CB   sing N N 177 
LEU CA  HA   sing N N 178 
LEU C   O    doub N N 179 
LEU C   OXT  sing N N 180 
LEU CB  CG   sing N N 181 
LEU CB  HB2  sing N N 182 
LEU CB  HB3  sing N N 183 
LEU CG  CD1  sing N N 184 
LEU CG  CD2  sing N N 185 
LEU CG  HG   sing N N 186 
LEU CD1 HD11 sing N N 187 
LEU CD1 HD12 sing N N 188 
LEU CD1 HD13 sing N N 189 
LEU CD2 HD21 sing N N 190 
LEU CD2 HD22 sing N N 191 
LEU CD2 HD23 sing N N 192 
LEU OXT HXT  sing N N 193 
LYS N   CA   sing N N 194 
LYS N   H    sing N N 195 
LYS N   H2   sing N N 196 
LYS CA  C    sing N N 197 
LYS CA  CB   sing N N 198 
LYS CA  HA   sing N N 199 
LYS C   O    doub N N 200 
LYS C   OXT  sing N N 201 
LYS CB  CG   sing N N 202 
LYS CB  HB2  sing N N 203 
LYS CB  HB3  sing N N 204 
LYS CG  CD   sing N N 205 
LYS CG  HG2  sing N N 206 
LYS CG  HG3  sing N N 207 
LYS CD  CE   sing N N 208 
LYS CD  HD2  sing N N 209 
LYS CD  HD3  sing N N 210 
LYS CE  NZ   sing N N 211 
LYS CE  HE2  sing N N 212 
LYS CE  HE3  sing N N 213 
LYS NZ  HZ1  sing N N 214 
LYS NZ  HZ2  sing N N 215 
LYS NZ  HZ3  sing N N 216 
LYS OXT HXT  sing N N 217 
MET N   CA   sing N N 218 
MET N   H    sing N N 219 
MET N   H2   sing N N 220 
MET CA  C    sing N N 221 
MET CA  CB   sing N N 222 
MET CA  HA   sing N N 223 
MET C   O    doub N N 224 
MET C   OXT  sing N N 225 
MET CB  CG   sing N N 226 
MET CB  HB2  sing N N 227 
MET CB  HB3  sing N N 228 
MET CG  SD   sing N N 229 
MET CG  HG2  sing N N 230 
MET CG  HG3  sing N N 231 
MET SD  CE   sing N N 232 
MET CE  HE1  sing N N 233 
MET CE  HE2  sing N N 234 
MET CE  HE3  sing N N 235 
MET OXT HXT  sing N N 236 
PHE N   CA   sing N N 237 
PHE N   H    sing N N 238 
PHE N   H2   sing N N 239 
PHE CA  C    sing N N 240 
PHE CA  CB   sing N N 241 
PHE CA  HA   sing N N 242 
PHE C   O    doub N N 243 
PHE C   OXT  sing N N 244 
PHE CB  CG   sing N N 245 
PHE CB  HB2  sing N N 246 
PHE CB  HB3  sing N N 247 
PHE CG  CD1  doub Y N 248 
PHE CG  CD2  sing Y N 249 
PHE CD1 CE1  sing Y N 250 
PHE CD1 HD1  sing N N 251 
PHE CD2 CE2  doub Y N 252 
PHE CD2 HD2  sing N N 253 
PHE CE1 CZ   doub Y N 254 
PHE CE1 HE1  sing N N 255 
PHE CE2 CZ   sing Y N 256 
PHE CE2 HE2  sing N N 257 
PHE CZ  HZ   sing N N 258 
PHE OXT HXT  sing N N 259 
PRO N   CA   sing N N 260 
PRO N   CD   sing N N 261 
PRO N   H    sing N N 262 
PRO CA  C    sing N N 263 
PRO CA  CB   sing N N 264 
PRO CA  HA   sing N N 265 
PRO C   O    doub N N 266 
PRO C   OXT  sing N N 267 
PRO CB  CG   sing N N 268 
PRO CB  HB2  sing N N 269 
PRO CB  HB3  sing N N 270 
PRO CG  CD   sing N N 271 
PRO CG  HG2  sing N N 272 
PRO CG  HG3  sing N N 273 
PRO CD  HD2  sing N N 274 
PRO CD  HD3  sing N N 275 
PRO OXT HXT  sing N N 276 
SER N   CA   sing N N 277 
SER N   H    sing N N 278 
SER N   H2   sing N N 279 
SER CA  C    sing N N 280 
SER CA  CB   sing N N 281 
SER CA  HA   sing N N 282 
SER C   O    doub N N 283 
SER C   OXT  sing N N 284 
SER CB  OG   sing N N 285 
SER CB  HB2  sing N N 286 
SER CB  HB3  sing N N 287 
SER OG  HG   sing N N 288 
SER OXT HXT  sing N N 289 
SO4 S   O1   doub N N 290 
SO4 S   O2   doub N N 291 
SO4 S   O3   sing N N 292 
SO4 S   O4   sing N N 293 
THR N   CA   sing N N 294 
THR N   H    sing N N 295 
THR N   H2   sing N N 296 
THR CA  C    sing N N 297 
THR CA  CB   sing N N 298 
THR CA  HA   sing N N 299 
THR C   O    doub N N 300 
THR C   OXT  sing N N 301 
THR CB  OG1  sing N N 302 
THR CB  CG2  sing N N 303 
THR CB  HB   sing N N 304 
THR OG1 HG1  sing N N 305 
THR CG2 HG21 sing N N 306 
THR CG2 HG22 sing N N 307 
THR CG2 HG23 sing N N 308 
THR OXT HXT  sing N N 309 
TRP N   CA   sing N N 310 
TRP N   H    sing N N 311 
TRP N   H2   sing N N 312 
TRP CA  C    sing N N 313 
TRP CA  CB   sing N N 314 
TRP CA  HA   sing N N 315 
TRP C   O    doub N N 316 
TRP C   OXT  sing N N 317 
TRP CB  CG   sing N N 318 
TRP CB  HB2  sing N N 319 
TRP CB  HB3  sing N N 320 
TRP CG  CD1  doub Y N 321 
TRP CG  CD2  sing Y N 322 
TRP CD1 NE1  sing Y N 323 
TRP CD1 HD1  sing N N 324 
TRP CD2 CE2  doub Y N 325 
TRP CD2 CE3  sing Y N 326 
TRP NE1 CE2  sing Y N 327 
TRP NE1 HE1  sing N N 328 
TRP CE2 CZ2  sing Y N 329 
TRP CE3 CZ3  doub Y N 330 
TRP CE3 HE3  sing N N 331 
TRP CZ2 CH2  doub Y N 332 
TRP CZ2 HZ2  sing N N 333 
TRP CZ3 CH2  sing Y N 334 
TRP CZ3 HZ3  sing N N 335 
TRP CH2 HH2  sing N N 336 
TRP OXT HXT  sing N N 337 
TYR N   CA   sing N N 338 
TYR N   H    sing N N 339 
TYR N   H2   sing N N 340 
TYR CA  C    sing N N 341 
TYR CA  CB   sing N N 342 
TYR CA  HA   sing N N 343 
TYR C   O    doub N N 344 
TYR C   OXT  sing N N 345 
TYR CB  CG   sing N N 346 
TYR CB  HB2  sing N N 347 
TYR CB  HB3  sing N N 348 
TYR CG  CD1  doub Y N 349 
TYR CG  CD2  sing Y N 350 
TYR CD1 CE1  sing Y N 351 
TYR CD1 HD1  sing N N 352 
TYR CD2 CE2  doub Y N 353 
TYR CD2 HD2  sing N N 354 
TYR CE1 CZ   doub Y N 355 
TYR CE1 HE1  sing N N 356 
TYR CE2 CZ   sing Y N 357 
TYR CE2 HE2  sing N N 358 
TYR CZ  OH   sing N N 359 
TYR OH  HH   sing N N 360 
TYR OXT HXT  sing N N 361 
VAL N   CA   sing N N 362 
VAL N   H    sing N N 363 
VAL N   H2   sing N N 364 
VAL CA  C    sing N N 365 
VAL CA  CB   sing N N 366 
VAL CA  HA   sing N N 367 
VAL C   O    doub N N 368 
VAL C   OXT  sing N N 369 
VAL CB  CG1  sing N N 370 
VAL CB  CG2  sing N N 371 
VAL CB  HB   sing N N 372 
VAL CG1 HG11 sing N N 373 
VAL CG1 HG12 sing N N 374 
VAL CG1 HG13 sing N N 375 
VAL CG2 HG21 sing N N 376 
VAL CG2 HG22 sing N N 377 
VAL CG2 HG23 sing N N 378 
VAL OXT HXT  sing N N 379 
# 
loop_
_pdbx_entity_nonpoly.entity_id 
_pdbx_entity_nonpoly.name 
_pdbx_entity_nonpoly.comp_id 
2 'SULFATE ION' SO4 
3 water         HOH 
# 
_pdbx_initial_refinement_model.id               1 
_pdbx_initial_refinement_model.entity_id_list   ? 
_pdbx_initial_refinement_model.type             'experimental model' 
_pdbx_initial_refinement_model.source_name      PDB 
_pdbx_initial_refinement_model.accession_code   1IHK 
_pdbx_initial_refinement_model.details          'PDB ID 1IHK' 
# 
